data_1J3D
#
_entry.id   1J3D
#
_entity_poly.entity_id   1
_entity_poly.type   'polypeptide(L)'
_entity_poly.pdbx_seq_one_letter_code
;MKKDPNAPKRPPSAFFLFCSEHRPKIKSEHPGLSIGDTAKKLGEMWSEQSAKDKQPYEQKAAKLKEKYEKDIAAYRAK
;
_entity_poly.pdbx_strand_id   A
#
# COMPACT_ATOMS: atom_id res chain seq x y z
N MET A 1 0.19 -17.09 -0.09
CA MET A 1 0.54 -18.54 -0.14
C MET A 1 0.12 -19.23 1.17
N LYS A 2 0.65 -18.78 2.28
CA LYS A 2 0.29 -19.40 3.59
C LYS A 2 -0.69 -18.51 4.35
N LYS A 3 -1.63 -17.91 3.67
CA LYS A 3 -2.60 -17.02 4.34
C LYS A 3 -4.02 -17.58 4.20
N ASP A 4 -4.89 -17.29 5.14
CA ASP A 4 -6.28 -17.81 5.07
C ASP A 4 -7.27 -16.66 4.90
N PRO A 5 -8.51 -16.98 4.63
CA PRO A 5 -9.54 -15.93 4.44
C PRO A 5 -9.90 -15.28 5.79
N ASN A 6 -9.76 -16.02 6.86
CA ASN A 6 -10.08 -15.46 8.20
C ASN A 6 -8.90 -14.64 8.73
N ALA A 7 -7.71 -14.96 8.31
CA ALA A 7 -6.50 -14.20 8.78
C ALA A 7 -6.64 -12.72 8.45
N PRO A 8 -5.86 -11.90 9.13
CA PRO A 8 -5.91 -10.44 8.89
C PRO A 8 -5.12 -10.06 7.63
N LYS A 9 -5.51 -8.99 6.98
CA LYS A 9 -4.82 -8.55 5.73
C LYS A 9 -3.35 -8.20 6.01
N ARG A 10 -2.51 -8.34 5.00
CA ARG A 10 -1.07 -8.00 5.17
C ARG A 10 -0.89 -6.54 5.64
N PRO A 11 0.28 -6.23 6.15
CA PRO A 11 0.55 -4.85 6.64
C PRO A 11 0.72 -3.88 5.45
N PRO A 12 -0.22 -2.97 5.28
CA PRO A 12 -0.13 -1.99 4.17
C PRO A 12 0.99 -0.98 4.41
N SER A 13 1.54 -0.45 3.34
CA SER A 13 2.62 0.57 3.47
C SER A 13 2.08 1.92 2.99
N ALA A 14 2.63 3.02 3.45
CA ALA A 14 2.13 4.36 2.99
C ALA A 14 2.20 4.46 1.47
N PHE A 15 3.33 4.14 0.90
CA PHE A 15 3.47 4.20 -0.59
C PHE A 15 2.47 3.23 -1.24
N PHE A 16 2.09 2.19 -0.53
CA PHE A 16 1.12 1.21 -1.10
C PHE A 16 -0.27 1.84 -1.16
N LEU A 17 -0.62 2.65 -0.20
CA LEU A 17 -1.95 3.33 -0.24
C LEU A 17 -1.94 4.26 -1.46
N PHE A 18 -1.24 5.37 -1.37
CA PHE A 18 -1.13 6.35 -2.50
C PHE A 18 -1.12 5.62 -3.87
N CYS A 19 -0.23 4.68 -4.06
CA CYS A 19 -0.19 3.94 -5.36
C CYS A 19 -1.47 3.12 -5.54
N SER A 20 -1.94 2.48 -4.50
CA SER A 20 -3.18 1.65 -4.62
C SER A 20 -4.35 2.49 -5.14
N GLU A 21 -4.38 3.77 -4.84
CA GLU A 21 -5.50 4.62 -5.32
C GLU A 21 -5.17 5.27 -6.66
N HIS A 22 -3.90 5.47 -6.96
CA HIS A 22 -3.54 6.09 -8.28
C HIS A 22 -3.08 5.02 -9.27
N ARG A 23 -3.40 3.77 -9.04
CA ARG A 23 -2.99 2.69 -9.96
C ARG A 23 -3.93 2.57 -11.17
N PRO A 24 -5.24 2.61 -10.94
CA PRO A 24 -6.19 2.50 -12.07
C PRO A 24 -6.24 3.81 -12.88
N LYS A 25 -5.57 4.85 -12.44
CA LYS A 25 -5.60 6.14 -13.18
C LYS A 25 -4.45 6.17 -14.20
N ILE A 26 -3.32 5.63 -13.86
CA ILE A 26 -2.17 5.62 -14.82
C ILE A 26 -2.41 4.60 -15.93
N LYS A 27 -3.27 3.64 -15.71
CA LYS A 27 -3.57 2.63 -16.78
C LYS A 27 -4.55 3.19 -17.82
N SER A 28 -5.25 4.26 -17.48
CA SER A 28 -6.21 4.86 -18.46
C SER A 28 -5.45 5.64 -19.53
N GLU A 29 -4.55 6.49 -19.13
CA GLU A 29 -3.76 7.28 -20.12
C GLU A 29 -2.54 6.49 -20.61
N HIS A 30 -2.42 5.24 -20.23
CA HIS A 30 -1.27 4.40 -20.68
C HIS A 30 -1.70 2.93 -20.70
N PRO A 31 -2.33 2.52 -21.77
CA PRO A 31 -2.79 1.10 -21.90
C PRO A 31 -1.57 0.18 -21.98
N GLY A 32 -1.50 -0.81 -21.13
CA GLY A 32 -0.34 -1.75 -21.15
C GLY A 32 0.70 -1.32 -20.11
N LEU A 33 0.65 -0.08 -19.69
CA LEU A 33 1.65 0.42 -18.67
C LEU A 33 1.73 -0.52 -17.47
N SER A 34 2.77 -1.33 -17.41
CA SER A 34 2.93 -2.28 -16.28
C SER A 34 2.94 -1.53 -14.94
N ILE A 35 3.24 -2.22 -13.86
CA ILE A 35 3.27 -1.55 -12.52
C ILE A 35 4.68 -1.03 -12.20
N GLY A 36 5.52 -0.90 -13.19
CA GLY A 36 6.91 -0.40 -12.93
C GLY A 36 7.00 1.08 -13.32
N ASP A 37 6.61 1.42 -14.52
CA ASP A 37 6.68 2.85 -14.97
C ASP A 37 5.74 3.71 -14.12
N THR A 38 4.53 3.26 -13.88
CA THR A 38 3.59 4.05 -13.06
C THR A 38 4.06 4.08 -11.59
N ALA A 39 4.74 3.04 -11.18
CA ALA A 39 5.27 3.00 -9.79
C ALA A 39 6.45 3.96 -9.65
N LYS A 40 7.13 4.22 -10.74
CA LYS A 40 8.27 5.17 -10.71
C LYS A 40 7.72 6.60 -10.69
N LYS A 41 6.69 6.83 -11.47
CA LYS A 41 6.08 8.19 -11.51
C LYS A 41 5.38 8.48 -10.17
N LEU A 42 4.51 7.58 -9.75
CA LEU A 42 3.78 7.77 -8.46
C LEU A 42 4.76 8.08 -7.31
N GLY A 43 5.81 7.29 -7.19
CA GLY A 43 6.81 7.53 -6.10
C GLY A 43 7.34 8.96 -6.18
N GLU A 44 7.35 9.53 -7.36
CA GLU A 44 7.83 10.93 -7.51
C GLU A 44 6.76 11.87 -6.96
N MET A 45 5.52 11.55 -7.15
CA MET A 45 4.41 12.40 -6.64
C MET A 45 4.19 12.09 -5.16
N TRP A 46 4.32 10.84 -4.77
CA TRP A 46 4.15 10.46 -3.32
C TRP A 46 5.11 11.29 -2.46
N SER A 47 6.38 11.29 -2.82
CA SER A 47 7.38 12.09 -2.04
C SER A 47 7.11 13.59 -2.21
N GLU A 48 6.23 13.96 -3.11
CA GLU A 48 5.91 15.40 -3.31
C GLU A 48 4.54 15.72 -2.71
N GLN A 49 3.78 14.73 -2.33
CA GLN A 49 2.44 15.02 -1.73
C GLN A 49 2.63 15.70 -0.38
N SER A 50 1.73 16.56 -0.03
CA SER A 50 1.81 17.25 1.28
C SER A 50 0.97 16.45 2.29
N ALA A 51 0.34 17.09 3.23
CA ALA A 51 -0.50 16.34 4.20
C ALA A 51 -1.83 15.93 3.56
N LYS A 52 -2.20 16.55 2.46
CA LYS A 52 -3.50 16.18 1.79
C LYS A 52 -3.48 14.70 1.37
N ASP A 53 -2.44 14.26 0.71
CA ASP A 53 -2.36 12.83 0.28
C ASP A 53 -1.05 12.21 0.77
N LYS A 54 -0.91 12.12 2.06
CA LYS A 54 0.32 11.52 2.66
C LYS A 54 0.17 11.38 4.18
N GLN A 55 -0.51 12.29 4.81
CA GLN A 55 -0.69 12.22 6.29
C GLN A 55 -1.67 11.09 6.67
N PRO A 56 -2.85 11.10 6.10
CA PRO A 56 -3.85 10.05 6.42
C PRO A 56 -3.47 8.69 5.79
N TYR A 57 -2.44 8.65 4.97
CA TYR A 57 -2.05 7.35 4.34
C TYR A 57 -0.99 6.64 5.20
N GLU A 58 -0.11 7.38 5.83
CA GLU A 58 0.93 6.74 6.67
C GLU A 58 0.35 6.41 8.06
N GLN A 59 -0.64 7.15 8.49
CA GLN A 59 -1.26 6.87 9.82
C GLN A 59 -2.30 5.73 9.70
N LYS A 60 -2.51 5.23 8.51
CA LYS A 60 -3.48 4.11 8.32
C LYS A 60 -2.72 2.81 8.10
N ALA A 61 -1.51 2.90 7.60
CA ALA A 61 -0.70 1.68 7.37
C ALA A 61 0.31 1.49 8.50
N ALA A 62 0.82 2.58 9.02
CA ALA A 62 1.80 2.48 10.14
C ALA A 62 1.10 1.91 11.38
N LYS A 63 -0.11 2.35 11.65
CA LYS A 63 -0.86 1.83 12.82
C LYS A 63 -1.49 0.46 12.49
N LEU A 64 -1.36 0.01 11.26
CA LEU A 64 -1.94 -1.32 10.88
C LEU A 64 -0.82 -2.36 10.76
N LYS A 65 0.40 -1.91 10.55
CA LYS A 65 1.54 -2.88 10.43
C LYS A 65 1.94 -3.36 11.83
N GLU A 66 2.05 -2.46 12.78
CA GLU A 66 2.44 -2.87 14.16
C GLU A 66 1.35 -3.74 14.78
N LYS A 67 0.11 -3.44 14.49
CA LYS A 67 -1.01 -4.26 15.05
C LYS A 67 -1.05 -5.65 14.40
N TYR A 68 -0.45 -5.80 13.25
CA TYR A 68 -0.43 -7.13 12.56
C TYR A 68 0.52 -8.08 13.28
N GLU A 69 1.55 -7.56 13.88
CA GLU A 69 2.54 -8.41 14.61
C GLU A 69 1.86 -9.13 15.79
N LYS A 70 0.90 -8.50 16.41
CA LYS A 70 0.19 -9.15 17.55
C LYS A 70 -1.03 -9.89 17.01
N ASP A 71 -1.64 -9.33 15.99
CA ASP A 71 -2.83 -9.99 15.37
C ASP A 71 -2.40 -11.35 14.79
N ILE A 72 -1.44 -11.31 13.91
CA ILE A 72 -0.94 -12.58 13.28
C ILE A 72 -0.54 -13.60 14.37
N ALA A 73 0.14 -13.15 15.39
CA ALA A 73 0.55 -14.09 16.49
C ALA A 73 -0.69 -14.69 17.15
N ALA A 74 -1.54 -13.84 17.67
CA ALA A 74 -2.80 -14.33 18.34
C ALA A 74 -3.60 -15.22 17.40
N TYR A 75 -3.58 -14.92 16.13
CA TYR A 75 -4.32 -15.75 15.14
C TYR A 75 -3.47 -16.96 14.73
N ARG A 76 -2.17 -16.89 14.92
CA ARG A 76 -1.29 -18.04 14.56
C ARG A 76 -1.68 -19.28 15.37
N ALA A 77 -1.41 -19.27 16.65
CA ALA A 77 -1.75 -20.44 17.51
C ALA A 77 -1.79 -20.04 18.98
N LYS A 78 -2.63 -19.10 19.33
CA LYS A 78 -2.72 -18.65 20.75
C LYS A 78 -3.20 -19.80 21.65
N MET A 1 3.28 -17.74 0.06
CA MET A 1 2.17 -17.83 1.06
C MET A 1 0.95 -17.06 0.56
N LYS A 2 -0.20 -17.67 0.59
CA LYS A 2 -1.44 -16.97 0.13
C LYS A 2 -2.21 -16.39 1.32
N LYS A 3 -2.79 -15.23 1.16
CA LYS A 3 -3.55 -14.61 2.28
C LYS A 3 -5.03 -15.01 2.19
N ASP A 4 -5.62 -15.42 3.28
CA ASP A 4 -7.06 -15.83 3.28
C ASP A 4 -7.94 -14.67 3.77
N PRO A 5 -9.24 -14.83 3.64
CA PRO A 5 -10.16 -13.76 4.09
C PRO A 5 -10.21 -13.70 5.62
N ASN A 6 -9.97 -14.81 6.27
CA ASN A 6 -10.01 -14.83 7.77
C ASN A 6 -8.75 -14.16 8.33
N ALA A 7 -7.63 -14.32 7.66
CA ALA A 7 -6.36 -13.70 8.14
C ALA A 7 -6.38 -12.18 7.88
N PRO A 8 -5.49 -11.47 8.53
CA PRO A 8 -5.42 -10.01 8.34
C PRO A 8 -4.73 -9.65 7.02
N LYS A 9 -5.20 -8.61 6.37
CA LYS A 9 -4.59 -8.19 5.07
C LYS A 9 -3.10 -7.87 5.23
N ARG A 10 -2.38 -7.84 4.13
CA ARG A 10 -0.92 -7.52 4.19
C ARG A 10 -0.69 -6.14 4.82
N PRO A 11 0.43 -5.98 5.50
CA PRO A 11 0.72 -4.69 6.16
C PRO A 11 1.23 -3.66 5.12
N PRO A 12 0.51 -2.55 4.98
CA PRO A 12 0.93 -1.50 4.01
C PRO A 12 2.17 -0.78 4.54
N SER A 13 2.51 0.35 3.98
CA SER A 13 3.72 1.09 4.45
C SER A 13 3.77 2.51 3.88
N ALA A 14 2.66 3.22 3.89
CA ALA A 14 2.62 4.62 3.32
C ALA A 14 2.72 4.57 1.80
N PHE A 15 3.87 4.25 1.27
CA PHE A 15 4.02 4.19 -0.22
C PHE A 15 3.01 3.20 -0.82
N PHE A 16 2.55 2.25 -0.04
CA PHE A 16 1.57 1.25 -0.57
C PHE A 16 0.18 1.88 -0.67
N LEU A 17 -0.14 2.79 0.23
CA LEU A 17 -1.48 3.46 0.14
C LEU A 17 -1.50 4.25 -1.17
N PHE A 18 -0.82 5.39 -1.20
CA PHE A 18 -0.75 6.25 -2.43
C PHE A 18 -0.74 5.40 -3.73
N CYS A 19 0.19 4.48 -3.85
CA CYS A 19 0.23 3.63 -5.08
C CYS A 19 -1.06 2.81 -5.19
N SER A 20 -1.49 2.20 -4.12
CA SER A 20 -2.73 1.37 -4.16
C SER A 20 -3.93 2.19 -4.65
N GLU A 21 -3.96 3.48 -4.33
CA GLU A 21 -5.11 4.31 -4.76
C GLU A 21 -4.86 4.95 -6.14
N HIS A 22 -3.62 5.15 -6.51
CA HIS A 22 -3.32 5.76 -7.84
C HIS A 22 -2.90 4.70 -8.86
N ARG A 23 -3.21 3.45 -8.61
CA ARG A 23 -2.83 2.37 -9.56
C ARG A 23 -3.86 2.24 -10.70
N PRO A 24 -5.14 2.26 -10.39
CA PRO A 24 -6.16 2.14 -11.47
C PRO A 24 -6.31 3.47 -12.23
N LYS A 25 -5.67 4.52 -11.77
CA LYS A 25 -5.77 5.83 -12.47
C LYS A 25 -4.74 5.90 -13.60
N ILE A 26 -3.57 5.34 -13.37
CA ILE A 26 -2.50 5.36 -14.42
C ILE A 26 -2.85 4.37 -15.54
N LYS A 27 -3.75 3.45 -15.28
CA LYS A 27 -4.13 2.45 -16.33
C LYS A 27 -5.12 3.06 -17.35
N SER A 28 -5.75 4.16 -16.99
CA SER A 28 -6.73 4.79 -17.94
C SER A 28 -5.99 5.54 -19.05
N GLU A 29 -5.01 6.34 -18.69
CA GLU A 29 -4.24 7.10 -19.72
C GLU A 29 -3.04 6.30 -20.24
N HIS A 30 -2.90 5.06 -19.82
CA HIS A 30 -1.76 4.21 -20.30
C HIS A 30 -2.18 2.73 -20.32
N PRO A 31 -2.85 2.34 -21.38
CA PRO A 31 -3.29 0.94 -21.50
C PRO A 31 -2.09 0.00 -21.65
N GLY A 32 -1.83 -0.81 -20.65
CA GLY A 32 -0.67 -1.74 -20.72
C GLY A 32 0.41 -1.30 -19.72
N LEU A 33 0.35 -0.07 -19.27
CA LEU A 33 1.39 0.44 -18.29
C LEU A 33 1.60 -0.53 -17.13
N SER A 34 2.73 -1.20 -17.11
CA SER A 34 3.02 -2.16 -16.02
C SER A 34 3.33 -1.41 -14.72
N ILE A 35 3.87 -2.08 -13.74
CA ILE A 35 4.21 -1.40 -12.45
C ILE A 35 5.62 -0.80 -12.49
N GLY A 36 6.23 -0.72 -13.67
CA GLY A 36 7.60 -0.16 -13.76
C GLY A 36 7.51 1.36 -13.98
N ASP A 37 6.94 1.77 -15.09
CA ASP A 37 6.81 3.23 -15.37
C ASP A 37 5.91 3.89 -14.32
N THR A 38 4.80 3.27 -14.01
CA THR A 38 3.86 3.84 -12.99
C THR A 38 4.59 3.98 -11.65
N ALA A 39 5.45 3.04 -11.33
CA ALA A 39 6.21 3.12 -10.04
C ALA A 39 7.17 4.31 -10.07
N LYS A 40 7.64 4.67 -11.25
CA LYS A 40 8.57 5.83 -11.37
C LYS A 40 7.78 7.14 -11.31
N LYS A 41 6.54 7.12 -11.72
CA LYS A 41 5.71 8.37 -11.69
C LYS A 41 4.99 8.49 -10.34
N LEU A 42 4.77 7.40 -9.67
CA LEU A 42 4.07 7.44 -8.35
C LEU A 42 5.06 7.87 -7.25
N GLY A 43 6.06 7.06 -7.01
CA GLY A 43 7.07 7.40 -5.95
C GLY A 43 7.60 8.82 -6.17
N GLU A 44 7.60 9.27 -7.41
CA GLU A 44 8.06 10.65 -7.70
C GLU A 44 7.01 11.63 -7.18
N MET A 45 5.76 11.28 -7.33
CA MET A 45 4.66 12.17 -6.85
C MET A 45 4.47 11.97 -5.33
N TRP A 46 4.53 10.74 -4.87
CA TRP A 46 4.37 10.47 -3.40
C TRP A 46 5.35 11.35 -2.59
N SER A 47 6.59 11.39 -3.01
CA SER A 47 7.60 12.24 -2.30
C SER A 47 7.25 13.73 -2.45
N GLU A 48 6.29 14.05 -3.30
CA GLU A 48 5.90 15.47 -3.48
C GLU A 48 4.56 15.75 -2.78
N GLN A 49 3.85 14.72 -2.36
CA GLN A 49 2.55 14.95 -1.65
C GLN A 49 2.80 15.73 -0.37
N SER A 50 1.91 16.62 -0.03
CA SER A 50 2.07 17.41 1.23
C SER A 50 1.31 16.69 2.36
N ALA A 51 0.31 17.31 2.96
CA ALA A 51 -0.44 16.62 4.05
C ALA A 51 -1.82 16.16 3.56
N LYS A 52 -2.24 16.60 2.38
CA LYS A 52 -3.58 16.18 1.86
C LYS A 52 -3.53 14.73 1.39
N ASP A 53 -2.49 14.36 0.67
CA ASP A 53 -2.38 12.95 0.18
C ASP A 53 -1.10 12.30 0.72
N LYS A 54 -0.97 12.26 2.03
CA LYS A 54 0.25 11.65 2.64
C LYS A 54 0.08 11.49 4.15
N GLN A 55 -0.66 12.37 4.79
CA GLN A 55 -0.86 12.26 6.28
C GLN A 55 -1.82 11.11 6.63
N PRO A 56 -2.97 11.06 5.98
CA PRO A 56 -3.94 9.97 6.29
C PRO A 56 -3.50 8.64 5.69
N TYR A 57 -2.47 8.62 4.88
CA TYR A 57 -2.01 7.33 4.26
C TYR A 57 -0.94 6.67 5.14
N GLU A 58 -0.07 7.45 5.75
CA GLU A 58 0.99 6.85 6.62
C GLU A 58 0.40 6.44 7.97
N GLN A 59 -0.68 7.07 8.38
CA GLN A 59 -1.31 6.71 9.70
C GLN A 59 -2.09 5.40 9.55
N LYS A 60 -3.19 5.43 8.82
CA LYS A 60 -4.03 4.21 8.63
C LYS A 60 -3.17 3.00 8.23
N ALA A 61 -2.02 3.23 7.64
CA ALA A 61 -1.14 2.09 7.25
C ALA A 61 -0.18 1.75 8.40
N ALA A 62 0.30 2.77 9.07
CA ALA A 62 1.24 2.53 10.22
C ALA A 62 0.55 1.71 11.30
N LYS A 63 -0.65 2.07 11.66
CA LYS A 63 -1.39 1.29 12.71
C LYS A 63 -1.67 -0.12 12.20
N LEU A 64 -2.35 -0.23 11.08
CA LEU A 64 -2.67 -1.58 10.51
C LEU A 64 -1.39 -2.41 10.38
N LYS A 65 -0.27 -1.77 10.16
CA LYS A 65 1.01 -2.50 10.03
C LYS A 65 1.45 -2.96 11.43
N GLU A 66 1.52 -2.05 12.36
CA GLU A 66 1.95 -2.41 13.75
C GLU A 66 0.96 -3.41 14.36
N LYS A 67 -0.30 -3.30 14.00
CA LYS A 67 -1.32 -4.24 14.56
C LYS A 67 -1.25 -5.60 13.86
N TYR A 68 -0.67 -5.66 12.69
CA TYR A 68 -0.55 -6.95 11.95
C TYR A 68 0.41 -7.88 12.69
N GLU A 69 1.42 -7.31 13.28
CA GLU A 69 2.44 -8.12 14.02
C GLU A 69 1.79 -8.83 15.21
N LYS A 70 0.77 -8.24 15.80
CA LYS A 70 0.08 -8.90 16.95
C LYS A 70 -1.10 -9.71 16.43
N ASP A 71 -1.74 -9.20 15.40
CA ASP A 71 -2.90 -9.93 14.80
C ASP A 71 -2.41 -11.26 14.24
N ILE A 72 -1.46 -11.21 13.34
CA ILE A 72 -0.91 -12.46 12.73
C ILE A 72 -0.47 -13.44 13.83
N ALA A 73 0.18 -12.96 14.87
CA ALA A 73 0.62 -13.86 15.97
C ALA A 73 -0.60 -14.55 16.60
N ALA A 74 -1.53 -13.79 17.09
CA ALA A 74 -2.75 -14.38 17.73
C ALA A 74 -3.51 -15.24 16.72
N TYR A 75 -3.57 -14.81 15.49
CA TYR A 75 -4.30 -15.59 14.44
C TYR A 75 -3.42 -16.74 13.92
N ARG A 76 -2.13 -16.73 14.23
CA ARG A 76 -1.24 -17.82 13.75
C ARG A 76 -1.72 -19.18 14.28
N ALA A 77 -1.59 -19.41 15.55
CA ALA A 77 -2.05 -20.72 16.13
C ALA A 77 -3.57 -20.75 16.26
N LYS A 78 -4.20 -19.60 16.33
CA LYS A 78 -5.69 -19.56 16.45
C LYS A 78 -6.33 -19.40 15.08
N MET A 1 4.64 -17.28 3.52
CA MET A 1 4.10 -16.06 2.86
C MET A 1 2.83 -16.40 2.09
N LYS A 2 1.94 -17.17 2.68
CA LYS A 2 0.67 -17.53 2.00
C LYS A 2 -0.46 -16.60 2.44
N LYS A 3 -1.17 -16.04 1.49
CA LYS A 3 -2.30 -15.12 1.84
C LYS A 3 -3.64 -15.86 1.73
N ASP A 4 -4.20 -16.25 2.84
CA ASP A 4 -5.52 -16.96 2.81
C ASP A 4 -6.67 -15.97 3.02
N PRO A 5 -7.89 -16.44 2.85
CA PRO A 5 -9.07 -15.55 3.03
C PRO A 5 -9.27 -15.24 4.52
N ASN A 6 -8.88 -16.14 5.38
CA ASN A 6 -9.03 -15.90 6.85
C ASN A 6 -7.87 -15.04 7.36
N ALA A 7 -6.72 -15.16 6.76
CA ALA A 7 -5.55 -14.35 7.20
C ALA A 7 -5.79 -12.86 6.92
N PRO A 8 -5.03 -12.01 7.59
CA PRO A 8 -5.16 -10.56 7.41
C PRO A 8 -4.48 -10.10 6.11
N LYS A 9 -4.99 -9.05 5.51
CA LYS A 9 -4.41 -8.55 4.22
C LYS A 9 -2.92 -8.22 4.38
N ARG A 10 -2.33 -7.69 3.34
CA ARG A 10 -0.88 -7.34 3.39
C ARG A 10 -0.67 -6.04 4.18
N PRO A 11 0.46 -5.95 4.87
CA PRO A 11 0.74 -4.73 5.67
C PRO A 11 1.23 -3.60 4.76
N PRO A 12 0.49 -2.51 4.71
CA PRO A 12 0.89 -1.37 3.85
C PRO A 12 2.12 -0.67 4.45
N SER A 13 2.46 0.50 3.96
CA SER A 13 3.65 1.22 4.51
C SER A 13 3.70 2.66 3.99
N ALA A 14 2.59 3.36 4.01
CA ALA A 14 2.53 4.78 3.50
C ALA A 14 2.61 4.79 1.98
N PHE A 15 3.75 4.46 1.43
CA PHE A 15 3.87 4.45 -0.07
C PHE A 15 2.86 3.46 -0.69
N PHE A 16 2.45 2.47 0.06
CA PHE A 16 1.49 1.48 -0.49
C PHE A 16 0.09 2.09 -0.60
N LEU A 17 -0.26 2.98 0.30
CA LEU A 17 -1.60 3.63 0.20
C LEU A 17 -1.60 4.49 -1.07
N PHE A 18 -0.86 5.58 -1.04
CA PHE A 18 -0.76 6.51 -2.22
C PHE A 18 -0.78 5.72 -3.55
N CYS A 19 0.11 4.77 -3.72
CA CYS A 19 0.12 3.97 -4.99
C CYS A 19 -1.15 3.12 -5.12
N SER A 20 -1.57 2.50 -4.05
CA SER A 20 -2.79 1.63 -4.11
C SER A 20 -4.00 2.39 -4.68
N GLU A 21 -4.06 3.69 -4.48
CA GLU A 21 -5.24 4.46 -5.00
C GLU A 21 -4.97 5.00 -6.41
N HIS A 22 -3.71 5.12 -6.79
CA HIS A 22 -3.40 5.65 -8.16
C HIS A 22 -3.19 4.50 -9.15
N ARG A 23 -2.60 3.41 -8.71
CA ARG A 23 -2.33 2.24 -9.61
C ARG A 23 -3.50 1.94 -10.59
N PRO A 24 -4.71 1.82 -10.08
CA PRO A 24 -5.87 1.54 -10.97
C PRO A 24 -6.19 2.77 -11.84
N LYS A 25 -5.75 3.93 -11.43
CA LYS A 25 -6.03 5.17 -12.22
C LYS A 25 -4.96 5.32 -13.32
N ILE A 26 -3.73 5.00 -13.02
CA ILE A 26 -2.65 5.12 -14.05
C ILE A 26 -2.83 4.06 -15.14
N LYS A 27 -3.65 3.06 -14.90
CA LYS A 27 -3.88 2.01 -15.94
C LYS A 27 -4.95 2.46 -16.94
N SER A 28 -5.71 3.50 -16.62
CA SER A 28 -6.76 3.98 -17.57
C SER A 28 -6.13 4.83 -18.68
N GLU A 29 -5.31 5.78 -18.32
CA GLU A 29 -4.66 6.65 -19.36
C GLU A 29 -3.34 6.03 -19.85
N HIS A 30 -3.09 4.79 -19.53
CA HIS A 30 -1.84 4.11 -19.99
C HIS A 30 -2.08 2.59 -20.04
N PRO A 31 -2.79 2.15 -21.04
CA PRO A 31 -3.08 0.70 -21.18
C PRO A 31 -1.79 -0.08 -21.41
N GLY A 32 -1.55 -1.11 -20.64
CA GLY A 32 -0.30 -1.91 -20.80
C GLY A 32 0.73 -1.44 -19.77
N LEU A 33 0.63 -0.21 -19.33
CA LEU A 33 1.60 0.33 -18.32
C LEU A 33 1.70 -0.60 -17.10
N SER A 34 2.73 -1.40 -17.05
CA SER A 34 2.91 -2.34 -15.89
C SER A 34 2.93 -1.55 -14.58
N ILE A 35 3.26 -2.22 -13.49
CA ILE A 35 3.31 -1.51 -12.17
C ILE A 35 4.71 -0.95 -11.89
N GLY A 36 5.55 -0.85 -12.91
CA GLY A 36 6.92 -0.31 -12.70
C GLY A 36 6.96 1.16 -13.12
N ASP A 37 6.55 1.44 -14.34
CA ASP A 37 6.56 2.86 -14.82
C ASP A 37 5.65 3.74 -13.96
N THR A 38 4.48 3.24 -13.62
CA THR A 38 3.54 4.05 -12.78
C THR A 38 4.03 4.10 -11.34
N ALA A 39 4.77 3.10 -10.91
CA ALA A 39 5.30 3.09 -9.51
C ALA A 39 6.52 4.02 -9.43
N LYS A 40 7.27 4.08 -10.49
CA LYS A 40 8.46 4.98 -10.51
C LYS A 40 7.96 6.42 -10.48
N LYS A 41 7.00 6.73 -11.31
CA LYS A 41 6.45 8.12 -11.33
C LYS A 41 5.75 8.42 -10.00
N LEU A 42 4.91 7.54 -9.54
CA LEU A 42 4.18 7.76 -8.25
C LEU A 42 5.16 8.11 -7.12
N GLY A 43 6.17 7.31 -6.93
CA GLY A 43 7.18 7.59 -5.85
C GLY A 43 7.70 9.02 -5.98
N GLU A 44 7.69 9.55 -7.19
CA GLU A 44 8.15 10.95 -7.38
C GLU A 44 7.05 11.90 -6.88
N MET A 45 5.82 11.53 -7.06
CA MET A 45 4.70 12.39 -6.58
C MET A 45 4.49 12.15 -5.09
N TRP A 46 4.66 10.93 -4.63
CA TRP A 46 4.48 10.63 -3.17
C TRP A 46 5.44 11.52 -2.36
N SER A 47 6.71 11.52 -2.72
CA SER A 47 7.70 12.37 -1.99
C SER A 47 7.39 13.87 -2.21
N GLU A 48 6.50 14.18 -3.13
CA GLU A 48 6.14 15.61 -3.38
C GLU A 48 4.80 15.94 -2.75
N GLN A 49 4.05 14.95 -2.32
CA GLN A 49 2.75 15.24 -1.67
C GLN A 49 3.00 15.96 -0.34
N SER A 50 2.13 16.83 0.03
CA SER A 50 2.30 17.56 1.33
C SER A 50 1.46 16.84 2.41
N ALA A 51 0.38 17.42 2.90
CA ALA A 51 -0.44 16.73 3.94
C ALA A 51 -1.73 16.21 3.32
N LYS A 52 -2.16 16.78 2.21
CA LYS A 52 -3.43 16.32 1.56
C LYS A 52 -3.35 14.83 1.22
N ASP A 53 -2.30 14.40 0.57
CA ASP A 53 -2.16 12.96 0.20
C ASP A 53 -0.87 12.39 0.76
N LYS A 54 -0.74 12.39 2.07
CA LYS A 54 0.49 11.85 2.71
C LYS A 54 0.31 11.76 4.23
N GLN A 55 -0.43 12.66 4.81
CA GLN A 55 -0.65 12.62 6.29
C GLN A 55 -1.59 11.46 6.66
N PRO A 56 -2.77 11.44 6.08
CA PRO A 56 -3.73 10.36 6.38
C PRO A 56 -3.29 9.03 5.74
N TYR A 57 -2.28 9.07 4.90
CA TYR A 57 -1.81 7.81 4.24
C TYR A 57 -0.83 7.07 5.16
N GLU A 58 0.06 7.79 5.79
CA GLU A 58 1.04 7.13 6.71
C GLU A 58 0.36 6.67 8.00
N GLN A 59 -0.79 7.23 8.32
CA GLN A 59 -1.50 6.82 9.57
C GLN A 59 -2.26 5.51 9.33
N LYS A 60 -3.29 5.55 8.52
CA LYS A 60 -4.10 4.31 8.24
C LYS A 60 -3.20 3.12 7.88
N ALA A 61 -2.03 3.39 7.34
CA ALA A 61 -1.10 2.29 6.98
C ALA A 61 -0.26 1.91 8.19
N ALA A 62 0.20 2.89 8.94
CA ALA A 62 1.04 2.61 10.14
C ALA A 62 0.28 1.72 11.12
N LYS A 63 -0.97 2.00 11.36
CA LYS A 63 -1.78 1.16 12.30
C LYS A 63 -2.00 -0.23 11.70
N LEU A 64 -2.58 -0.29 10.52
CA LEU A 64 -2.83 -1.60 9.86
C LEU A 64 -1.53 -2.42 9.77
N LYS A 65 -0.43 -1.75 9.55
CA LYS A 65 0.87 -2.47 9.47
C LYS A 65 1.29 -2.91 10.88
N GLU A 66 1.36 -1.97 11.79
CA GLU A 66 1.76 -2.31 13.20
C GLU A 66 0.80 -3.34 13.79
N LYS A 67 -0.44 -3.33 13.37
CA LYS A 67 -1.43 -4.31 13.90
C LYS A 67 -1.29 -5.66 13.19
N TYR A 68 -0.67 -5.68 12.02
CA TYR A 68 -0.50 -6.97 11.28
C TYR A 68 0.49 -7.86 12.04
N GLU A 69 1.50 -7.28 12.59
CA GLU A 69 2.52 -8.07 13.36
C GLU A 69 1.86 -8.80 14.52
N LYS A 70 0.85 -8.22 15.11
CA LYS A 70 0.15 -8.90 16.24
C LYS A 70 -0.98 -9.76 15.68
N ASP A 71 -1.59 -9.29 14.63
CA ASP A 71 -2.69 -10.07 13.99
C ASP A 71 -2.12 -11.36 13.43
N ILE A 72 -1.14 -11.26 12.57
CA ILE A 72 -0.52 -12.47 11.96
C ILE A 72 -0.01 -13.43 13.07
N ALA A 73 0.57 -12.90 14.10
CA ALA A 73 1.08 -13.78 15.21
C ALA A 73 -0.06 -14.63 15.79
N ALA A 74 -1.11 -14.00 16.23
CA ALA A 74 -2.26 -14.75 16.83
C ALA A 74 -2.95 -15.61 15.77
N TYR A 75 -3.02 -15.13 14.55
CA TYR A 75 -3.69 -15.90 13.47
C TYR A 75 -2.75 -17.00 12.96
N ARG A 76 -1.46 -16.89 13.20
CA ARG A 76 -0.51 -17.94 12.72
C ARG A 76 -0.85 -19.29 13.37
N ALA A 77 -0.61 -19.43 14.64
CA ALA A 77 -0.92 -20.73 15.33
C ALA A 77 -2.35 -20.73 15.86
N LYS A 78 -2.87 -19.57 16.17
CA LYS A 78 -4.27 -19.47 16.70
C LYS A 78 -4.47 -20.39 17.90
N MET A 1 7.97 -15.95 1.51
CA MET A 1 7.44 -15.02 0.47
C MET A 1 6.04 -15.42 0.05
N LYS A 2 5.80 -16.71 -0.13
CA LYS A 2 4.44 -17.18 -0.55
C LYS A 2 3.49 -17.16 0.66
N LYS A 3 2.46 -16.35 0.60
CA LYS A 3 1.50 -16.29 1.74
C LYS A 3 0.23 -17.07 1.39
N ASP A 4 -0.42 -17.63 2.38
CA ASP A 4 -1.67 -18.41 2.13
C ASP A 4 -2.90 -17.52 2.35
N PRO A 5 -4.06 -18.03 1.99
CA PRO A 5 -5.31 -17.26 2.16
C PRO A 5 -5.69 -17.16 3.64
N ASN A 6 -5.36 -18.18 4.41
CA ASN A 6 -5.68 -18.16 5.86
C ASN A 6 -4.78 -17.17 6.59
N ALA A 7 -3.56 -17.04 6.15
CA ALA A 7 -2.61 -16.09 6.80
C ALA A 7 -2.68 -14.71 6.11
N PRO A 8 -2.28 -13.69 6.83
CA PRO A 8 -2.30 -12.32 6.26
C PRO A 8 -1.06 -12.07 5.40
N LYS A 9 -1.03 -10.95 4.71
CA LYS A 9 0.16 -10.63 3.85
C LYS A 9 0.84 -9.35 4.35
N ARG A 10 1.94 -8.99 3.74
CA ARG A 10 2.67 -7.75 4.18
C ARG A 10 1.71 -6.52 4.18
N PRO A 11 1.69 -5.79 5.27
CA PRO A 11 0.79 -4.60 5.35
C PRO A 11 1.34 -3.45 4.48
N PRO A 12 0.57 -2.39 4.36
CA PRO A 12 1.02 -1.23 3.55
C PRO A 12 2.18 -0.51 4.24
N SER A 13 2.48 0.70 3.85
CA SER A 13 3.60 1.45 4.49
C SER A 13 3.68 2.89 3.97
N ALA A 14 2.58 3.61 3.97
CA ALA A 14 2.56 5.02 3.46
C ALA A 14 2.64 5.02 1.93
N PHE A 15 3.77 4.64 1.38
CA PHE A 15 3.91 4.62 -0.10
C PHE A 15 2.91 3.61 -0.71
N PHE A 16 2.47 2.65 0.06
CA PHE A 16 1.50 1.64 -0.49
C PHE A 16 0.11 2.26 -0.61
N LEU A 17 -0.22 3.19 0.26
CA LEU A 17 -1.56 3.86 0.15
C LEU A 17 -1.56 4.66 -1.14
N PHE A 18 -0.82 5.76 -1.14
CA PHE A 18 -0.72 6.65 -2.36
C PHE A 18 -0.74 5.83 -3.67
N CYS A 19 0.14 4.87 -3.80
CA CYS A 19 0.15 4.04 -5.05
C CYS A 19 -1.12 3.19 -5.15
N SER A 20 -1.57 2.62 -4.05
CA SER A 20 -2.81 1.77 -4.09
C SER A 20 -4.00 2.55 -4.65
N GLU A 21 -4.02 3.85 -4.49
CA GLU A 21 -5.18 4.65 -5.00
C GLU A 21 -4.88 5.21 -6.40
N HIS A 22 -3.63 5.36 -6.76
CA HIS A 22 -3.30 5.91 -8.11
C HIS A 22 -3.21 4.78 -9.14
N ARG A 23 -2.70 3.63 -8.74
CA ARG A 23 -2.54 2.47 -9.67
C ARG A 23 -3.78 2.27 -10.58
N PRO A 24 -4.97 2.24 -10.01
CA PRO A 24 -6.18 2.07 -10.85
C PRO A 24 -6.43 3.31 -11.71
N LYS A 25 -5.90 4.44 -11.30
CA LYS A 25 -6.10 5.69 -12.10
C LYS A 25 -5.10 5.72 -13.27
N ILE A 26 -3.90 5.25 -13.04
CA ILE A 26 -2.88 5.22 -14.14
C ILE A 26 -3.24 4.17 -15.19
N LYS A 27 -4.16 3.28 -14.88
CA LYS A 27 -4.55 2.23 -15.87
C LYS A 27 -5.48 2.81 -16.94
N SER A 28 -6.11 3.93 -16.68
CA SER A 28 -7.03 4.54 -17.68
C SER A 28 -6.21 5.20 -18.80
N GLU A 29 -5.16 5.89 -18.45
CA GLU A 29 -4.32 6.58 -19.48
C GLU A 29 -3.13 5.69 -19.90
N HIS A 30 -3.06 4.48 -19.40
CA HIS A 30 -1.93 3.58 -19.79
C HIS A 30 -2.40 2.11 -19.76
N PRO A 31 -3.05 1.68 -20.82
CA PRO A 31 -3.54 0.29 -20.89
C PRO A 31 -2.36 -0.68 -20.97
N GLY A 32 -2.10 -1.41 -19.91
CA GLY A 32 -0.96 -2.38 -19.92
C GLY A 32 0.13 -1.91 -18.95
N LEU A 33 0.12 -0.65 -18.56
CA LEU A 33 1.16 -0.10 -17.62
C LEU A 33 1.45 -1.06 -16.45
N SER A 34 2.70 -1.35 -16.24
CA SER A 34 3.09 -2.29 -15.14
C SER A 34 3.70 -1.52 -13.96
N ILE A 35 4.28 -2.23 -13.04
CA ILE A 35 4.90 -1.56 -11.85
C ILE A 35 6.30 -1.02 -12.22
N GLY A 36 6.76 -1.24 -13.43
CA GLY A 36 8.09 -0.71 -13.83
C GLY A 36 7.95 0.66 -14.48
N ASP A 37 6.84 1.33 -14.27
CA ASP A 37 6.64 2.68 -14.86
C ASP A 37 5.77 3.53 -13.92
N THR A 38 4.62 3.05 -13.56
CA THR A 38 3.73 3.81 -12.63
C THR A 38 4.43 3.96 -11.28
N ALA A 39 5.13 2.95 -10.85
CA ALA A 39 5.85 3.02 -9.54
C ALA A 39 6.92 4.12 -9.60
N LYS A 40 7.50 4.31 -10.76
CA LYS A 40 8.54 5.38 -10.90
C LYS A 40 7.87 6.75 -11.01
N LYS A 41 6.69 6.79 -11.56
CA LYS A 41 5.97 8.10 -11.70
C LYS A 41 5.20 8.43 -10.41
N LEU A 42 4.96 7.44 -9.58
CA LEU A 42 4.22 7.70 -8.31
C LEU A 42 5.19 8.09 -7.19
N GLY A 43 6.18 7.26 -6.93
CA GLY A 43 7.17 7.57 -5.84
C GLY A 43 7.75 8.98 -6.07
N GLU A 44 7.77 9.43 -7.29
CA GLU A 44 8.27 10.81 -7.58
C GLU A 44 7.23 11.80 -7.08
N MET A 45 5.97 11.49 -7.26
CA MET A 45 4.90 12.41 -6.79
C MET A 45 4.68 12.22 -5.29
N TRP A 46 4.69 10.99 -4.81
CA TRP A 46 4.51 10.73 -3.34
C TRP A 46 5.48 11.60 -2.53
N SER A 47 6.73 11.65 -2.93
CA SER A 47 7.72 12.49 -2.20
C SER A 47 7.41 13.98 -2.39
N GLU A 48 6.44 14.31 -3.23
CA GLU A 48 6.07 15.73 -3.45
C GLU A 48 4.72 16.04 -2.82
N GLN A 49 3.97 15.03 -2.44
CA GLN A 49 2.63 15.30 -1.81
C GLN A 49 2.82 16.08 -0.53
N SER A 50 1.91 16.97 -0.23
CA SER A 50 2.01 17.76 1.03
C SER A 50 1.25 17.03 2.14
N ALA A 51 0.70 17.74 3.09
CA ALA A 51 -0.05 17.06 4.19
C ALA A 51 -1.46 16.66 3.73
N LYS A 52 -1.84 16.98 2.51
CA LYS A 52 -3.20 16.60 2.02
C LYS A 52 -3.18 15.16 1.50
N ASP A 53 -2.15 14.80 0.77
CA ASP A 53 -2.05 13.40 0.24
C ASP A 53 -0.80 12.73 0.79
N LYS A 54 -0.66 12.71 2.09
CA LYS A 54 0.54 12.08 2.71
C LYS A 54 0.35 11.91 4.22
N GLN A 55 -0.34 12.81 4.85
CA GLN A 55 -0.57 12.68 6.33
C GLN A 55 -1.55 11.54 6.63
N PRO A 56 -2.73 11.59 6.04
CA PRO A 56 -3.74 10.53 6.28
C PRO A 56 -3.32 9.21 5.60
N TYR A 57 -2.30 9.25 4.77
CA TYR A 57 -1.85 8.01 4.08
C TYR A 57 -0.93 7.19 4.99
N GLU A 58 -0.03 7.85 5.67
CA GLU A 58 0.91 7.13 6.57
C GLU A 58 0.17 6.66 7.84
N GLN A 59 -0.97 7.24 8.14
CA GLN A 59 -1.74 6.81 9.35
C GLN A 59 -2.46 5.50 9.05
N LYS A 60 -3.43 5.53 8.16
CA LYS A 60 -4.20 4.30 7.79
C LYS A 60 -3.27 3.10 7.56
N ALA A 61 -2.04 3.34 7.16
CA ALA A 61 -1.09 2.22 6.94
C ALA A 61 -0.39 1.90 8.26
N ALA A 62 -0.09 2.91 9.04
CA ALA A 62 0.58 2.68 10.36
C ALA A 62 -0.26 1.74 11.22
N LYS A 63 -1.52 2.05 11.42
CA LYS A 63 -2.40 1.16 12.23
C LYS A 63 -2.63 -0.17 11.49
N LEU A 64 -2.29 -0.23 10.23
CA LEU A 64 -2.48 -1.51 9.46
C LEU A 64 -1.23 -2.37 9.65
N LYS A 65 -0.08 -1.75 9.72
CA LYS A 65 1.18 -2.53 9.92
C LYS A 65 1.17 -3.16 11.30
N GLU A 66 0.98 -2.36 12.33
CA GLU A 66 0.95 -2.90 13.73
C GLU A 66 -0.09 -4.02 13.84
N LYS A 67 -1.15 -3.94 13.06
CA LYS A 67 -2.20 -5.00 13.11
C LYS A 67 -1.62 -6.31 12.57
N TYR A 68 -0.66 -6.23 11.69
CA TYR A 68 -0.02 -7.46 11.13
C TYR A 68 0.76 -8.17 12.23
N GLU A 69 1.36 -7.41 13.12
CA GLU A 69 2.15 -8.01 14.23
C GLU A 69 1.25 -8.91 15.09
N LYS A 70 0.04 -8.49 15.35
CA LYS A 70 -0.89 -9.32 16.17
C LYS A 70 -1.53 -10.37 15.26
N ASP A 71 -1.78 -10.01 14.03
CA ASP A 71 -2.38 -10.98 13.07
C ASP A 71 -1.38 -12.12 12.84
N ILE A 72 -0.17 -11.78 12.51
CA ILE A 72 0.87 -12.82 12.29
C ILE A 72 1.18 -13.52 13.62
N ALA A 73 1.09 -12.79 14.72
CA ALA A 73 1.37 -13.41 16.05
C ALA A 73 0.49 -14.64 16.28
N ALA A 74 -0.77 -14.57 15.90
CA ALA A 74 -1.69 -15.74 16.08
C ALA A 74 -1.40 -16.80 15.01
N TYR A 75 -0.68 -16.46 13.97
CA TYR A 75 -0.34 -17.44 12.91
C TYR A 75 1.14 -17.86 13.02
N ARG A 76 1.89 -17.21 13.89
CA ARG A 76 3.33 -17.55 14.04
C ARG A 76 3.50 -18.88 14.78
N ALA A 77 3.00 -18.97 15.99
CA ALA A 77 3.14 -20.24 16.77
C ALA A 77 1.87 -21.08 16.61
N LYS A 78 1.70 -21.73 15.49
CA LYS A 78 0.49 -22.57 15.27
C LYS A 78 0.86 -23.86 14.55
N MET A 1 2.79 -15.58 0.05
CA MET A 1 1.80 -14.47 0.10
C MET A 1 0.37 -15.04 0.09
N LYS A 2 0.13 -16.07 0.86
CA LYS A 2 -1.24 -16.66 0.90
C LYS A 2 -1.85 -16.49 2.29
N LYS A 3 -3.15 -16.42 2.37
CA LYS A 3 -3.82 -16.25 3.70
C LYS A 3 -5.25 -16.79 3.65
N ASP A 4 -5.89 -16.90 4.78
CA ASP A 4 -7.29 -17.42 4.82
C ASP A 4 -8.29 -16.26 4.84
N PRO A 5 -9.56 -16.58 4.74
CA PRO A 5 -10.61 -15.52 4.74
C PRO A 5 -10.72 -14.90 6.14
N ASN A 6 -10.43 -15.66 7.16
CA ASN A 6 -10.52 -15.11 8.55
C ASN A 6 -9.22 -14.38 8.91
N ALA A 7 -8.12 -14.80 8.35
CA ALA A 7 -6.81 -14.14 8.64
C ALA A 7 -6.85 -12.67 8.18
N PRO A 8 -5.95 -11.87 8.73
CA PRO A 8 -5.88 -10.46 8.35
C PRO A 8 -5.16 -10.26 7.02
N LYS A 9 -5.61 -9.32 6.22
CA LYS A 9 -4.96 -9.08 4.89
C LYS A 9 -3.54 -8.52 5.06
N ARG A 10 -2.87 -8.26 3.97
CA ARG A 10 -1.48 -7.71 4.04
C ARG A 10 -1.50 -6.30 4.66
N PRO A 11 -0.45 -5.97 5.38
CA PRO A 11 -0.38 -4.63 6.01
C PRO A 11 0.12 -3.58 5.01
N PRO A 12 -0.52 -2.42 4.99
CA PRO A 12 -0.10 -1.36 4.06
C PRO A 12 1.23 -0.75 4.52
N SER A 13 1.66 0.34 3.92
CA SER A 13 2.94 0.96 4.35
C SER A 13 3.06 2.40 3.85
N ALA A 14 1.96 3.14 3.89
CA ALA A 14 1.97 4.57 3.39
C ALA A 14 2.11 4.57 1.87
N PHE A 15 3.27 4.28 1.36
CA PHE A 15 3.45 4.27 -0.13
C PHE A 15 2.47 3.29 -0.79
N PHE A 16 2.03 2.29 -0.06
CA PHE A 16 1.07 1.31 -0.65
C PHE A 16 -0.30 1.95 -0.81
N LEU A 17 -0.66 2.86 0.06
CA LEU A 17 -1.98 3.55 -0.08
C LEU A 17 -1.92 4.38 -1.35
N PHE A 18 -1.15 5.46 -1.32
CA PHE A 18 -0.99 6.37 -2.51
C PHE A 18 -0.99 5.55 -3.82
N CYS A 19 -0.09 4.60 -3.96
CA CYS A 19 -0.06 3.80 -5.22
C CYS A 19 -1.38 3.01 -5.39
N SER A 20 -1.84 2.40 -4.34
CA SER A 20 -3.12 1.60 -4.43
C SER A 20 -4.26 2.47 -4.95
N GLU A 21 -4.28 3.74 -4.63
CA GLU A 21 -5.39 4.62 -5.12
C GLU A 21 -5.06 5.24 -6.48
N HIS A 22 -3.81 5.43 -6.81
CA HIS A 22 -3.46 6.03 -8.14
C HIS A 22 -3.06 4.93 -9.14
N ARG A 23 -3.41 3.70 -8.88
CA ARG A 23 -3.04 2.60 -9.81
C ARG A 23 -4.05 2.45 -10.96
N PRO A 24 -5.34 2.50 -10.66
CA PRO A 24 -6.35 2.35 -11.74
C PRO A 24 -6.46 3.65 -12.56
N LYS A 25 -5.83 4.71 -12.14
CA LYS A 25 -5.91 6.00 -12.89
C LYS A 25 -4.85 6.01 -14.00
N ILE A 26 -3.71 5.42 -13.74
CA ILE A 26 -2.62 5.38 -14.76
C ILE A 26 -2.95 4.37 -15.87
N LYS A 27 -3.88 3.47 -15.61
CA LYS A 27 -4.24 2.45 -16.65
C LYS A 27 -5.16 3.05 -17.71
N SER A 28 -5.78 4.18 -17.42
CA SER A 28 -6.69 4.81 -18.43
C SER A 28 -5.87 5.50 -19.53
N GLU A 29 -4.81 6.17 -19.15
CA GLU A 29 -3.95 6.85 -20.17
C GLU A 29 -2.77 5.97 -20.59
N HIS A 30 -2.68 4.76 -20.08
CA HIS A 30 -1.56 3.85 -20.47
C HIS A 30 -2.03 2.39 -20.47
N PRO A 31 -2.65 1.98 -21.55
CA PRO A 31 -3.14 0.58 -21.66
C PRO A 31 -1.97 -0.39 -21.72
N GLY A 32 -1.73 -1.10 -20.64
CA GLY A 32 -0.58 -2.06 -20.61
C GLY A 32 0.48 -1.61 -19.61
N LEU A 33 0.41 -0.37 -19.17
CA LEU A 33 1.43 0.16 -18.18
C LEU A 33 1.73 -0.83 -17.05
N SER A 34 2.99 -1.11 -16.84
CA SER A 34 3.38 -2.09 -15.77
C SER A 34 3.96 -1.36 -14.56
N ILE A 35 4.54 -2.09 -13.66
CA ILE A 35 5.15 -1.48 -12.44
C ILE A 35 6.52 -0.85 -12.78
N GLY A 36 6.98 -0.98 -14.00
CA GLY A 36 8.29 -0.38 -14.39
C GLY A 36 8.10 1.05 -14.91
N ASP A 37 6.95 1.64 -14.66
CA ASP A 37 6.70 3.04 -15.14
C ASP A 37 5.76 3.75 -14.15
N THR A 38 4.63 3.15 -13.86
CA THR A 38 3.68 3.79 -12.89
C THR A 38 4.34 3.92 -11.52
N ALA A 39 5.14 2.95 -11.14
CA ALA A 39 5.83 3.03 -9.81
C ALA A 39 6.84 4.18 -9.83
N LYS A 40 7.39 4.48 -10.97
CA LYS A 40 8.37 5.60 -11.07
C LYS A 40 7.62 6.93 -11.11
N LYS A 41 6.44 6.94 -11.68
CA LYS A 41 5.65 8.20 -11.75
C LYS A 41 4.88 8.43 -10.44
N LEU A 42 4.66 7.39 -9.68
CA LEU A 42 3.91 7.55 -8.39
C LEU A 42 4.89 7.94 -7.28
N GLY A 43 5.92 7.16 -7.07
CA GLY A 43 6.91 7.48 -6.00
C GLY A 43 7.43 8.92 -6.20
N GLU A 44 7.45 9.38 -7.42
CA GLU A 44 7.91 10.78 -7.68
C GLU A 44 6.84 11.74 -7.16
N MET A 45 5.59 11.37 -7.29
CA MET A 45 4.49 12.24 -6.80
C MET A 45 4.31 12.03 -5.30
N TRP A 46 4.36 10.79 -4.84
CA TRP A 46 4.23 10.50 -3.37
C TRP A 46 5.20 11.38 -2.57
N SER A 47 6.45 11.38 -2.95
CA SER A 47 7.45 12.21 -2.23
C SER A 47 7.12 13.71 -2.38
N GLU A 48 6.19 14.04 -3.26
CA GLU A 48 5.81 15.47 -3.44
C GLU A 48 4.44 15.73 -2.81
N GLN A 49 3.70 14.71 -2.44
CA GLN A 49 2.37 14.94 -1.81
C GLN A 49 2.55 15.73 -0.52
N SER A 50 1.62 16.60 -0.23
CA SER A 50 1.70 17.40 1.02
C SER A 50 0.97 16.64 2.14
N ALA A 51 0.40 17.33 3.09
CA ALA A 51 -0.34 16.63 4.19
C ALA A 51 -1.73 16.17 3.71
N LYS A 52 -2.10 16.47 2.49
CA LYS A 52 -3.44 16.04 1.98
C LYS A 52 -3.37 14.58 1.52
N ASP A 53 -2.32 14.22 0.84
CA ASP A 53 -2.17 12.82 0.36
C ASP A 53 -0.86 12.23 0.90
N LYS A 54 -0.71 12.23 2.20
CA LYS A 54 0.54 11.69 2.82
C LYS A 54 0.42 11.61 4.35
N GLN A 55 -0.26 12.54 4.96
CA GLN A 55 -0.41 12.50 6.45
C GLN A 55 -1.32 11.34 6.87
N PRO A 56 -2.54 11.31 6.34
CA PRO A 56 -3.48 10.22 6.70
C PRO A 56 -3.06 8.89 6.05
N TYR A 57 -2.05 8.91 5.22
CA TYR A 57 -1.61 7.64 4.56
C TYR A 57 -0.59 6.91 5.45
N GLU A 58 0.28 7.65 6.09
CA GLU A 58 1.29 7.01 6.99
C GLU A 58 0.68 6.68 8.35
N GLN A 59 -0.39 7.34 8.72
CA GLN A 59 -1.04 7.06 10.04
C GLN A 59 -1.86 5.77 9.95
N LYS A 60 -2.95 5.80 9.24
CA LYS A 60 -3.82 4.58 9.11
C LYS A 60 -3.01 3.33 8.75
N ALA A 61 -1.85 3.49 8.16
CA ALA A 61 -1.02 2.31 7.80
C ALA A 61 -0.07 1.98 8.95
N ALA A 62 0.44 2.98 9.62
CA ALA A 62 1.36 2.73 10.76
C ALA A 62 0.63 2.00 11.89
N LYS A 63 -0.63 2.32 12.08
CA LYS A 63 -1.41 1.62 13.15
C LYS A 63 -1.99 0.29 12.63
N LEU A 64 -1.89 0.04 11.35
CA LEU A 64 -2.41 -1.24 10.79
C LEU A 64 -1.26 -2.24 10.64
N LYS A 65 -0.08 -1.74 10.38
CA LYS A 65 1.10 -2.65 10.23
C LYS A 65 1.49 -3.23 11.59
N GLU A 66 1.64 -2.39 12.58
CA GLU A 66 2.01 -2.87 13.95
C GLU A 66 0.93 -3.81 14.49
N LYS A 67 -0.31 -3.57 14.11
CA LYS A 67 -1.43 -4.44 14.61
C LYS A 67 -1.41 -5.79 13.89
N TYR A 68 -0.87 -5.84 12.70
CA TYR A 68 -0.81 -7.12 11.93
C TYR A 68 0.18 -8.08 12.61
N GLU A 69 1.26 -7.56 13.10
CA GLU A 69 2.29 -8.40 13.77
C GLU A 69 1.68 -9.17 14.95
N LYS A 70 0.78 -8.55 15.67
CA LYS A 70 0.14 -9.25 16.82
C LYS A 70 -1.05 -10.04 16.32
N ASP A 71 -1.75 -9.50 15.36
CA ASP A 71 -2.93 -10.21 14.77
C ASP A 71 -2.45 -11.53 14.14
N ILE A 72 -1.51 -11.43 13.25
CA ILE A 72 -0.97 -12.64 12.56
C ILE A 72 -0.36 -13.61 13.60
N ALA A 73 0.46 -13.12 14.50
CA ALA A 73 1.09 -14.03 15.52
C ALA A 73 0.05 -14.90 16.23
N ALA A 74 -0.95 -14.29 16.82
CA ALA A 74 -2.01 -15.07 17.54
C ALA A 74 -2.77 -15.96 16.56
N TYR A 75 -2.78 -15.61 15.30
CA TYR A 75 -3.49 -16.45 14.30
C TYR A 75 -2.53 -17.44 13.62
N ARG A 76 -1.25 -17.26 13.81
CA ARG A 76 -0.27 -18.19 13.17
C ARG A 76 -0.11 -19.49 13.99
N ALA A 77 -0.65 -19.53 15.19
CA ALA A 77 -0.55 -20.76 16.03
C ALA A 77 -1.32 -20.58 17.34
N LYS A 78 -2.52 -21.09 17.41
CA LYS A 78 -3.32 -20.95 18.66
C LYS A 78 -3.94 -22.30 19.05
N MET A 1 2.33 -18.49 0.86
CA MET A 1 1.65 -18.10 2.13
C MET A 1 0.21 -18.62 2.14
N LYS A 2 -0.43 -18.56 3.28
CA LYS A 2 -1.84 -19.05 3.37
C LYS A 2 -2.64 -18.17 4.34
N LYS A 3 -3.43 -17.25 3.83
CA LYS A 3 -4.23 -16.37 4.73
C LYS A 3 -5.70 -16.82 4.72
N ASP A 4 -6.37 -16.64 5.84
CA ASP A 4 -7.81 -17.05 5.92
C ASP A 4 -8.72 -15.82 5.80
N PRO A 5 -10.01 -16.05 5.70
CA PRO A 5 -10.97 -14.92 5.58
C PRO A 5 -11.08 -14.16 6.91
N ASN A 6 -10.89 -14.86 8.01
CA ASN A 6 -10.97 -14.19 9.33
C ASN A 6 -9.62 -13.58 9.72
N ALA A 7 -8.55 -14.19 9.28
CA ALA A 7 -7.19 -13.67 9.61
C ALA A 7 -6.94 -12.35 8.86
N PRO A 8 -6.02 -11.55 9.37
CA PRO A 8 -5.70 -10.28 8.72
C PRO A 8 -4.73 -10.47 7.55
N LYS A 9 -4.96 -9.78 6.46
CA LYS A 9 -4.07 -9.92 5.27
C LYS A 9 -2.85 -9.02 5.39
N ARG A 10 -2.10 -8.91 4.32
CA ARG A 10 -0.88 -8.05 4.34
C ARG A 10 -1.27 -6.58 4.68
N PRO A 11 -0.65 -6.02 5.69
CA PRO A 11 -0.97 -4.62 6.08
C PRO A 11 -0.40 -3.63 5.06
N PRO A 12 -0.96 -2.44 5.02
CA PRO A 12 -0.47 -1.41 4.06
C PRO A 12 0.90 -0.88 4.51
N SER A 13 1.38 0.16 3.88
CA SER A 13 2.71 0.71 4.27
C SER A 13 2.88 2.14 3.76
N ALA A 14 1.83 2.94 3.81
CA ALA A 14 1.90 4.35 3.30
C ALA A 14 1.99 4.36 1.79
N PHE A 15 3.13 4.00 1.24
CA PHE A 15 3.28 3.98 -0.24
C PHE A 15 2.26 3.02 -0.87
N PHE A 16 1.79 2.05 -0.13
CA PHE A 16 0.81 1.08 -0.70
C PHE A 16 -0.56 1.73 -0.87
N LEU A 17 -0.91 2.65 0.01
CA LEU A 17 -2.22 3.34 -0.14
C LEU A 17 -2.14 4.21 -1.39
N PHE A 18 -1.36 5.27 -1.32
CA PHE A 18 -1.16 6.19 -2.50
C PHE A 18 -1.17 5.40 -3.82
N CYS A 19 -0.29 4.44 -3.98
CA CYS A 19 -0.26 3.66 -5.25
C CYS A 19 -1.57 2.89 -5.43
N SER A 20 -2.07 2.29 -4.39
CA SER A 20 -3.36 1.53 -4.50
C SER A 20 -4.49 2.42 -5.01
N GLU A 21 -4.47 3.69 -4.68
CA GLU A 21 -5.56 4.60 -5.15
C GLU A 21 -5.21 5.24 -6.50
N HIS A 22 -3.95 5.42 -6.82
CA HIS A 22 -3.59 6.03 -8.14
C HIS A 22 -3.18 4.95 -9.15
N ARG A 23 -3.53 3.71 -8.89
CA ARG A 23 -3.15 2.61 -9.84
C ARG A 23 -4.10 2.57 -11.06
N PRO A 24 -5.40 2.68 -10.84
CA PRO A 24 -6.35 2.65 -11.99
C PRO A 24 -6.33 3.97 -12.77
N LYS A 25 -5.57 4.94 -12.32
CA LYS A 25 -5.52 6.25 -13.05
C LYS A 25 -4.36 6.24 -14.05
N ILE A 26 -3.26 5.63 -13.69
CA ILE A 26 -2.09 5.58 -14.62
C ILE A 26 -2.36 4.60 -15.77
N LYS A 27 -3.23 3.64 -15.55
CA LYS A 27 -3.55 2.65 -16.63
C LYS A 27 -4.52 3.26 -17.66
N SER A 28 -5.20 4.32 -17.30
CA SER A 28 -6.17 4.96 -18.25
C SER A 28 -5.39 5.75 -19.32
N GLU A 29 -4.48 6.59 -18.90
CA GLU A 29 -3.68 7.40 -19.87
C GLU A 29 -2.48 6.59 -20.39
N HIS A 30 -2.37 5.34 -20.04
CA HIS A 30 -1.23 4.50 -20.52
C HIS A 30 -1.67 3.03 -20.58
N PRO A 31 -2.36 2.68 -21.64
CA PRO A 31 -2.83 1.27 -21.80
C PRO A 31 -1.64 0.33 -21.99
N GLY A 32 -1.56 -0.71 -21.20
CA GLY A 32 -0.42 -1.67 -21.32
C GLY A 32 0.67 -1.30 -20.32
N LEU A 33 0.67 -0.08 -19.82
CA LEU A 33 1.72 0.37 -18.85
C LEU A 33 1.90 -0.66 -17.72
N SER A 34 3.08 -1.25 -17.64
CA SER A 34 3.35 -2.26 -16.57
C SER A 34 3.18 -1.62 -15.19
N ILE A 35 3.69 -2.27 -14.16
CA ILE A 35 3.55 -1.71 -12.78
C ILE A 35 4.83 -0.96 -12.38
N GLY A 36 5.95 -1.37 -12.92
CA GLY A 36 7.24 -0.68 -12.58
C GLY A 36 7.22 0.76 -13.06
N ASP A 37 6.73 0.99 -14.26
CA ASP A 37 6.70 2.38 -14.82
C ASP A 37 5.78 3.28 -13.98
N THR A 38 4.56 2.85 -13.73
CA THR A 38 3.62 3.69 -12.93
C THR A 38 4.07 3.74 -11.46
N ALA A 39 4.68 2.68 -10.99
CA ALA A 39 5.18 2.65 -9.57
C ALA A 39 6.37 3.60 -9.45
N LYS A 40 7.15 3.72 -10.50
CA LYS A 40 8.32 4.63 -10.47
C LYS A 40 7.80 6.07 -10.47
N LYS A 41 6.82 6.33 -11.28
CA LYS A 41 6.24 7.71 -11.34
C LYS A 41 5.53 8.01 -10.03
N LEU A 42 4.64 7.13 -9.61
CA LEU A 42 3.88 7.33 -8.33
C LEU A 42 4.84 7.66 -7.17
N GLY A 43 5.80 6.80 -6.92
CA GLY A 43 6.78 7.05 -5.81
C GLY A 43 7.38 8.45 -5.96
N GLU A 44 7.48 8.92 -7.17
CA GLU A 44 8.03 10.29 -7.40
C GLU A 44 7.01 11.31 -6.90
N MET A 45 5.75 11.02 -7.10
CA MET A 45 4.68 11.94 -6.64
C MET A 45 4.43 11.73 -5.15
N TRP A 46 4.39 10.49 -4.70
CA TRP A 46 4.18 10.20 -3.24
C TRP A 46 5.15 11.01 -2.39
N SER A 47 6.41 11.03 -2.76
CA SER A 47 7.42 11.83 -1.99
C SER A 47 7.13 13.34 -2.14
N GLU A 48 6.24 13.71 -3.02
CA GLU A 48 5.89 15.15 -3.20
C GLU A 48 4.52 15.45 -2.59
N GLN A 49 3.75 14.43 -2.27
CA GLN A 49 2.41 14.68 -1.67
C GLN A 49 2.58 15.47 -0.37
N SER A 50 1.65 16.34 -0.08
CA SER A 50 1.73 17.12 1.18
C SER A 50 0.92 16.40 2.27
N ALA A 51 0.40 17.11 3.23
CA ALA A 51 -0.41 16.44 4.29
C ALA A 51 -1.80 16.06 3.77
N LYS A 52 -2.18 16.54 2.61
CA LYS A 52 -3.52 16.19 2.05
C LYS A 52 -3.53 14.74 1.56
N ASP A 53 -2.51 14.35 0.83
CA ASP A 53 -2.44 12.95 0.33
C ASP A 53 -1.18 12.25 0.86
N LYS A 54 -1.05 12.18 2.15
CA LYS A 54 0.14 11.51 2.75
C LYS A 54 -0.02 11.35 4.27
N GLN A 55 -0.71 12.25 4.92
CA GLN A 55 -0.89 12.14 6.41
C GLN A 55 -1.85 10.98 6.74
N PRO A 56 -3.05 11.02 6.18
CA PRO A 56 -4.04 9.94 6.45
C PRO A 56 -3.62 8.62 5.79
N TYR A 57 -2.59 8.62 4.98
CA TYR A 57 -2.15 7.36 4.32
C TYR A 57 -1.00 6.73 5.10
N GLU A 58 -0.15 7.54 5.68
CA GLU A 58 1.00 7.00 6.47
C GLU A 58 0.55 6.69 7.90
N GLN A 59 -0.34 7.48 8.43
CA GLN A 59 -0.83 7.24 9.83
C GLN A 59 -1.67 5.96 9.86
N LYS A 60 -2.82 5.99 9.22
CA LYS A 60 -3.71 4.79 9.20
C LYS A 60 -2.97 3.51 8.77
N ALA A 61 -1.83 3.63 8.14
CA ALA A 61 -1.08 2.41 7.71
C ALA A 61 0.00 2.07 8.74
N ALA A 62 0.60 3.08 9.33
CA ALA A 62 1.66 2.81 10.36
C ALA A 62 1.03 2.16 11.59
N LYS A 63 -0.14 2.61 11.97
CA LYS A 63 -0.82 2.02 13.17
C LYS A 63 -1.40 0.64 12.84
N LEU A 64 -2.29 0.58 11.89
CA LEU A 64 -2.91 -0.74 11.51
C LEU A 64 -1.83 -1.78 11.17
N LYS A 65 -0.67 -1.33 10.79
CA LYS A 65 0.43 -2.30 10.46
C LYS A 65 1.09 -2.78 11.76
N GLU A 66 1.39 -1.86 12.65
CA GLU A 66 2.05 -2.25 13.93
C GLU A 66 1.21 -3.29 14.68
N LYS A 67 -0.09 -3.17 14.61
CA LYS A 67 -0.98 -4.16 15.31
C LYS A 67 -1.27 -5.37 14.41
N TYR A 68 -0.95 -5.27 13.14
CA TYR A 68 -1.21 -6.41 12.20
C TYR A 68 -0.14 -7.49 12.39
N GLU A 69 1.10 -7.07 12.48
CA GLU A 69 2.23 -8.04 12.65
C GLU A 69 2.00 -8.91 13.89
N LYS A 70 1.68 -8.30 15.00
CA LYS A 70 1.40 -9.10 16.24
C LYS A 70 0.19 -10.00 15.98
N ASP A 71 -0.87 -9.42 15.48
CA ASP A 71 -2.10 -10.20 15.16
C ASP A 71 -1.75 -11.36 14.22
N ILE A 72 -0.99 -11.07 13.18
CA ILE A 72 -0.59 -12.15 12.23
C ILE A 72 0.30 -13.17 12.95
N ALA A 73 1.10 -12.70 13.88
CA ALA A 73 2.00 -13.64 14.63
C ALA A 73 1.17 -14.59 15.50
N ALA A 74 0.05 -14.11 16.00
CA ALA A 74 -0.82 -14.99 16.85
C ALA A 74 -1.83 -15.76 15.98
N TYR A 75 -1.96 -15.40 14.73
CA TYR A 75 -2.91 -16.12 13.82
C TYR A 75 -2.14 -17.04 12.87
N ARG A 76 -0.91 -16.70 12.58
CA ARG A 76 -0.09 -17.55 11.66
C ARG A 76 0.51 -18.75 12.40
N ALA A 77 0.37 -18.81 13.71
CA ALA A 77 0.94 -19.96 14.47
C ALA A 77 0.32 -20.02 15.87
N LYS A 78 -0.75 -20.77 16.02
CA LYS A 78 -1.42 -20.88 17.35
C LYS A 78 -1.03 -22.20 18.03
N MET A 1 11.79 -17.32 2.97
CA MET A 1 10.61 -16.69 3.62
C MET A 1 9.54 -16.38 2.56
N LYS A 2 8.42 -17.05 2.63
CA LYS A 2 7.32 -16.80 1.64
C LYS A 2 5.97 -16.76 2.34
N LYS A 3 5.02 -16.04 1.79
CA LYS A 3 3.67 -15.96 2.43
C LYS A 3 2.67 -16.81 1.64
N ASP A 4 1.63 -17.27 2.30
CA ASP A 4 0.61 -18.11 1.60
C ASP A 4 -0.60 -17.24 1.21
N PRO A 5 -1.50 -17.82 0.45
CA PRO A 5 -2.71 -17.07 0.02
C PRO A 5 -3.66 -16.87 1.20
N ASN A 6 -3.65 -17.78 2.14
CA ASN A 6 -4.55 -17.65 3.33
C ASN A 6 -3.92 -16.73 4.38
N ALA A 7 -2.60 -16.71 4.43
CA ALA A 7 -1.90 -15.84 5.43
C ALA A 7 -1.87 -14.39 4.93
N PRO A 8 -1.68 -13.47 5.86
CA PRO A 8 -1.62 -12.04 5.48
C PRO A 8 -0.22 -11.67 4.98
N LYS A 9 -0.15 -10.86 3.95
CA LYS A 9 1.18 -10.46 3.40
C LYS A 9 1.71 -9.22 4.13
N ARG A 10 2.78 -8.66 3.63
CA ARG A 10 3.37 -7.45 4.30
C ARG A 10 2.35 -6.30 4.28
N PRO A 11 2.33 -5.53 5.35
CA PRO A 11 1.38 -4.38 5.43
C PRO A 11 1.86 -3.22 4.54
N PRO A 12 1.03 -2.21 4.41
CA PRO A 12 1.42 -1.04 3.58
C PRO A 12 2.56 -0.27 4.24
N SER A 13 2.79 0.96 3.85
CA SER A 13 3.90 1.77 4.47
C SER A 13 3.94 3.19 3.92
N ALA A 14 2.82 3.90 3.96
CA ALA A 14 2.77 5.30 3.41
C ALA A 14 2.80 5.26 1.89
N PHE A 15 3.92 4.91 1.32
CA PHE A 15 4.01 4.86 -0.18
C PHE A 15 3.03 3.81 -0.73
N PHE A 16 2.67 2.83 0.07
CA PHE A 16 1.72 1.79 -0.42
C PHE A 16 0.31 2.36 -0.52
N LEU A 17 -0.03 3.29 0.34
CA LEU A 17 -1.39 3.91 0.24
C LEU A 17 -1.44 4.70 -1.06
N PHE A 18 -0.76 5.83 -1.10
CA PHE A 18 -0.71 6.69 -2.34
C PHE A 18 -0.72 5.82 -3.63
N CYS A 19 0.20 4.90 -3.76
CA CYS A 19 0.22 4.04 -4.98
C CYS A 19 -1.06 3.17 -5.05
N SER A 20 -1.46 2.63 -3.93
CA SER A 20 -2.69 1.76 -3.92
C SER A 20 -3.91 2.55 -4.42
N GLU A 21 -3.94 3.85 -4.21
CA GLU A 21 -5.11 4.64 -4.67
C GLU A 21 -4.87 5.23 -6.07
N HIS A 22 -3.63 5.43 -6.46
CA HIS A 22 -3.36 5.98 -7.82
C HIS A 22 -2.94 4.87 -8.79
N ARG A 23 -3.20 3.63 -8.45
CA ARG A 23 -2.82 2.50 -9.35
C ARG A 23 -3.84 2.32 -10.49
N PRO A 24 -5.13 2.35 -10.17
CA PRO A 24 -6.15 2.16 -11.24
C PRO A 24 -6.27 3.43 -12.11
N LYS A 25 -5.60 4.50 -11.74
CA LYS A 25 -5.68 5.76 -12.54
C LYS A 25 -4.62 5.75 -13.65
N ILE A 26 -3.45 5.25 -13.35
CA ILE A 26 -2.36 5.20 -14.38
C ILE A 26 -2.66 4.09 -15.41
N LYS A 27 -3.45 3.12 -15.05
CA LYS A 27 -3.77 2.02 -16.01
C LYS A 27 -4.79 2.49 -17.04
N SER A 28 -5.53 3.54 -16.74
CA SER A 28 -6.54 4.06 -17.71
C SER A 28 -5.84 4.79 -18.85
N GLU A 29 -4.93 5.67 -18.52
CA GLU A 29 -4.17 6.42 -19.57
C GLU A 29 -2.98 5.58 -20.09
N HIS A 30 -2.84 4.36 -19.62
CA HIS A 30 -1.72 3.49 -20.09
C HIS A 30 -2.15 2.02 -19.98
N PRO A 31 -2.79 1.52 -21.00
CA PRO A 31 -3.24 0.11 -20.99
C PRO A 31 -2.05 -0.83 -21.04
N GLY A 32 -1.93 -1.71 -20.07
CA GLY A 32 -0.77 -2.65 -20.05
C GLY A 32 0.34 -2.11 -19.12
N LEU A 33 0.29 -0.84 -18.79
CA LEU A 33 1.34 -0.24 -17.90
C LEU A 33 1.55 -1.08 -16.64
N SER A 34 2.60 -1.86 -16.61
CA SER A 34 2.89 -2.71 -15.42
C SER A 34 2.97 -1.85 -14.15
N ILE A 35 3.30 -2.46 -13.03
CA ILE A 35 3.39 -1.68 -11.75
C ILE A 35 4.82 -1.14 -11.55
N GLY A 36 5.62 -1.12 -12.58
CA GLY A 36 7.02 -0.61 -12.43
C GLY A 36 7.09 0.84 -12.95
N ASP A 37 6.65 1.06 -14.16
CA ASP A 37 6.69 2.44 -14.73
C ASP A 37 5.80 3.38 -13.91
N THR A 38 4.59 2.98 -13.62
CA THR A 38 3.68 3.86 -12.82
C THR A 38 4.22 4.00 -11.39
N ALA A 39 4.89 2.99 -10.91
CA ALA A 39 5.46 3.05 -9.53
C ALA A 39 6.63 4.03 -9.52
N LYS A 40 7.28 4.20 -10.64
CA LYS A 40 8.42 5.16 -10.72
C LYS A 40 7.85 6.58 -10.78
N LYS A 41 6.77 6.75 -11.49
CA LYS A 41 6.13 8.09 -11.58
C LYS A 41 5.49 8.42 -10.23
N LEU A 42 4.64 7.55 -9.74
CA LEU A 42 3.94 7.78 -8.43
C LEU A 42 4.95 8.21 -7.35
N GLY A 43 5.93 7.39 -7.09
CA GLY A 43 6.95 7.73 -6.04
C GLY A 43 7.50 9.15 -6.28
N GLU A 44 7.50 9.58 -7.52
CA GLU A 44 7.98 10.96 -7.82
C GLU A 44 6.95 11.96 -7.30
N MET A 45 5.69 11.63 -7.44
CA MET A 45 4.61 12.54 -6.95
C MET A 45 4.45 12.37 -5.43
N TRP A 46 4.49 11.15 -4.96
CA TRP A 46 4.35 10.89 -3.48
C TRP A 46 5.35 11.76 -2.70
N SER A 47 6.58 11.84 -3.16
CA SER A 47 7.59 12.69 -2.46
C SER A 47 7.24 14.17 -2.63
N GLU A 48 6.24 14.49 -3.42
CA GLU A 48 5.84 15.91 -3.62
C GLU A 48 4.51 16.18 -2.92
N GLN A 49 3.80 15.16 -2.49
CA GLN A 49 2.50 15.39 -1.81
C GLN A 49 2.72 16.18 -0.53
N SER A 50 1.82 17.05 -0.19
CA SER A 50 1.96 17.84 1.06
C SER A 50 1.22 17.11 2.19
N ALA A 51 0.71 17.82 3.17
CA ALA A 51 -0.02 17.15 4.28
C ALA A 51 -1.44 16.74 3.83
N LYS A 52 -1.88 17.19 2.68
CA LYS A 52 -3.25 16.82 2.21
C LYS A 52 -3.26 15.37 1.69
N ASP A 53 -2.27 15.01 0.91
CA ASP A 53 -2.21 13.62 0.37
C ASP A 53 -0.94 12.92 0.87
N LYS A 54 -0.77 12.85 2.16
CA LYS A 54 0.44 12.19 2.72
C LYS A 54 0.32 12.00 4.24
N GLN A 55 -0.39 12.88 4.92
CA GLN A 55 -0.55 12.74 6.40
C GLN A 55 -1.54 11.63 6.75
N PRO A 56 -2.71 11.64 6.15
CA PRO A 56 -3.72 10.59 6.45
C PRO A 56 -3.32 9.25 5.83
N TYR A 57 -2.32 9.22 4.98
CA TYR A 57 -1.90 7.94 4.36
C TYR A 57 -0.87 7.24 5.24
N GLU A 58 -0.04 7.99 5.92
CA GLU A 58 0.98 7.35 6.82
C GLU A 58 0.33 6.92 8.13
N GLN A 59 -0.80 7.49 8.48
CA GLN A 59 -1.50 7.08 9.74
C GLN A 59 -2.49 5.94 9.43
N LYS A 60 -2.75 5.69 8.17
CA LYS A 60 -3.67 4.57 7.80
C LYS A 60 -2.85 3.29 7.62
N ALA A 61 -1.64 3.44 7.16
CA ALA A 61 -0.75 2.26 6.98
C ALA A 61 -0.02 1.97 8.29
N ALA A 62 0.24 2.99 9.07
CA ALA A 62 0.93 2.79 10.38
C ALA A 62 0.11 1.85 11.27
N LYS A 63 -1.11 2.20 11.58
CA LYS A 63 -1.95 1.30 12.44
C LYS A 63 -2.27 -0.01 11.70
N LEU A 64 -2.04 -0.05 10.40
CA LEU A 64 -2.31 -1.29 9.64
C LEU A 64 -1.11 -2.24 9.81
N LYS A 65 0.07 -1.68 9.89
CA LYS A 65 1.29 -2.50 10.08
C LYS A 65 1.22 -3.18 11.46
N GLU A 66 0.90 -2.42 12.48
CA GLU A 66 0.81 -3.00 13.86
C GLU A 66 -0.21 -4.15 13.88
N LYS A 67 -1.24 -4.07 13.08
CA LYS A 67 -2.25 -5.17 13.04
C LYS A 67 -1.63 -6.44 12.47
N TYR A 68 -0.66 -6.30 11.61
CA TYR A 68 0.02 -7.50 11.02
C TYR A 68 0.77 -8.26 12.12
N GLU A 69 1.30 -7.53 13.06
CA GLU A 69 2.05 -8.18 14.19
C GLU A 69 1.16 -9.16 14.95
N LYS A 70 -0.06 -8.78 15.22
CA LYS A 70 -0.99 -9.69 15.96
C LYS A 70 -1.58 -10.70 14.98
N ASP A 71 -1.91 -10.25 13.79
CA ASP A 71 -2.47 -11.17 12.76
C ASP A 71 -1.46 -12.28 12.48
N ILE A 72 -0.25 -11.90 12.16
CA ILE A 72 0.80 -12.92 11.87
C ILE A 72 1.05 -13.78 13.13
N ALA A 73 0.94 -13.18 14.29
CA ALA A 73 1.17 -13.96 15.55
C ALA A 73 0.22 -15.16 15.63
N ALA A 74 -1.05 -14.96 15.37
CA ALA A 74 -2.03 -16.08 15.42
C ALA A 74 -1.73 -17.11 14.32
N TYR A 75 -1.01 -16.72 13.31
CA TYR A 75 -0.66 -17.66 12.22
C TYR A 75 0.82 -18.10 12.32
N ARG A 76 1.57 -17.49 13.21
CA ARG A 76 3.01 -17.85 13.37
C ARG A 76 3.13 -19.26 13.95
N ALA A 77 2.61 -19.47 15.14
CA ALA A 77 2.70 -20.82 15.77
C ALA A 77 1.36 -21.55 15.64
N LYS A 78 1.08 -22.09 14.49
CA LYS A 78 -0.21 -22.82 14.28
C LYS A 78 -0.09 -23.77 13.09
N MET A 1 7.59 -11.43 0.16
CA MET A 1 8.62 -12.51 0.32
C MET A 1 7.94 -13.87 0.43
N LYS A 2 7.06 -14.02 1.39
CA LYS A 2 6.36 -15.33 1.56
C LYS A 2 4.90 -15.10 1.98
N LYS A 3 4.02 -16.00 1.61
CA LYS A 3 2.58 -15.84 1.97
C LYS A 3 1.91 -17.21 2.09
N ASP A 4 0.80 -17.28 2.77
CA ASP A 4 0.09 -18.59 2.92
C ASP A 4 -1.41 -18.36 3.12
N PRO A 5 -2.20 -19.42 2.99
CA PRO A 5 -3.67 -19.29 3.17
C PRO A 5 -4.02 -19.08 4.64
N ASN A 6 -3.30 -19.72 5.53
CA ASN A 6 -3.58 -19.55 6.99
C ASN A 6 -2.90 -18.30 7.52
N ALA A 7 -1.80 -17.91 6.93
CA ALA A 7 -1.07 -16.69 7.40
C ALA A 7 -1.78 -15.43 6.87
N PRO A 8 -1.53 -14.31 7.53
CA PRO A 8 -2.14 -13.05 7.11
C PRO A 8 -1.37 -12.41 5.94
N LYS A 9 -1.81 -11.27 5.52
CA LYS A 9 -1.12 -10.58 4.38
C LYS A 9 -0.33 -9.37 4.89
N ARG A 10 0.85 -9.15 4.36
CA ARG A 10 1.69 -7.99 4.82
C ARG A 10 0.88 -6.68 4.79
N PRO A 11 1.06 -5.85 5.79
CA PRO A 11 0.32 -4.56 5.85
C PRO A 11 0.92 -3.54 4.87
N PRO A 12 0.25 -2.42 4.71
CA PRO A 12 0.75 -1.37 3.80
C PRO A 12 1.99 -0.68 4.40
N SER A 13 2.35 0.48 3.90
CA SER A 13 3.55 1.18 4.46
C SER A 13 3.64 2.61 3.92
N ALA A 14 2.54 3.34 3.91
CA ALA A 14 2.54 4.75 3.37
C ALA A 14 2.66 4.71 1.85
N PHE A 15 3.81 4.35 1.33
CA PHE A 15 3.98 4.30 -0.15
C PHE A 15 2.94 3.37 -0.78
N PHE A 16 2.45 2.41 -0.04
CA PHE A 16 1.44 1.47 -0.59
C PHE A 16 0.07 2.13 -0.67
N LEU A 17 -0.24 3.03 0.25
CA LEU A 17 -1.56 3.73 0.18
C LEU A 17 -1.59 4.51 -1.13
N PHE A 18 -0.92 5.66 -1.17
CA PHE A 18 -0.86 6.51 -2.42
C PHE A 18 -0.79 5.62 -3.68
N CYS A 19 0.15 4.72 -3.73
CA CYS A 19 0.25 3.80 -4.92
C CYS A 19 -1.05 3.03 -5.10
N SER A 20 -1.53 2.39 -4.06
CA SER A 20 -2.78 1.59 -4.15
C SER A 20 -3.96 2.45 -4.63
N GLU A 21 -3.98 3.73 -4.32
CA GLU A 21 -5.11 4.59 -4.77
C GLU A 21 -4.82 5.22 -6.15
N HIS A 22 -3.57 5.37 -6.51
CA HIS A 22 -3.25 5.97 -7.83
C HIS A 22 -2.81 4.88 -8.83
N ARG A 23 -3.15 3.65 -8.57
CA ARG A 23 -2.74 2.54 -9.50
C ARG A 23 -3.76 2.38 -10.65
N PRO A 24 -5.05 2.40 -10.35
CA PRO A 24 -6.07 2.24 -11.41
C PRO A 24 -6.23 3.54 -12.22
N LYS A 25 -5.63 4.62 -11.77
CA LYS A 25 -5.75 5.92 -12.52
C LYS A 25 -4.70 5.97 -13.63
N ILE A 26 -3.54 5.44 -13.37
CA ILE A 26 -2.46 5.44 -14.41
C ILE A 26 -2.80 4.46 -15.54
N LYS A 27 -3.75 3.58 -15.33
CA LYS A 27 -4.13 2.59 -16.39
C LYS A 27 -5.08 3.23 -17.41
N SER A 28 -5.67 4.36 -17.08
CA SER A 28 -6.60 5.03 -18.04
C SER A 28 -5.83 5.71 -19.16
N GLU A 29 -4.82 6.48 -18.80
CA GLU A 29 -4.01 7.18 -19.85
C GLU A 29 -2.81 6.32 -20.31
N HIS A 30 -2.74 5.08 -19.86
CA HIS A 30 -1.60 4.20 -20.28
C HIS A 30 -2.08 2.74 -20.30
N PRO A 31 -2.73 2.35 -21.38
CA PRO A 31 -3.23 0.96 -21.49
C PRO A 31 -2.05 -0.02 -21.59
N GLY A 32 -1.89 -0.86 -20.61
CA GLY A 32 -0.76 -1.83 -20.62
C GLY A 32 0.30 -1.42 -19.59
N LEU A 33 0.29 -0.18 -19.15
CA LEU A 33 1.30 0.29 -18.15
C LEU A 33 1.41 -0.67 -16.96
N SER A 34 2.48 -1.43 -16.93
CA SER A 34 2.68 -2.39 -15.79
C SER A 34 2.96 -1.63 -14.50
N ILE A 35 3.41 -2.32 -13.48
CA ILE A 35 3.70 -1.64 -12.18
C ILE A 35 5.15 -1.14 -12.15
N GLY A 36 5.81 -1.07 -13.28
CA GLY A 36 7.23 -0.60 -13.30
C GLY A 36 7.26 0.91 -13.59
N ASP A 37 6.77 1.31 -14.74
CA ASP A 37 6.75 2.77 -15.08
C ASP A 37 5.85 3.52 -14.11
N THR A 38 4.70 2.98 -13.80
CA THR A 38 3.78 3.67 -12.85
C THR A 38 4.47 3.82 -11.48
N ALA A 39 5.25 2.85 -11.09
CA ALA A 39 5.98 2.94 -9.78
C ALA A 39 6.99 4.08 -9.83
N LYS A 40 7.50 4.36 -11.01
CA LYS A 40 8.49 5.48 -11.15
C LYS A 40 7.77 6.81 -11.15
N LYS A 41 6.53 6.84 -11.60
CA LYS A 41 5.76 8.11 -11.63
C LYS A 41 5.02 8.30 -10.30
N LEU A 42 4.73 7.23 -9.60
CA LEU A 42 4.01 7.35 -8.30
C LEU A 42 4.98 7.80 -7.22
N GLY A 43 6.04 7.07 -7.01
CA GLY A 43 7.05 7.45 -5.97
C GLY A 43 7.53 8.88 -6.23
N GLU A 44 7.49 9.32 -7.46
CA GLU A 44 7.91 10.71 -7.77
C GLU A 44 6.86 11.68 -7.23
N MET A 45 5.60 11.34 -7.38
CA MET A 45 4.51 12.22 -6.87
C MET A 45 4.35 12.01 -5.36
N TRP A 46 4.47 10.78 -4.91
CA TRP A 46 4.34 10.50 -3.45
C TRP A 46 5.35 11.35 -2.67
N SER A 47 6.61 11.30 -3.06
CA SER A 47 7.64 12.13 -2.37
C SER A 47 7.37 13.62 -2.59
N GLU A 48 6.47 13.96 -3.48
CA GLU A 48 6.16 15.39 -3.73
C GLU A 48 4.85 15.80 -3.03
N GLN A 49 4.15 14.85 -2.45
CA GLN A 49 2.89 15.21 -1.73
C GLN A 49 3.23 15.83 -0.39
N SER A 50 2.43 16.76 0.05
CA SER A 50 2.69 17.41 1.37
C SER A 50 1.80 16.73 2.43
N ALA A 51 0.74 17.37 2.89
CA ALA A 51 -0.12 16.71 3.92
C ALA A 51 -1.44 16.25 3.27
N LYS A 52 -1.86 16.90 2.22
CA LYS A 52 -3.14 16.51 1.54
C LYS A 52 -3.16 15.03 1.18
N ASP A 53 -2.15 14.57 0.48
CA ASP A 53 -2.11 13.12 0.09
C ASP A 53 -0.86 12.44 0.65
N LYS A 54 -0.75 12.42 1.95
CA LYS A 54 0.44 11.78 2.60
C LYS A 54 0.24 11.66 4.12
N GLN A 55 -0.48 12.58 4.71
CA GLN A 55 -0.71 12.53 6.19
C GLN A 55 -1.73 11.44 6.56
N PRO A 56 -2.87 11.45 5.91
CA PRO A 56 -3.92 10.43 6.22
C PRO A 56 -3.54 9.05 5.66
N TYR A 57 -2.52 8.97 4.84
CA TYR A 57 -2.13 7.64 4.27
C TYR A 57 -1.14 6.93 5.20
N GLU A 58 -0.27 7.67 5.84
CA GLU A 58 0.72 7.03 6.77
C GLU A 58 0.01 6.59 8.06
N GLN A 59 -1.10 7.21 8.38
CA GLN A 59 -1.86 6.82 9.61
C GLN A 59 -2.60 5.51 9.34
N LYS A 60 -3.58 5.54 8.46
CA LYS A 60 -4.37 4.31 8.13
C LYS A 60 -3.46 3.09 7.91
N ALA A 61 -2.23 3.31 7.48
CA ALA A 61 -1.29 2.18 7.28
C ALA A 61 -0.59 1.89 8.61
N ALA A 62 -0.27 2.93 9.35
CA ALA A 62 0.41 2.73 10.67
C ALA A 62 -0.43 1.81 11.56
N LYS A 63 -1.70 2.11 11.71
CA LYS A 63 -2.58 1.24 12.55
C LYS A 63 -2.77 -0.13 11.87
N LEU A 64 -2.42 -0.25 10.62
CA LEU A 64 -2.57 -1.55 9.90
C LEU A 64 -1.31 -2.39 10.13
N LYS A 65 -0.18 -1.74 10.17
CA LYS A 65 1.10 -2.48 10.40
C LYS A 65 1.07 -3.09 11.80
N GLU A 66 0.87 -2.27 12.81
CA GLU A 66 0.82 -2.77 14.22
C GLU A 66 -0.17 -3.94 14.34
N LYS A 67 -1.22 -3.91 13.55
CA LYS A 67 -2.22 -5.02 13.59
C LYS A 67 -1.59 -6.31 13.06
N TYR A 68 -0.60 -6.19 12.21
CA TYR A 68 0.08 -7.40 11.67
C TYR A 68 0.87 -8.08 12.78
N GLU A 69 1.47 -7.31 13.65
CA GLU A 69 2.27 -7.88 14.78
C GLU A 69 1.39 -8.78 15.64
N LYS A 70 0.17 -8.38 15.87
CA LYS A 70 -0.76 -9.21 16.68
C LYS A 70 -1.34 -10.32 15.81
N ASP A 71 -1.48 -10.06 14.54
CA ASP A 71 -2.01 -11.09 13.59
C ASP A 71 -0.94 -12.17 13.40
N ILE A 72 0.26 -11.76 13.11
CA ILE A 72 1.37 -12.74 12.93
C ILE A 72 1.74 -13.37 14.27
N ALA A 73 1.69 -12.61 15.33
CA ALA A 73 2.05 -13.14 16.69
C ALA A 73 1.29 -14.45 16.98
N ALA A 74 0.10 -14.59 16.46
CA ALA A 74 -0.68 -15.85 16.68
C ALA A 74 -0.20 -16.91 15.68
N TYR A 75 -0.30 -16.60 14.42
CA TYR A 75 0.15 -17.57 13.36
C TYR A 75 1.64 -17.93 13.55
N ARG A 76 2.38 -17.10 14.25
CA ARG A 76 3.83 -17.38 14.46
C ARG A 76 4.00 -18.62 15.35
N ALA A 77 3.52 -18.56 16.56
CA ALA A 77 3.65 -19.72 17.49
C ALA A 77 2.86 -20.91 16.95
N LYS A 78 1.57 -20.75 16.83
CA LYS A 78 0.70 -21.85 16.32
C LYS A 78 0.66 -21.82 14.79
N MET A 1 6.03 -18.71 1.98
CA MET A 1 5.64 -17.66 1.00
C MET A 1 4.24 -17.94 0.43
N LYS A 2 3.31 -18.30 1.28
CA LYS A 2 1.93 -18.59 0.81
C LYS A 2 0.90 -18.24 1.89
N LYS A 3 0.50 -17.00 1.95
CA LYS A 3 -0.50 -16.58 2.98
C LYS A 3 -1.90 -17.04 2.59
N ASP A 4 -2.77 -17.24 3.55
CA ASP A 4 -4.15 -17.70 3.23
C ASP A 4 -5.13 -16.51 3.31
N PRO A 5 -6.36 -16.74 2.86
CA PRO A 5 -7.37 -15.66 2.89
C PRO A 5 -7.83 -15.39 4.33
N ASN A 6 -7.83 -16.40 5.16
CA ASN A 6 -8.26 -16.21 6.57
C ASN A 6 -7.15 -15.53 7.37
N ALA A 7 -5.92 -15.77 7.02
CA ALA A 7 -4.78 -15.15 7.76
C ALA A 7 -4.47 -13.75 7.17
N PRO A 8 -3.88 -12.90 7.99
CA PRO A 8 -3.54 -11.55 7.53
C PRO A 8 -2.22 -11.53 6.76
N LYS A 9 -2.15 -10.79 5.69
CA LYS A 9 -0.89 -10.73 4.88
C LYS A 9 -0.11 -9.45 5.22
N ARG A 10 1.02 -9.25 4.56
CA ARG A 10 1.85 -8.03 4.84
C ARG A 10 0.98 -6.75 4.74
N PRO A 11 1.03 -5.91 5.76
CA PRO A 11 0.23 -4.66 5.74
C PRO A 11 0.85 -3.63 4.79
N PRO A 12 0.15 -2.54 4.57
CA PRO A 12 0.66 -1.46 3.68
C PRO A 12 1.86 -0.76 4.32
N SER A 13 2.21 0.41 3.86
CA SER A 13 3.38 1.14 4.45
C SER A 13 3.48 2.57 3.90
N ALA A 14 2.40 3.31 3.91
CA ALA A 14 2.41 4.73 3.37
C ALA A 14 2.52 4.68 1.85
N PHE A 15 3.66 4.32 1.32
CA PHE A 15 3.81 4.27 -0.16
C PHE A 15 2.79 3.30 -0.77
N PHE A 16 2.34 2.34 0.00
CA PHE A 16 1.35 1.36 -0.53
C PHE A 16 -0.02 2.02 -0.66
N LEU A 17 -0.34 2.94 0.22
CA LEU A 17 -1.65 3.65 0.11
C LEU A 17 -1.64 4.44 -1.20
N PHE A 18 -0.91 5.55 -1.21
CA PHE A 18 -0.80 6.41 -2.44
C PHE A 18 -0.79 5.56 -3.74
N CYS A 19 0.11 4.61 -3.85
CA CYS A 19 0.14 3.77 -5.08
C CYS A 19 -1.16 2.98 -5.21
N SER A 20 -1.62 2.38 -4.15
CA SER A 20 -2.88 1.58 -4.20
C SER A 20 -4.05 2.43 -4.72
N GLU A 21 -4.06 3.70 -4.45
CA GLU A 21 -5.18 4.57 -4.92
C GLU A 21 -4.87 5.18 -6.29
N HIS A 22 -3.62 5.34 -6.64
CA HIS A 22 -3.27 5.93 -7.96
C HIS A 22 -2.85 4.85 -8.96
N ARG A 23 -3.20 3.61 -8.71
CA ARG A 23 -2.81 2.51 -9.64
C ARG A 23 -3.84 2.35 -10.79
N PRO A 24 -5.13 2.38 -10.47
CA PRO A 24 -6.15 2.22 -11.53
C PRO A 24 -6.32 3.53 -12.33
N LYS A 25 -5.72 4.60 -11.88
CA LYS A 25 -5.84 5.90 -12.61
C LYS A 25 -4.82 5.95 -13.74
N ILE A 26 -3.65 5.39 -13.51
CA ILE A 26 -2.59 5.38 -14.57
C ILE A 26 -2.94 4.39 -15.69
N LYS A 27 -3.88 3.50 -15.45
CA LYS A 27 -4.27 2.52 -16.51
C LYS A 27 -5.21 3.15 -17.54
N SER A 28 -5.81 4.28 -17.22
CA SER A 28 -6.75 4.93 -18.19
C SER A 28 -5.95 5.64 -19.29
N GLU A 29 -4.93 6.37 -18.93
CA GLU A 29 -4.11 7.10 -19.94
C GLU A 29 -2.91 6.24 -20.40
N HIS A 30 -2.82 5.02 -19.96
CA HIS A 30 -1.68 4.15 -20.38
C HIS A 30 -2.12 2.67 -20.42
N PRO A 31 -2.76 2.29 -21.49
CA PRO A 31 -3.23 0.88 -21.62
C PRO A 31 -2.03 -0.07 -21.72
N GLY A 32 -1.83 -0.88 -20.71
CA GLY A 32 -0.68 -1.84 -20.73
C GLY A 32 0.38 -1.40 -19.70
N LEU A 33 0.35 -0.16 -19.27
CA LEU A 33 1.36 0.34 -18.27
C LEU A 33 1.52 -0.63 -17.09
N SER A 34 2.65 -1.29 -17.04
CA SER A 34 2.91 -2.26 -15.93
C SER A 34 3.21 -1.48 -14.64
N ILE A 35 3.71 -2.16 -13.63
CA ILE A 35 4.04 -1.47 -12.34
C ILE A 35 5.47 -0.90 -12.38
N GLY A 36 6.09 -0.83 -13.53
CA GLY A 36 7.48 -0.29 -13.61
C GLY A 36 7.41 1.23 -13.84
N ASP A 37 6.86 1.64 -14.96
CA ASP A 37 6.75 3.11 -15.24
C ASP A 37 5.84 3.77 -14.21
N THR A 38 4.70 3.19 -13.93
CA THR A 38 3.76 3.77 -12.93
C THR A 38 4.46 3.89 -11.57
N ALA A 39 5.32 2.96 -11.26
CA ALA A 39 6.05 3.01 -9.95
C ALA A 39 7.06 4.16 -9.96
N LYS A 40 7.57 4.50 -11.12
CA LYS A 40 8.55 5.63 -11.21
C LYS A 40 7.82 6.96 -11.17
N LYS A 41 6.61 7.00 -11.66
CA LYS A 41 5.82 8.27 -11.65
C LYS A 41 5.09 8.44 -10.31
N LEU A 42 4.83 7.35 -9.63
CA LEU A 42 4.12 7.45 -8.32
C LEU A 42 5.10 7.83 -7.21
N GLY A 43 6.08 6.99 -6.95
CA GLY A 43 7.08 7.30 -5.88
C GLY A 43 7.66 8.70 -6.08
N GLU A 44 7.70 9.16 -7.30
CA GLU A 44 8.20 10.54 -7.56
C GLU A 44 7.16 11.55 -7.09
N MET A 45 5.89 11.23 -7.28
CA MET A 45 4.81 12.14 -6.83
C MET A 45 4.60 11.96 -5.32
N TRP A 46 4.62 10.74 -4.84
CA TRP A 46 4.44 10.47 -3.37
C TRP A 46 5.43 11.33 -2.57
N SER A 47 6.68 11.32 -2.96
CA SER A 47 7.70 12.15 -2.24
C SER A 47 7.39 13.64 -2.41
N GLU A 48 6.46 13.99 -3.28
CA GLU A 48 6.11 15.42 -3.48
C GLU A 48 4.76 15.73 -2.84
N GLN A 49 4.00 14.73 -2.43
CA GLN A 49 2.69 15.01 -1.79
C GLN A 49 2.90 15.79 -0.50
N SER A 50 2.01 16.69 -0.20
CA SER A 50 2.12 17.48 1.05
C SER A 50 1.35 16.77 2.17
N ALA A 51 0.78 17.48 3.09
CA ALA A 51 0.01 16.82 4.18
C ALA A 51 -1.40 16.44 3.71
N LYS A 52 -1.78 16.83 2.50
CA LYS A 52 -3.15 16.47 2.01
C LYS A 52 -3.15 15.03 1.49
N ASP A 53 -2.14 14.66 0.74
CA ASP A 53 -2.06 13.26 0.21
C ASP A 53 -0.82 12.56 0.76
N LYS A 54 -0.71 12.49 2.06
CA LYS A 54 0.46 11.84 2.68
C LYS A 54 0.28 11.66 4.19
N GLN A 55 -0.43 12.55 4.83
CA GLN A 55 -0.64 12.43 6.31
C GLN A 55 -1.68 11.34 6.63
N PRO A 56 -2.83 11.40 5.99
CA PRO A 56 -3.88 10.39 6.27
C PRO A 56 -3.52 9.02 5.66
N TYR A 57 -2.52 8.96 4.82
CA TYR A 57 -2.14 7.66 4.21
C TYR A 57 -1.15 6.92 5.10
N GLU A 58 -0.25 7.62 5.74
CA GLU A 58 0.74 6.94 6.63
C GLU A 58 0.06 6.47 7.93
N GLN A 59 -1.05 7.09 8.29
CA GLN A 59 -1.77 6.68 9.52
C GLN A 59 -2.53 5.37 9.27
N LYS A 60 -3.53 5.40 8.42
CA LYS A 60 -4.34 4.16 8.11
C LYS A 60 -3.44 2.95 7.86
N ALA A 61 -2.23 3.17 7.41
CA ALA A 61 -1.30 2.02 7.16
C ALA A 61 -0.49 1.75 8.43
N ALA A 62 -0.11 2.78 9.14
CA ALA A 62 0.68 2.60 10.39
C ALA A 62 -0.11 1.74 11.39
N LYS A 63 -1.35 2.07 11.61
CA LYS A 63 -2.18 1.27 12.57
C LYS A 63 -2.37 -0.15 12.04
N LEU A 64 -2.92 -0.28 10.87
CA LEU A 64 -3.13 -1.64 10.26
C LEU A 64 -1.85 -2.46 10.30
N LYS A 65 -0.73 -1.80 10.23
CA LYS A 65 0.58 -2.52 10.28
C LYS A 65 0.85 -2.96 11.72
N GLU A 66 0.77 -2.03 12.65
CA GLU A 66 1.02 -2.34 14.08
C GLU A 66 0.26 -3.61 14.53
N LYS A 67 -0.94 -3.80 14.03
CA LYS A 67 -1.73 -5.01 14.41
C LYS A 67 -1.06 -6.27 13.85
N TYR A 68 -0.92 -6.32 12.54
CA TYR A 68 -0.29 -7.51 11.84
C TYR A 68 0.80 -8.19 12.67
N GLU A 69 1.68 -7.44 13.28
CA GLU A 69 2.76 -8.06 14.11
C GLU A 69 2.13 -8.87 15.25
N LYS A 70 1.19 -8.27 15.94
CA LYS A 70 0.50 -9.00 17.06
C LYS A 70 -0.47 -10.02 16.46
N ASP A 71 -1.32 -9.57 15.57
CA ASP A 71 -2.30 -10.49 14.93
C ASP A 71 -1.60 -11.74 14.37
N ILE A 72 -0.54 -11.54 13.60
CA ILE A 72 0.20 -12.71 13.03
C ILE A 72 0.75 -13.59 14.16
N ALA A 73 1.09 -13.01 15.27
CA ALA A 73 1.65 -13.80 16.40
C ALA A 73 0.58 -14.71 17.01
N ALA A 74 -0.55 -14.17 17.38
CA ALA A 74 -1.64 -15.01 17.98
C ALA A 74 -2.35 -15.81 16.90
N TYR A 75 -2.40 -15.29 15.69
CA TYR A 75 -3.08 -16.03 14.59
C TYR A 75 -2.18 -17.17 14.10
N ARG A 76 -0.90 -17.09 14.34
CA ARG A 76 0.03 -18.18 13.89
C ARG A 76 0.17 -19.26 14.97
N ALA A 77 -0.37 -19.04 16.15
CA ALA A 77 -0.26 -20.07 17.23
C ALA A 77 -1.64 -20.53 17.67
N LYS A 78 -2.16 -21.57 17.07
CA LYS A 78 -3.51 -22.07 17.44
C LYS A 78 -3.49 -23.60 17.56
N MET A 1 2.05 -17.85 -3.75
CA MET A 1 1.35 -17.10 -2.65
C MET A 1 1.03 -18.05 -1.49
N LYS A 2 0.89 -17.53 -0.30
CA LYS A 2 0.57 -18.39 0.87
C LYS A 2 -0.45 -17.71 1.77
N LYS A 3 -1.37 -16.98 1.19
CA LYS A 3 -2.40 -16.28 2.00
C LYS A 3 -3.72 -17.07 1.98
N ASP A 4 -4.31 -17.27 3.12
CA ASP A 4 -5.60 -18.03 3.18
C ASP A 4 -6.78 -17.08 3.40
N PRO A 5 -7.98 -17.59 3.29
CA PRO A 5 -9.19 -16.74 3.49
C PRO A 5 -9.35 -16.38 4.97
N ASN A 6 -8.89 -17.24 5.85
CA ASN A 6 -9.02 -16.94 7.31
C ASN A 6 -7.93 -15.95 7.74
N ALA A 7 -6.78 -16.01 7.13
CA ALA A 7 -5.68 -15.07 7.49
C ALA A 7 -6.06 -13.63 7.11
N PRO A 8 -5.40 -12.67 7.72
CA PRO A 8 -5.69 -11.26 7.41
C PRO A 8 -5.00 -10.82 6.12
N LYS A 9 -5.48 -9.76 5.51
CA LYS A 9 -4.87 -9.27 4.24
C LYS A 9 -3.46 -8.75 4.49
N ARG A 10 -2.87 -8.16 3.48
CA ARG A 10 -1.49 -7.61 3.62
C ARG A 10 -1.54 -6.20 4.25
N PRO A 11 -0.62 -5.93 5.15
CA PRO A 11 -0.59 -4.60 5.82
C PRO A 11 -0.04 -3.53 4.86
N PRO A 12 -0.65 -2.36 4.87
CA PRO A 12 -0.19 -1.27 3.98
C PRO A 12 1.14 -0.70 4.51
N SER A 13 1.58 0.41 3.97
CA SER A 13 2.86 1.02 4.43
C SER A 13 3.01 2.45 3.93
N ALA A 14 1.95 3.24 3.99
CA ALA A 14 2.00 4.65 3.48
C ALA A 14 2.11 4.65 1.96
N PHE A 15 3.26 4.30 1.42
CA PHE A 15 3.43 4.28 -0.06
C PHE A 15 2.40 3.34 -0.70
N PHE A 16 1.97 2.34 0.03
CA PHE A 16 0.97 1.38 -0.54
C PHE A 16 -0.38 2.06 -0.69
N LEU A 17 -0.71 2.98 0.17
CA LEU A 17 -2.02 3.69 0.04
C LEU A 17 -1.93 4.53 -1.25
N PHE A 18 -1.15 5.59 -1.20
CA PHE A 18 -0.95 6.49 -2.40
C PHE A 18 -0.98 5.68 -3.71
N CYS A 19 -0.12 4.70 -3.85
CA CYS A 19 -0.11 3.90 -5.11
C CYS A 19 -1.43 3.13 -5.26
N SER A 20 -1.90 2.51 -4.21
CA SER A 20 -3.18 1.73 -4.30
C SER A 20 -4.32 2.60 -4.86
N GLU A 21 -4.32 3.87 -4.57
CA GLU A 21 -5.42 4.74 -5.08
C GLU A 21 -5.07 5.29 -6.48
N HIS A 22 -3.81 5.44 -6.79
CA HIS A 22 -3.43 5.97 -8.14
C HIS A 22 -3.00 4.83 -9.07
N ARG A 23 -3.29 3.59 -8.72
CA ARG A 23 -2.88 2.45 -9.59
C ARG A 23 -3.86 2.26 -10.77
N PRO A 24 -5.15 2.30 -10.50
CA PRO A 24 -6.14 2.13 -11.61
C PRO A 24 -6.24 3.41 -12.45
N LYS A 25 -5.61 4.49 -12.03
CA LYS A 25 -5.69 5.76 -12.81
C LYS A 25 -4.57 5.79 -13.87
N ILE A 26 -3.42 5.29 -13.54
CA ILE A 26 -2.29 5.28 -14.52
C ILE A 26 -2.54 4.23 -15.62
N LYS A 27 -3.37 3.26 -15.34
CA LYS A 27 -3.67 2.20 -16.37
C LYS A 27 -4.65 2.74 -17.41
N SER A 28 -5.39 3.78 -17.10
CA SER A 28 -6.34 4.35 -18.09
C SER A 28 -5.58 5.14 -19.17
N GLU A 29 -4.69 5.99 -18.75
CA GLU A 29 -3.89 6.79 -19.73
C GLU A 29 -2.67 5.98 -20.24
N HIS A 30 -2.56 4.75 -19.83
CA HIS A 30 -1.41 3.90 -20.29
C HIS A 30 -1.83 2.43 -20.27
N PRO A 31 -2.45 1.98 -21.35
CA PRO A 31 -2.89 0.57 -21.44
C PRO A 31 -1.69 -0.36 -21.50
N GLY A 32 -1.60 -1.30 -20.59
CA GLY A 32 -0.44 -2.25 -20.57
C GLY A 32 0.60 -1.75 -19.56
N LEU A 33 0.55 -0.51 -19.16
CA LEU A 33 1.55 0.03 -18.18
C LEU A 33 1.67 -0.88 -16.95
N SER A 34 2.70 -1.69 -16.90
CA SER A 34 2.90 -2.61 -15.74
C SER A 34 2.92 -1.82 -14.43
N ILE A 35 3.20 -2.47 -13.33
CA ILE A 35 3.24 -1.76 -12.01
C ILE A 35 4.66 -1.25 -11.71
N GLY A 36 5.52 -1.19 -12.71
CA GLY A 36 6.91 -0.69 -12.47
C GLY A 36 7.02 0.76 -12.92
N ASP A 37 6.65 1.04 -14.16
CA ASP A 37 6.73 2.44 -14.67
C ASP A 37 5.81 3.36 -13.86
N THR A 38 4.59 2.95 -13.62
CA THR A 38 3.66 3.82 -12.84
C THR A 38 4.13 3.90 -11.38
N ALA A 39 4.77 2.87 -10.90
CA ALA A 39 5.28 2.89 -9.49
C ALA A 39 6.47 3.85 -9.40
N LYS A 40 7.22 3.97 -10.46
CA LYS A 40 8.38 4.91 -10.46
C LYS A 40 7.85 6.35 -10.49
N LYS A 41 6.84 6.57 -11.31
CA LYS A 41 6.24 7.93 -11.39
C LYS A 41 5.56 8.26 -10.05
N LEU A 42 4.69 7.38 -9.61
CA LEU A 42 3.96 7.60 -8.32
C LEU A 42 4.94 7.97 -7.19
N GLY A 43 5.94 7.15 -6.97
CA GLY A 43 6.93 7.44 -5.89
C GLY A 43 7.49 8.85 -6.07
N GLU A 44 7.56 9.31 -7.30
CA GLU A 44 8.06 10.70 -7.55
C GLU A 44 7.02 11.69 -7.03
N MET A 45 5.76 11.37 -7.19
CA MET A 45 4.67 12.27 -6.69
C MET A 45 4.49 12.06 -5.20
N TRP A 46 4.49 10.83 -4.74
CA TRP A 46 4.33 10.54 -3.27
C TRP A 46 5.32 11.38 -2.46
N SER A 47 6.57 11.41 -2.86
CA SER A 47 7.59 12.24 -2.13
C SER A 47 7.27 13.73 -2.28
N GLU A 48 6.34 14.09 -3.14
CA GLU A 48 5.97 15.52 -3.32
C GLU A 48 4.59 15.79 -2.72
N GLN A 49 3.85 14.76 -2.36
CA GLN A 49 2.51 15.00 -1.76
C GLN A 49 2.65 15.80 -0.47
N SER A 50 1.72 16.66 -0.20
CA SER A 50 1.78 17.45 1.05
C SER A 50 1.00 16.72 2.15
N ALA A 51 0.45 17.42 3.10
CA ALA A 51 -0.31 16.75 4.19
C ALA A 51 -1.70 16.32 3.69
N LYS A 52 -2.07 16.69 2.48
CA LYS A 52 -3.41 16.29 1.96
C LYS A 52 -3.38 14.82 1.50
N ASP A 53 -2.33 14.43 0.84
CA ASP A 53 -2.21 13.01 0.37
C ASP A 53 -0.91 12.40 0.90
N LYS A 54 -0.77 12.39 2.20
CA LYS A 54 0.47 11.81 2.81
C LYS A 54 0.34 11.71 4.34
N GLN A 55 -0.35 12.64 4.95
CA GLN A 55 -0.52 12.60 6.44
C GLN A 55 -1.47 11.45 6.84
N PRO A 56 -2.65 11.44 6.26
CA PRO A 56 -3.62 10.36 6.58
C PRO A 56 -3.21 9.03 5.92
N TYR A 57 -2.18 9.03 5.11
CA TYR A 57 -1.74 7.78 4.44
C TYR A 57 -0.68 7.05 5.29
N GLU A 58 0.16 7.79 5.96
CA GLU A 58 1.21 7.13 6.81
C GLU A 58 0.64 6.78 8.19
N GLN A 59 -0.40 7.47 8.61
CA GLN A 59 -1.02 7.18 9.94
C GLN A 59 -1.85 5.90 9.84
N LYS A 60 -2.96 5.96 9.15
CA LYS A 60 -3.87 4.76 9.00
C LYS A 60 -3.08 3.51 8.59
N ALA A 61 -1.92 3.66 8.00
CA ALA A 61 -1.12 2.46 7.60
C ALA A 61 -0.12 2.10 8.71
N ALA A 62 0.41 3.10 9.38
CA ALA A 62 1.38 2.83 10.48
C ALA A 62 0.68 2.11 11.63
N LYS A 63 -0.57 2.43 11.87
CA LYS A 63 -1.32 1.77 12.97
C LYS A 63 -1.82 0.40 12.52
N LEU A 64 -2.64 0.36 11.50
CA LEU A 64 -3.18 -0.94 10.99
C LEU A 64 -2.04 -1.95 10.74
N LYS A 65 -0.86 -1.46 10.47
CA LYS A 65 0.29 -2.37 10.24
C LYS A 65 0.80 -2.91 11.58
N GLU A 66 0.97 -2.03 12.54
CA GLU A 66 1.46 -2.46 13.89
C GLU A 66 0.58 -3.58 14.44
N LYS A 67 -0.69 -3.55 14.14
CA LYS A 67 -1.62 -4.62 14.64
C LYS A 67 -1.70 -5.78 13.65
N TYR A 68 -1.28 -5.56 12.42
CA TYR A 68 -1.33 -6.66 11.40
C TYR A 68 -0.20 -7.65 11.68
N GLU A 69 0.97 -7.16 11.94
CA GLU A 69 2.15 -8.05 12.20
C GLU A 69 1.83 -8.94 13.40
N LYS A 70 1.34 -8.36 14.47
CA LYS A 70 0.97 -9.17 15.66
C LYS A 70 -0.08 -10.21 15.25
N ASP A 71 -1.11 -9.74 14.60
CA ASP A 71 -2.20 -10.66 14.12
C ASP A 71 -1.60 -11.71 13.18
N ILE A 72 -0.75 -11.30 12.28
CA ILE A 72 -0.12 -12.25 11.32
C ILE A 72 0.73 -13.28 12.10
N ALA A 73 1.48 -12.84 13.07
CA ALA A 73 2.32 -13.80 13.86
C ALA A 73 1.44 -14.80 14.59
N ALA A 74 0.24 -14.41 14.96
CA ALA A 74 -0.68 -15.34 15.68
C ALA A 74 -1.55 -16.13 14.67
N TYR A 75 -1.64 -15.66 13.45
CA TYR A 75 -2.46 -16.38 12.43
C TYR A 75 -1.55 -17.12 11.44
N ARG A 76 -0.29 -16.79 11.40
CA ARG A 76 0.65 -17.46 10.45
C ARG A 76 1.56 -18.45 11.20
N ALA A 77 1.69 -18.30 12.50
CA ALA A 77 2.55 -19.23 13.28
C ALA A 77 1.90 -20.60 13.36
N LYS A 78 0.60 -20.64 13.36
CA LYS A 78 -0.13 -21.95 13.43
C LYS A 78 0.26 -22.85 12.25
N MET A 1 10.50 -20.10 1.22
CA MET A 1 10.07 -19.23 2.36
C MET A 1 9.20 -18.07 1.83
N LYS A 2 7.91 -18.15 2.03
CA LYS A 2 7.01 -17.06 1.55
C LYS A 2 5.75 -16.99 2.41
N LYS A 3 4.75 -16.28 1.96
CA LYS A 3 3.48 -16.16 2.75
C LYS A 3 2.43 -17.14 2.20
N ASP A 4 1.61 -17.68 3.07
CA ASP A 4 0.56 -18.63 2.60
C ASP A 4 -0.78 -17.90 2.42
N PRO A 5 -1.74 -18.58 1.82
CA PRO A 5 -3.07 -17.95 1.60
C PRO A 5 -3.84 -17.85 2.92
N ASN A 6 -3.59 -18.75 3.83
CA ASN A 6 -4.31 -18.71 5.15
C ASN A 6 -3.72 -17.61 6.03
N ALA A 7 -2.44 -17.33 5.88
CA ALA A 7 -1.80 -16.27 6.70
C ALA A 7 -1.95 -14.90 6.03
N PRO A 8 -1.72 -13.85 6.79
CA PRO A 8 -1.83 -12.49 6.24
C PRO A 8 -0.60 -12.12 5.42
N LYS A 9 -0.58 -10.95 4.85
CA LYS A 9 0.59 -10.52 4.03
C LYS A 9 1.21 -9.25 4.62
N ARG A 10 2.32 -8.81 4.07
CA ARG A 10 2.98 -7.57 4.60
C ARG A 10 2.00 -6.38 4.58
N PRO A 11 1.99 -5.61 5.64
CA PRO A 11 1.06 -4.44 5.71
C PRO A 11 1.57 -3.30 4.80
N PRO A 12 0.77 -2.26 4.67
CA PRO A 12 1.18 -1.11 3.82
C PRO A 12 2.32 -0.35 4.49
N SER A 13 2.59 0.86 4.05
CA SER A 13 3.71 1.66 4.67
C SER A 13 3.76 3.06 4.07
N ALA A 14 2.66 3.79 4.05
CA ALA A 14 2.62 5.16 3.46
C ALA A 14 2.71 5.06 1.94
N PHE A 15 3.84 4.69 1.41
CA PHE A 15 3.98 4.59 -0.07
C PHE A 15 2.99 3.54 -0.62
N PHE A 16 2.54 2.62 0.20
CA PHE A 16 1.58 1.58 -0.27
C PHE A 16 0.19 2.17 -0.43
N LEU A 17 -0.17 3.12 0.41
CA LEU A 17 -1.51 3.76 0.27
C LEU A 17 -1.53 4.51 -1.06
N PHE A 18 -0.84 5.63 -1.12
CA PHE A 18 -0.76 6.46 -2.38
C PHE A 18 -0.74 5.56 -3.64
N CYS A 19 0.19 4.63 -3.72
CA CYS A 19 0.23 3.74 -4.91
C CYS A 19 -1.05 2.92 -5.00
N SER A 20 -1.50 2.37 -3.89
CA SER A 20 -2.73 1.55 -3.90
C SER A 20 -3.93 2.36 -4.41
N GLU A 21 -3.95 3.65 -4.16
CA GLU A 21 -5.10 4.48 -4.63
C GLU A 21 -4.83 5.05 -6.03
N HIS A 22 -3.59 5.22 -6.40
CA HIS A 22 -3.28 5.78 -7.75
C HIS A 22 -2.88 4.67 -8.73
N ARG A 23 -3.21 3.44 -8.42
CA ARG A 23 -2.84 2.32 -9.34
C ARG A 23 -3.86 2.17 -10.48
N PRO A 24 -5.15 2.21 -10.18
CA PRO A 24 -6.17 2.09 -11.25
C PRO A 24 -6.30 3.40 -12.04
N LYS A 25 -5.65 4.45 -11.60
CA LYS A 25 -5.75 5.75 -12.35
C LYS A 25 -4.69 5.81 -13.45
N ILE A 26 -3.51 5.32 -13.17
CA ILE A 26 -2.42 5.34 -14.20
C ILE A 26 -2.74 4.35 -15.32
N LYS A 27 -3.65 3.44 -15.10
CA LYS A 27 -4.00 2.45 -16.17
C LYS A 27 -4.99 3.05 -17.18
N SER A 28 -5.60 4.17 -16.86
CA SER A 28 -6.56 4.80 -17.81
C SER A 28 -5.82 5.49 -18.94
N GLU A 29 -4.91 6.39 -18.62
CA GLU A 29 -4.14 7.10 -19.68
C GLU A 29 -2.93 6.28 -20.15
N HIS A 30 -2.79 5.06 -19.68
CA HIS A 30 -1.63 4.21 -20.11
C HIS A 30 -2.04 2.74 -20.11
N PRO A 31 -2.67 2.30 -21.17
CA PRO A 31 -3.11 0.89 -21.27
C PRO A 31 -1.89 -0.06 -21.33
N GLY A 32 -1.84 -1.02 -20.45
CA GLY A 32 -0.69 -1.96 -20.45
C GLY A 32 0.38 -1.48 -19.46
N LEU A 33 0.34 -0.24 -19.07
CA LEU A 33 1.37 0.29 -18.11
C LEU A 33 1.46 -0.57 -16.85
N SER A 34 2.44 -1.45 -16.81
CA SER A 34 2.61 -2.32 -15.61
C SER A 34 3.00 -1.46 -14.41
N ILE A 35 3.18 -2.07 -13.26
CA ILE A 35 3.56 -1.28 -12.05
C ILE A 35 5.02 -0.80 -12.15
N GLY A 36 5.76 -1.25 -13.14
CA GLY A 36 7.18 -0.81 -13.29
C GLY A 36 7.22 0.70 -13.52
N ASP A 37 6.75 1.14 -14.66
CA ASP A 37 6.76 2.61 -14.96
C ASP A 37 5.84 3.35 -13.97
N THR A 38 4.70 2.78 -13.69
CA THR A 38 3.75 3.42 -12.72
C THR A 38 4.45 3.63 -11.37
N ALA A 39 5.27 2.70 -10.96
CA ALA A 39 6.00 2.85 -9.66
C ALA A 39 7.00 4.00 -9.75
N LYS A 40 7.53 4.23 -10.93
CA LYS A 40 8.51 5.34 -11.10
C LYS A 40 7.79 6.68 -11.16
N LYS A 41 6.57 6.68 -11.64
CA LYS A 41 5.79 7.96 -11.72
C LYS A 41 5.05 8.22 -10.40
N LEU A 42 4.80 7.19 -9.64
CA LEU A 42 4.08 7.37 -8.34
C LEU A 42 5.05 7.83 -7.25
N GLY A 43 6.05 7.03 -6.96
CA GLY A 43 7.04 7.42 -5.90
C GLY A 43 7.58 8.82 -6.18
N GLU A 44 7.59 9.23 -7.43
CA GLU A 44 8.07 10.60 -7.77
C GLU A 44 7.02 11.60 -7.28
N MET A 45 5.76 11.26 -7.43
CA MET A 45 4.67 12.17 -6.97
C MET A 45 4.49 12.02 -5.47
N TRP A 46 4.55 10.81 -4.95
CA TRP A 46 4.40 10.59 -3.47
C TRP A 46 5.41 11.46 -2.72
N SER A 47 6.65 11.43 -3.14
CA SER A 47 7.69 12.27 -2.47
C SER A 47 7.36 13.76 -2.65
N GLU A 48 6.41 14.10 -3.49
CA GLU A 48 6.04 15.52 -3.69
C GLU A 48 4.74 15.84 -2.94
N GLN A 49 4.03 14.84 -2.47
CA GLN A 49 2.76 15.12 -1.73
C GLN A 49 3.06 15.91 -0.46
N SER A 50 2.22 16.84 -0.13
CA SER A 50 2.44 17.63 1.12
C SER A 50 1.64 16.98 2.27
N ALA A 51 0.68 17.65 2.85
CA ALA A 51 -0.11 17.02 3.96
C ALA A 51 -1.49 16.60 3.47
N LYS A 52 -1.94 17.11 2.35
CA LYS A 52 -3.29 16.74 1.82
C LYS A 52 -3.29 15.28 1.35
N ASP A 53 -2.30 14.88 0.59
CA ASP A 53 -2.24 13.47 0.10
C ASP A 53 -1.00 12.77 0.66
N LYS A 54 -0.90 12.69 1.96
CA LYS A 54 0.28 12.01 2.58
C LYS A 54 0.08 11.84 4.10
N GLN A 55 -0.65 12.73 4.73
CA GLN A 55 -0.87 12.62 6.21
C GLN A 55 -1.84 11.48 6.53
N PRO A 56 -3.01 11.48 5.93
CA PRO A 56 -4.01 10.42 6.21
C PRO A 56 -3.57 9.08 5.61
N TYR A 57 -2.55 9.06 4.79
CA TYR A 57 -2.10 7.77 4.18
C TYR A 57 -1.10 7.07 5.11
N GLU A 58 -0.25 7.82 5.76
CA GLU A 58 0.74 7.20 6.69
C GLU A 58 0.05 6.72 7.98
N GLN A 59 -1.07 7.31 8.31
CA GLN A 59 -1.82 6.88 9.53
C GLN A 59 -2.51 5.55 9.26
N LYS A 60 -3.49 5.56 8.37
CA LYS A 60 -4.23 4.30 8.03
C LYS A 60 -3.27 3.12 7.80
N ALA A 61 -2.06 3.39 7.39
CA ALA A 61 -1.07 2.29 7.17
C ALA A 61 -0.38 1.99 8.51
N ALA A 62 -0.10 3.01 9.28
CA ALA A 62 0.56 2.80 10.60
C ALA A 62 -0.27 1.83 11.46
N LYS A 63 -1.52 2.14 11.67
CA LYS A 63 -2.39 1.22 12.47
C LYS A 63 -2.58 -0.11 11.73
N LEU A 64 -2.26 -0.16 10.47
CA LEU A 64 -2.40 -1.43 9.71
C LEU A 64 -1.15 -2.28 9.93
N LYS A 65 -0.01 -1.64 10.01
CA LYS A 65 1.26 -2.39 10.25
C LYS A 65 1.20 -3.05 11.64
N GLU A 66 0.97 -2.24 12.65
CA GLU A 66 0.88 -2.79 14.05
C GLU A 66 -0.13 -3.94 14.12
N LYS A 67 -1.14 -3.91 13.28
CA LYS A 67 -2.16 -4.99 13.29
C LYS A 67 -1.53 -6.30 12.77
N TYR A 68 -0.55 -6.18 11.91
CA TYR A 68 0.12 -7.41 11.37
C TYR A 68 0.91 -8.08 12.48
N GLU A 69 1.49 -7.31 13.36
CA GLU A 69 2.29 -7.88 14.50
C GLU A 69 1.41 -8.81 15.34
N LYS A 70 0.18 -8.43 15.57
CA LYS A 70 -0.74 -9.29 16.37
C LYS A 70 -1.33 -10.37 15.47
N ASP A 71 -1.57 -10.02 14.23
CA ASP A 71 -2.12 -11.02 13.26
C ASP A 71 -1.09 -12.13 13.06
N ILE A 72 0.12 -11.75 12.73
CA ILE A 72 1.18 -12.77 12.51
C ILE A 72 1.42 -13.54 13.82
N ALA A 73 1.30 -12.87 14.94
CA ALA A 73 1.52 -13.56 16.26
C ALA A 73 0.59 -14.78 16.39
N ALA A 74 -0.67 -14.62 16.06
CA ALA A 74 -1.62 -15.76 16.17
C ALA A 74 -1.28 -16.84 15.12
N TYR A 75 -0.54 -16.49 14.10
CA TYR A 75 -0.15 -17.49 13.07
C TYR A 75 1.33 -17.89 13.23
N ARG A 76 2.04 -17.24 14.12
CA ARG A 76 3.48 -17.59 14.33
C ARG A 76 3.61 -18.97 14.95
N ALA A 77 3.07 -19.16 16.13
CA ALA A 77 3.16 -20.49 16.80
C ALA A 77 1.93 -21.34 16.46
N LYS A 78 1.82 -21.77 15.22
CA LYS A 78 0.64 -22.60 14.82
C LYS A 78 1.03 -23.54 13.68
N MET A 1 5.60 -21.00 -0.09
CA MET A 1 6.23 -19.73 -0.54
C MET A 1 5.18 -18.62 -0.69
N LYS A 2 5.61 -17.38 -0.75
CA LYS A 2 4.65 -16.24 -0.91
C LYS A 2 3.55 -16.30 0.18
N LYS A 3 3.94 -16.24 1.43
CA LYS A 3 2.94 -16.30 2.55
C LYS A 3 2.03 -17.52 2.40
N ASP A 4 0.95 -17.55 3.13
CA ASP A 4 0.00 -18.70 3.04
C ASP A 4 -1.44 -18.23 3.26
N PRO A 5 -2.39 -19.12 3.03
CA PRO A 5 -3.81 -18.75 3.22
C PRO A 5 -4.14 -18.60 4.71
N ASN A 6 -3.44 -19.32 5.55
CA ASN A 6 -3.70 -19.22 7.02
C ASN A 6 -3.06 -17.96 7.59
N ALA A 7 -1.99 -17.50 6.99
CA ALA A 7 -1.30 -16.27 7.48
C ALA A 7 -2.16 -15.03 7.17
N PRO A 8 -1.94 -13.98 7.91
CA PRO A 8 -2.70 -12.73 7.71
C PRO A 8 -2.11 -11.89 6.57
N LYS A 9 -2.77 -10.81 6.22
CA LYS A 9 -2.27 -9.95 5.11
C LYS A 9 -0.88 -9.41 5.44
N ARG A 10 -0.38 -8.54 4.59
CA ARG A 10 0.98 -7.95 4.83
C ARG A 10 0.85 -6.50 5.35
N PRO A 11 1.85 -6.07 6.10
CA PRO A 11 1.81 -4.68 6.65
C PRO A 11 2.11 -3.67 5.53
N PRO A 12 1.12 -2.85 5.20
CA PRO A 12 1.32 -1.84 4.13
C PRO A 12 2.25 -0.72 4.59
N SER A 13 2.44 0.26 3.76
CA SER A 13 3.32 1.41 4.11
C SER A 13 2.70 2.70 3.58
N ALA A 14 3.20 3.84 4.00
CA ALA A 14 2.64 5.15 3.52
C ALA A 14 2.63 5.20 1.98
N PHE A 15 3.68 4.74 1.36
CA PHE A 15 3.74 4.77 -0.14
C PHE A 15 2.79 3.73 -0.74
N PHE A 16 2.44 2.71 0.01
CA PHE A 16 1.53 1.66 -0.54
C PHE A 16 0.09 2.20 -0.64
N LEU A 17 -0.29 3.09 0.24
CA LEU A 17 -1.67 3.65 0.15
C LEU A 17 -1.71 4.52 -1.11
N PHE A 18 -1.02 5.65 -1.07
CA PHE A 18 -0.96 6.60 -2.26
C PHE A 18 -0.98 5.82 -3.60
N CYS A 19 -0.09 4.86 -3.76
CA CYS A 19 -0.08 4.08 -5.03
C CYS A 19 -1.35 3.22 -5.16
N SER A 20 -1.78 2.63 -4.07
CA SER A 20 -3.01 1.78 -4.13
C SER A 20 -4.20 2.58 -4.67
N GLU A 21 -4.22 3.87 -4.44
CA GLU A 21 -5.37 4.70 -4.94
C GLU A 21 -5.06 5.31 -6.31
N HIS A 22 -3.80 5.47 -6.64
CA HIS A 22 -3.45 6.06 -7.97
C HIS A 22 -2.99 4.96 -8.95
N ARG A 23 -3.32 3.72 -8.67
CA ARG A 23 -2.90 2.61 -9.58
C ARG A 23 -3.89 2.43 -10.76
N PRO A 24 -5.18 2.47 -10.50
CA PRO A 24 -6.15 2.32 -11.61
C PRO A 24 -6.25 3.60 -12.45
N LYS A 25 -5.60 4.66 -12.03
CA LYS A 25 -5.66 5.94 -12.82
C LYS A 25 -4.55 5.97 -13.88
N ILE A 26 -3.39 5.48 -13.53
CA ILE A 26 -2.26 5.46 -14.51
C ILE A 26 -2.53 4.43 -15.62
N LYS A 27 -3.40 3.49 -15.38
CA LYS A 27 -3.73 2.47 -16.43
C LYS A 27 -4.74 3.03 -17.43
N SER A 28 -5.40 4.13 -17.11
CA SER A 28 -6.39 4.73 -18.06
C SER A 28 -5.64 5.45 -19.20
N GLU A 29 -4.69 6.28 -18.85
CA GLU A 29 -3.91 7.01 -19.90
C GLU A 29 -2.73 6.16 -20.39
N HIS A 30 -2.64 4.92 -19.97
CA HIS A 30 -1.54 4.03 -20.42
C HIS A 30 -2.02 2.57 -20.40
N PRO A 31 -2.72 2.18 -21.44
CA PRO A 31 -3.24 0.80 -21.52
C PRO A 31 -2.07 -0.19 -21.64
N GLY A 32 -1.84 -0.96 -20.61
CA GLY A 32 -0.71 -1.94 -20.64
C GLY A 32 0.36 -1.53 -19.63
N LEU A 33 0.35 -0.28 -19.20
CA LEU A 33 1.37 0.23 -18.22
C LEU A 33 1.59 -0.77 -17.06
N SER A 34 2.78 -1.25 -16.92
CA SER A 34 3.10 -2.24 -15.84
C SER A 34 3.43 -1.52 -14.53
N ILE A 35 3.73 -2.26 -13.50
CA ILE A 35 4.10 -1.64 -12.20
C ILE A 35 5.54 -1.11 -12.25
N GLY A 36 6.25 -1.33 -13.34
CA GLY A 36 7.64 -0.82 -13.47
C GLY A 36 7.61 0.52 -14.21
N ASP A 37 6.54 1.26 -14.05
CA ASP A 37 6.42 2.60 -14.70
C ASP A 37 5.49 3.47 -13.88
N THR A 38 4.29 3.02 -13.61
CA THR A 38 3.33 3.83 -12.81
C THR A 38 3.84 3.94 -11.37
N ALA A 39 4.49 2.91 -10.89
CA ALA A 39 5.04 2.93 -9.50
C ALA A 39 6.24 3.89 -9.46
N LYS A 40 6.93 4.02 -10.56
CA LYS A 40 8.10 4.94 -10.62
C LYS A 40 7.57 6.38 -10.68
N LYS A 41 6.54 6.59 -11.46
CA LYS A 41 5.94 7.96 -11.56
C LYS A 41 5.29 8.33 -10.23
N LEU A 42 4.42 7.48 -9.74
CA LEU A 42 3.73 7.76 -8.43
C LEU A 42 4.73 8.14 -7.34
N GLY A 43 5.79 7.38 -7.21
CA GLY A 43 6.82 7.68 -6.17
C GLY A 43 7.31 9.12 -6.33
N GLU A 44 7.26 9.64 -7.54
CA GLU A 44 7.70 11.04 -7.78
C GLU A 44 6.65 11.98 -7.20
N MET A 45 5.39 11.63 -7.35
CA MET A 45 4.29 12.48 -6.80
C MET A 45 4.16 12.24 -5.30
N TRP A 46 4.34 11.01 -4.87
CA TRP A 46 4.24 10.69 -3.40
C TRP A 46 5.26 11.56 -2.64
N SER A 47 6.51 11.49 -3.02
CA SER A 47 7.54 12.31 -2.33
C SER A 47 7.28 13.81 -2.55
N GLU A 48 6.37 14.16 -3.44
CA GLU A 48 6.06 15.59 -3.67
C GLU A 48 4.76 15.98 -2.96
N GLN A 49 4.04 15.02 -2.42
CA GLN A 49 2.78 15.37 -1.70
C GLN A 49 3.12 15.94 -0.33
N SER A 50 2.35 16.87 0.14
CA SER A 50 2.61 17.47 1.47
C SER A 50 1.73 16.77 2.53
N ALA A 51 0.66 17.39 2.98
CA ALA A 51 -0.22 16.72 3.99
C ALA A 51 -1.52 16.26 3.34
N LYS A 52 -1.92 16.89 2.26
CA LYS A 52 -3.19 16.49 1.57
C LYS A 52 -3.19 15.00 1.22
N ASP A 53 -2.15 14.53 0.57
CA ASP A 53 -2.08 13.09 0.20
C ASP A 53 -0.81 12.45 0.76
N LYS A 54 -0.68 12.45 2.06
CA LYS A 54 0.52 11.86 2.70
C LYS A 54 0.34 11.76 4.22
N GLN A 55 -0.35 12.70 4.81
CA GLN A 55 -0.56 12.67 6.29
C GLN A 55 -1.51 11.52 6.67
N PRO A 56 -2.70 11.52 6.11
CA PRO A 56 -3.68 10.45 6.42
C PRO A 56 -3.26 9.11 5.79
N TYR A 57 -2.23 9.10 4.97
CA TYR A 57 -1.79 7.82 4.33
C TYR A 57 -0.85 7.05 5.25
N GLU A 58 0.08 7.73 5.87
CA GLU A 58 1.03 7.04 6.79
C GLU A 58 0.28 6.56 8.04
N GLN A 59 -0.82 7.19 8.38
CA GLN A 59 -1.62 6.75 9.56
C GLN A 59 -2.56 5.60 9.17
N LYS A 60 -2.72 5.34 7.90
CA LYS A 60 -3.61 4.23 7.45
C LYS A 60 -2.79 2.94 7.40
N ALA A 61 -1.54 3.05 7.02
CA ALA A 61 -0.66 1.85 6.95
C ALA A 61 -0.05 1.59 8.33
N ALA A 62 0.17 2.64 9.08
CA ALA A 62 0.76 2.48 10.45
C ALA A 62 -0.13 1.57 11.30
N LYS A 63 -1.39 1.91 11.46
CA LYS A 63 -2.31 1.04 12.27
C LYS A 63 -2.49 -0.31 11.59
N LEU A 64 -2.13 -0.44 10.34
CA LEU A 64 -2.27 -1.75 9.64
C LEU A 64 -1.04 -2.61 9.93
N LYS A 65 0.11 -1.99 10.04
CA LYS A 65 1.35 -2.75 10.35
C LYS A 65 1.28 -3.26 11.79
N GLU A 66 1.00 -2.39 12.72
CA GLU A 66 0.90 -2.80 14.16
C GLU A 66 -0.11 -3.95 14.31
N LYS A 67 -1.14 -3.95 13.51
CA LYS A 67 -2.16 -5.04 13.58
C LYS A 67 -1.53 -6.37 13.14
N TYR A 68 -0.53 -6.31 12.31
CA TYR A 68 0.15 -7.56 11.83
C TYR A 68 0.89 -8.21 13.00
N GLU A 69 1.45 -7.41 13.86
CA GLU A 69 2.20 -7.95 15.04
C GLU A 69 1.29 -8.82 15.89
N LYS A 70 0.06 -8.42 16.08
CA LYS A 70 -0.89 -9.22 16.89
C LYS A 70 -1.49 -10.32 16.01
N ASP A 71 -1.68 -10.01 14.75
CA ASP A 71 -2.24 -11.02 13.81
C ASP A 71 -1.24 -12.17 13.65
N ILE A 72 -0.01 -11.83 13.35
CA ILE A 72 1.04 -12.88 13.20
C ILE A 72 1.28 -13.56 14.55
N ALA A 73 1.17 -12.83 15.63
CA ALA A 73 1.38 -13.43 16.99
C ALA A 73 0.44 -14.64 17.18
N ALA A 74 -0.80 -14.50 16.82
CA ALA A 74 -1.77 -15.63 16.99
C ALA A 74 -1.47 -16.75 15.98
N TYR A 75 -0.71 -16.46 14.95
CA TYR A 75 -0.34 -17.50 13.95
C TYR A 75 1.12 -17.93 14.14
N ARG A 76 1.86 -17.25 14.99
CA ARG A 76 3.29 -17.60 15.23
C ARG A 76 3.39 -18.92 16.01
N ALA A 77 2.85 -18.95 17.20
CA ALA A 77 2.91 -20.20 18.02
C ALA A 77 1.56 -20.90 18.03
N LYS A 78 1.27 -21.67 17.01
CA LYS A 78 -0.04 -22.39 16.95
C LYS A 78 0.16 -23.82 16.44
N MET A 1 4.71 -14.09 2.61
CA MET A 1 3.56 -13.37 3.21
C MET A 1 2.28 -13.68 2.44
N LYS A 2 2.27 -13.44 1.15
CA LYS A 2 1.05 -13.71 0.32
C LYS A 2 -0.18 -13.05 0.93
N LYS A 3 -1.34 -13.31 0.37
CA LYS A 3 -2.60 -12.70 0.91
C LYS A 3 -3.78 -13.64 0.69
N ASP A 4 -4.31 -14.20 1.74
CA ASP A 4 -5.47 -15.13 1.60
C ASP A 4 -6.75 -14.47 2.12
N PRO A 5 -7.89 -15.10 1.88
CA PRO A 5 -9.17 -14.53 2.34
C PRO A 5 -9.30 -14.67 3.86
N ASN A 6 -8.84 -15.76 4.41
CA ASN A 6 -8.91 -15.96 5.89
C ASN A 6 -7.83 -15.13 6.59
N ALA A 7 -6.73 -14.90 5.93
CA ALA A 7 -5.63 -14.11 6.54
C ALA A 7 -6.01 -12.61 6.58
N PRO A 8 -5.31 -11.86 7.41
CA PRO A 8 -5.58 -10.41 7.52
C PRO A 8 -4.95 -9.64 6.36
N LYS A 9 -5.52 -8.50 6.03
CA LYS A 9 -4.99 -7.67 4.89
C LYS A 9 -3.47 -7.48 4.99
N ARG A 10 -2.82 -7.33 3.87
CA ARG A 10 -1.33 -7.12 3.88
C ARG A 10 -0.98 -5.82 4.60
N PRO A 11 0.21 -5.76 5.16
CA PRO A 11 0.64 -4.55 5.89
C PRO A 11 1.15 -3.48 4.90
N PRO A 12 0.45 -2.36 4.81
CA PRO A 12 0.89 -1.29 3.88
C PRO A 12 2.15 -0.61 4.43
N SER A 13 2.49 0.55 3.92
CA SER A 13 3.71 1.26 4.42
C SER A 13 3.76 2.69 3.91
N ALA A 14 2.65 3.41 3.96
CA ALA A 14 2.60 4.83 3.47
C ALA A 14 2.66 4.85 1.95
N PHE A 15 3.79 4.53 1.37
CA PHE A 15 3.89 4.54 -0.12
C PHE A 15 2.89 3.54 -0.73
N PHE A 16 2.48 2.56 0.02
CA PHE A 16 1.50 1.56 -0.52
C PHE A 16 0.11 2.18 -0.62
N LEU A 17 -0.23 3.09 0.29
CA LEU A 17 -1.56 3.75 0.21
C LEU A 17 -1.59 4.57 -1.09
N PHE A 18 -0.89 5.69 -1.09
CA PHE A 18 -0.82 6.59 -2.31
C PHE A 18 -0.84 5.76 -3.61
N CYS A 19 0.07 4.82 -3.77
CA CYS A 19 0.09 3.99 -5.01
C CYS A 19 -1.19 3.14 -5.10
N SER A 20 -1.62 2.56 -4.01
CA SER A 20 -2.85 1.71 -4.04
C SER A 20 -4.06 2.49 -4.57
N GLU A 21 -4.09 3.79 -4.36
CA GLU A 21 -5.25 4.59 -4.85
C GLU A 21 -4.98 5.16 -6.25
N HIS A 22 -3.73 5.38 -6.61
CA HIS A 22 -3.41 5.92 -7.97
C HIS A 22 -3.00 4.79 -8.92
N ARG A 23 -3.27 3.57 -8.57
CA ARG A 23 -2.88 2.42 -9.45
C ARG A 23 -3.89 2.23 -10.61
N PRO A 24 -5.18 2.27 -10.32
CA PRO A 24 -6.18 2.08 -11.41
C PRO A 24 -6.29 3.34 -12.27
N LYS A 25 -5.62 4.41 -11.91
CA LYS A 25 -5.70 5.65 -12.72
C LYS A 25 -4.60 5.66 -13.79
N ILE A 26 -3.43 5.19 -13.45
CA ILE A 26 -2.31 5.16 -14.45
C ILE A 26 -2.55 4.07 -15.49
N LYS A 27 -3.35 3.08 -15.17
CA LYS A 27 -3.65 1.99 -16.15
C LYS A 27 -4.68 2.46 -17.17
N SER A 28 -5.42 3.50 -16.87
CA SER A 28 -6.45 4.01 -17.84
C SER A 28 -5.75 4.77 -18.97
N GLU A 29 -4.87 5.68 -18.63
CA GLU A 29 -4.14 6.46 -19.67
C GLU A 29 -2.91 5.67 -20.18
N HIS A 30 -2.75 4.45 -19.75
CA HIS A 30 -1.59 3.62 -20.22
C HIS A 30 -1.97 2.14 -20.14
N PRO A 31 -2.63 1.65 -21.17
CA PRO A 31 -3.05 0.23 -21.18
C PRO A 31 -1.82 -0.68 -21.27
N GLY A 32 -1.71 -1.62 -20.37
CA GLY A 32 -0.53 -2.54 -20.38
C GLY A 32 0.55 -2.01 -19.43
N LEU A 33 0.49 -0.74 -19.08
CA LEU A 33 1.52 -0.16 -18.16
C LEU A 33 1.70 -1.02 -16.90
N SER A 34 2.78 -1.77 -16.85
CA SER A 34 3.05 -2.63 -15.67
C SER A 34 3.08 -1.79 -14.38
N ILE A 35 3.43 -2.38 -13.27
CA ILE A 35 3.47 -1.61 -11.99
C ILE A 35 4.88 -1.05 -11.74
N GLY A 36 5.70 -0.99 -12.76
CA GLY A 36 7.08 -0.45 -12.59
C GLY A 36 7.14 1.00 -13.08
N ASP A 37 6.71 1.24 -14.29
CA ASP A 37 6.73 2.63 -14.84
C ASP A 37 5.83 3.55 -14.00
N THR A 38 4.63 3.12 -13.69
CA THR A 38 3.72 3.98 -12.87
C THR A 38 4.31 4.14 -11.47
N ALA A 39 5.02 3.14 -10.99
CA ALA A 39 5.63 3.24 -9.63
C ALA A 39 6.70 4.35 -9.65
N LYS A 40 7.29 4.59 -10.81
CA LYS A 40 8.32 5.67 -10.91
C LYS A 40 7.62 7.03 -11.00
N LYS A 41 6.46 7.06 -11.58
CA LYS A 41 5.70 8.35 -11.69
C LYS A 41 4.91 8.61 -10.41
N LEU A 42 4.65 7.58 -9.65
CA LEU A 42 3.89 7.74 -8.36
C LEU A 42 4.86 8.17 -7.26
N GLY A 43 5.88 7.38 -7.02
CA GLY A 43 6.88 7.73 -5.95
C GLY A 43 7.39 9.14 -6.18
N GLU A 44 7.39 9.60 -7.40
CA GLU A 44 7.85 11.00 -7.69
C GLU A 44 6.79 11.96 -7.15
N MET A 45 5.55 11.61 -7.27
CA MET A 45 4.46 12.48 -6.75
C MET A 45 4.31 12.28 -5.25
N TRP A 46 4.38 11.05 -4.79
CA TRP A 46 4.25 10.77 -3.31
C TRP A 46 5.26 11.63 -2.54
N SER A 47 6.50 11.66 -2.96
CA SER A 47 7.52 12.49 -2.28
C SER A 47 7.18 13.99 -2.42
N GLU A 48 6.22 14.32 -3.25
CA GLU A 48 5.83 15.75 -3.42
C GLU A 48 4.52 16.04 -2.68
N GLN A 49 3.80 15.01 -2.27
CA GLN A 49 2.52 15.25 -1.53
C GLN A 49 2.80 16.02 -0.25
N SER A 50 1.93 16.92 0.10
CA SER A 50 2.15 17.71 1.36
C SER A 50 1.42 16.98 2.52
N ALA A 51 0.45 17.60 3.17
CA ALA A 51 -0.25 16.90 4.29
C ALA A 51 -1.65 16.45 3.84
N LYS A 52 -2.07 16.78 2.64
CA LYS A 52 -3.42 16.36 2.17
C LYS A 52 -3.37 14.91 1.69
N ASP A 53 -2.34 14.56 0.97
CA ASP A 53 -2.21 13.15 0.47
C ASP A 53 -0.92 12.54 0.99
N LYS A 54 -0.76 12.51 2.29
CA LYS A 54 0.48 11.93 2.88
C LYS A 54 0.35 11.79 4.40
N GLN A 55 -0.36 12.67 5.04
CA GLN A 55 -0.52 12.57 6.53
C GLN A 55 -1.44 11.39 6.88
N PRO A 56 -2.64 11.38 6.34
CA PRO A 56 -3.58 10.26 6.63
C PRO A 56 -3.14 8.97 5.92
N TYR A 57 -2.14 9.04 5.07
CA TYR A 57 -1.67 7.82 4.34
C TYR A 57 -0.67 7.04 5.20
N GLU A 58 0.26 7.72 5.83
CA GLU A 58 1.27 7.01 6.68
C GLU A 58 0.65 6.58 8.02
N GLN A 59 -0.43 7.20 8.42
CA GLN A 59 -1.07 6.83 9.72
C GLN A 59 -1.91 5.56 9.54
N LYS A 60 -3.02 5.65 8.83
CA LYS A 60 -3.90 4.46 8.62
C LYS A 60 -3.09 3.23 8.17
N ALA A 61 -1.96 3.45 7.55
CA ALA A 61 -1.12 2.29 7.11
C ALA A 61 -0.19 1.88 8.24
N ALA A 62 0.32 2.85 8.96
CA ALA A 62 1.25 2.54 10.10
C ALA A 62 0.55 1.66 11.13
N LYS A 63 -0.67 2.01 11.50
CA LYS A 63 -1.42 1.19 12.49
C LYS A 63 -1.73 -0.19 11.91
N LEU A 64 -2.40 -0.22 10.78
CA LEU A 64 -2.75 -1.53 10.14
C LEU A 64 -1.49 -2.38 9.97
N LYS A 65 -0.37 -1.76 9.74
CA LYS A 65 0.91 -2.53 9.58
C LYS A 65 1.35 -3.05 10.95
N GLU A 66 1.45 -2.16 11.91
CA GLU A 66 1.87 -2.58 13.28
C GLU A 66 0.88 -3.60 13.85
N LYS A 67 -0.38 -3.46 13.52
CA LYS A 67 -1.41 -4.42 14.05
C LYS A 67 -1.33 -5.75 13.29
N TYR A 68 -0.77 -5.75 12.10
CA TYR A 68 -0.66 -7.02 11.31
C TYR A 68 0.33 -7.96 11.98
N GLU A 69 1.38 -7.42 12.52
CA GLU A 69 2.42 -8.25 13.20
C GLU A 69 1.80 -9.02 14.37
N LYS A 70 0.82 -8.45 15.02
CA LYS A 70 0.15 -9.15 16.15
C LYS A 70 -1.04 -9.93 15.62
N ASP A 71 -1.70 -9.40 14.62
CA ASP A 71 -2.86 -10.11 14.02
C ASP A 71 -2.38 -11.43 13.42
N ILE A 72 -1.44 -11.35 12.52
CA ILE A 72 -0.89 -12.59 11.88
C ILE A 72 -0.39 -13.58 12.94
N ALA A 73 0.37 -13.12 13.90
CA ALA A 73 0.88 -14.04 14.96
C ALA A 73 -0.28 -14.77 15.64
N ALA A 74 -1.20 -14.03 16.20
CA ALA A 74 -2.37 -14.67 16.89
C ALA A 74 -3.14 -15.57 15.92
N TYR A 75 -3.15 -15.22 14.67
CA TYR A 75 -3.86 -16.05 13.65
C TYR A 75 -2.96 -17.18 13.15
N ARG A 76 -1.66 -17.09 13.39
CA ARG A 76 -0.73 -18.15 12.91
C ARG A 76 -0.86 -19.42 13.77
N ALA A 77 -1.65 -19.40 14.82
CA ALA A 77 -1.79 -20.61 15.67
C ALA A 77 -3.26 -21.00 15.79
N LYS A 78 -3.78 -21.72 14.82
CA LYS A 78 -5.21 -22.15 14.87
C LYS A 78 -5.40 -23.43 14.05
N MET A 1 5.52 -20.36 2.80
CA MET A 1 6.58 -20.35 1.75
C MET A 1 6.52 -19.06 0.95
N LYS A 2 5.36 -18.68 0.48
CA LYS A 2 5.23 -17.43 -0.31
C LYS A 2 3.88 -16.77 -0.04
N LYS A 3 3.63 -16.37 1.19
CA LYS A 3 2.32 -15.72 1.54
C LYS A 3 1.14 -16.60 1.09
N ASP A 4 0.59 -17.38 1.99
CA ASP A 4 -0.56 -18.26 1.62
C ASP A 4 -1.86 -17.44 1.60
N PRO A 5 -2.91 -18.03 1.06
CA PRO A 5 -4.22 -17.31 1.00
C PRO A 5 -4.85 -17.23 2.39
N ASN A 6 -4.63 -18.22 3.21
CA ASN A 6 -5.22 -18.20 4.58
C ASN A 6 -4.50 -17.17 5.46
N ALA A 7 -3.20 -17.04 5.28
CA ALA A 7 -2.42 -16.05 6.09
C ALA A 7 -2.48 -14.68 5.44
N PRO A 8 -2.19 -13.65 6.21
CA PRO A 8 -2.20 -12.27 5.69
C PRO A 8 -0.91 -11.96 4.92
N LYS A 9 -0.86 -10.83 4.28
CA LYS A 9 0.37 -10.46 3.51
C LYS A 9 1.02 -9.21 4.11
N ARG A 10 2.13 -8.79 3.55
CA ARG A 10 2.83 -7.58 4.10
C ARG A 10 1.88 -6.36 4.12
N PRO A 11 1.91 -5.61 5.20
CA PRO A 11 1.02 -4.43 5.31
C PRO A 11 1.55 -3.27 4.44
N PRO A 12 0.77 -2.22 4.33
CA PRO A 12 1.19 -1.05 3.52
C PRO A 12 2.37 -0.34 4.20
N SER A 13 2.66 0.89 3.82
CA SER A 13 3.79 1.63 4.45
C SER A 13 3.87 3.06 3.92
N ALA A 14 2.78 3.81 3.99
CA ALA A 14 2.76 5.22 3.46
C ALA A 14 2.80 5.19 1.94
N PHE A 15 3.93 4.85 1.37
CA PHE A 15 4.03 4.80 -0.12
C PHE A 15 3.03 3.78 -0.68
N PHE A 16 2.66 2.80 0.10
CA PHE A 16 1.69 1.77 -0.39
C PHE A 16 0.29 2.36 -0.50
N LEU A 17 -0.05 3.29 0.37
CA LEU A 17 -1.39 3.93 0.29
C LEU A 17 -1.44 4.72 -1.02
N PHE A 18 -0.76 5.85 -1.06
CA PHE A 18 -0.71 6.71 -2.31
C PHE A 18 -0.71 5.84 -3.59
N CYS A 19 0.20 4.91 -3.71
CA CYS A 19 0.22 4.04 -4.92
C CYS A 19 -1.05 3.19 -4.99
N SER A 20 -1.48 2.64 -3.88
CA SER A 20 -2.70 1.79 -3.88
C SER A 20 -3.92 2.58 -4.38
N GLU A 21 -3.95 3.87 -4.17
CA GLU A 21 -5.11 4.68 -4.63
C GLU A 21 -4.86 5.24 -6.04
N HIS A 22 -3.62 5.43 -6.42
CA HIS A 22 -3.33 5.96 -7.79
C HIS A 22 -2.91 4.83 -8.73
N ARG A 23 -3.21 3.60 -8.38
CA ARG A 23 -2.83 2.45 -9.26
C ARG A 23 -3.85 2.24 -10.41
N PRO A 24 -5.14 2.28 -10.10
CA PRO A 24 -6.15 2.09 -11.16
C PRO A 24 -6.28 3.33 -12.04
N LYS A 25 -5.62 4.41 -11.69
CA LYS A 25 -5.71 5.66 -12.51
C LYS A 25 -4.64 5.64 -13.61
N ILE A 26 -3.47 5.15 -13.29
CA ILE A 26 -2.37 5.11 -14.31
C ILE A 26 -2.64 4.00 -15.33
N LYS A 27 -3.43 3.02 -14.98
CA LYS A 27 -3.74 1.91 -15.94
C LYS A 27 -4.79 2.37 -16.97
N SER A 28 -5.54 3.41 -16.66
CA SER A 28 -6.58 3.89 -17.62
C SER A 28 -5.90 4.65 -18.77
N GLU A 29 -5.01 5.56 -18.45
CA GLU A 29 -4.29 6.33 -19.51
C GLU A 29 -3.07 5.55 -20.02
N HIS A 30 -2.90 4.32 -19.60
CA HIS A 30 -1.75 3.50 -20.08
C HIS A 30 -2.11 2.01 -19.97
N PRO A 31 -2.78 1.51 -20.99
CA PRO A 31 -3.19 0.08 -20.98
C PRO A 31 -1.95 -0.82 -21.07
N GLY A 32 -1.81 -1.75 -20.17
CA GLY A 32 -0.63 -2.65 -20.19
C GLY A 32 0.45 -2.12 -19.25
N LEU A 33 0.40 -0.84 -18.92
CA LEU A 33 1.43 -0.23 -18.00
C LEU A 33 1.61 -1.08 -16.74
N SER A 34 2.67 -1.85 -16.68
CA SER A 34 2.94 -2.71 -15.49
C SER A 34 3.00 -1.85 -14.22
N ILE A 35 3.35 -2.44 -13.11
CA ILE A 35 3.42 -1.66 -11.84
C ILE A 35 4.83 -1.12 -11.61
N GLY A 36 5.65 -1.08 -12.64
CA GLY A 36 7.03 -0.55 -12.49
C GLY A 36 7.10 0.90 -13.00
N ASP A 37 6.65 1.11 -14.22
CA ASP A 37 6.69 2.50 -14.79
C ASP A 37 5.81 3.44 -13.96
N THR A 38 4.59 3.03 -13.65
CA THR A 38 3.70 3.92 -12.85
C THR A 38 4.27 4.09 -11.44
N ALA A 39 4.96 3.09 -10.96
CA ALA A 39 5.59 3.19 -9.61
C ALA A 39 6.68 4.27 -9.64
N LYS A 40 7.28 4.47 -10.80
CA LYS A 40 8.34 5.51 -10.92
C LYS A 40 7.69 6.89 -11.02
N LYS A 41 6.52 6.96 -11.62
CA LYS A 41 5.80 8.27 -11.74
C LYS A 41 5.01 8.55 -10.46
N LEU A 42 4.70 7.52 -9.70
CA LEU A 42 3.94 7.71 -8.42
C LEU A 42 4.91 8.20 -7.35
N GLY A 43 5.94 7.43 -7.07
CA GLY A 43 6.93 7.82 -6.03
C GLY A 43 7.41 9.26 -6.28
N GLU A 44 7.36 9.71 -7.51
CA GLU A 44 7.78 11.11 -7.82
C GLU A 44 6.74 12.07 -7.24
N MET A 45 5.48 11.73 -7.38
CA MET A 45 4.40 12.61 -6.84
C MET A 45 4.28 12.39 -5.33
N TRP A 46 4.42 11.16 -4.88
CA TRP A 46 4.33 10.87 -3.41
C TRP A 46 5.34 11.74 -2.66
N SER A 47 6.58 11.74 -3.10
CA SER A 47 7.62 12.58 -2.42
C SER A 47 7.31 14.08 -2.62
N GLU A 48 6.36 14.41 -3.47
CA GLU A 48 6.00 15.83 -3.68
C GLU A 48 4.71 16.19 -2.94
N GLN A 49 4.02 15.21 -2.40
CA GLN A 49 2.77 15.51 -1.66
C GLN A 49 3.12 16.17 -0.33
N SER A 50 2.31 17.08 0.12
CA SER A 50 2.58 17.74 1.43
C SER A 50 1.75 17.05 2.52
N ALA A 51 0.70 17.67 3.04
CA ALA A 51 -0.11 16.99 4.09
C ALA A 51 -1.45 16.52 3.50
N LYS A 52 -1.90 17.16 2.44
CA LYS A 52 -3.20 16.77 1.81
C LYS A 52 -3.21 15.28 1.42
N ASP A 53 -2.19 14.83 0.72
CA ASP A 53 -2.14 13.40 0.31
C ASP A 53 -0.86 12.74 0.83
N LYS A 54 -0.69 12.71 2.12
CA LYS A 54 0.52 12.09 2.72
C LYS A 54 0.39 11.96 4.23
N GLN A 55 -0.33 12.86 4.87
CA GLN A 55 -0.50 12.79 6.35
C GLN A 55 -1.50 11.69 6.75
N PRO A 56 -2.66 11.69 6.14
CA PRO A 56 -3.68 10.66 6.48
C PRO A 56 -3.31 9.29 5.89
N TYR A 57 -2.32 9.23 5.03
CA TYR A 57 -1.92 7.91 4.43
C TYR A 57 -0.90 7.21 5.33
N GLU A 58 -0.04 7.97 5.97
CA GLU A 58 0.98 7.33 6.87
C GLU A 58 0.31 6.90 8.18
N GLN A 59 -0.80 7.50 8.53
CA GLN A 59 -1.52 7.09 9.78
C GLN A 59 -2.52 5.98 9.48
N LYS A 60 -2.78 5.72 8.22
CA LYS A 60 -3.72 4.62 7.85
C LYS A 60 -2.93 3.34 7.66
N ALA A 61 -1.72 3.45 7.18
CA ALA A 61 -0.84 2.27 6.99
C ALA A 61 -0.13 1.95 8.30
N ALA A 62 0.15 2.98 9.08
CA ALA A 62 0.84 2.75 10.39
C ALA A 62 0.00 1.82 11.27
N LYS A 63 -1.22 2.20 11.58
CA LYS A 63 -2.08 1.32 12.43
C LYS A 63 -2.39 0.01 11.69
N LEU A 64 -2.15 -0.06 10.41
CA LEU A 64 -2.42 -1.30 9.65
C LEU A 64 -1.22 -2.24 9.82
N LYS A 65 -0.04 -1.69 9.88
CA LYS A 65 1.18 -2.54 10.06
C LYS A 65 1.13 -3.18 11.45
N GLU A 66 0.86 -2.40 12.47
CA GLU A 66 0.77 -2.95 13.85
C GLU A 66 -0.25 -4.09 13.92
N LYS A 67 -1.26 -4.04 13.08
CA LYS A 67 -2.29 -5.12 13.07
C LYS A 67 -1.70 -6.41 12.51
N TYR A 68 -0.74 -6.29 11.61
CA TYR A 68 -0.10 -7.50 11.01
C TYR A 68 0.68 -8.25 12.10
N GLU A 69 1.29 -7.51 12.99
CA GLU A 69 2.09 -8.14 14.09
C GLU A 69 1.21 -9.10 14.91
N LYS A 70 -0.02 -8.72 15.16
CA LYS A 70 -0.94 -9.60 15.93
C LYS A 70 -1.55 -10.62 14.98
N ASP A 71 -1.87 -10.20 13.79
CA ASP A 71 -2.44 -11.14 12.78
C ASP A 71 -1.45 -12.25 12.49
N ILE A 72 -0.24 -11.89 12.12
CA ILE A 72 0.81 -12.92 11.84
C ILE A 72 1.04 -13.78 13.10
N ALA A 73 0.96 -13.18 14.27
CA ALA A 73 1.18 -13.96 15.53
C ALA A 73 0.22 -15.16 15.61
N ALA A 74 -1.03 -14.95 15.31
CA ALA A 74 -2.02 -16.07 15.36
C ALA A 74 -1.71 -17.11 14.27
N TYR A 75 -0.98 -16.72 13.26
CA TYR A 75 -0.63 -17.69 12.16
C TYR A 75 0.85 -18.10 12.28
N ARG A 76 1.59 -17.50 13.18
CA ARG A 76 3.03 -17.86 13.34
C ARG A 76 3.17 -19.31 13.80
N ALA A 77 2.66 -19.63 14.96
CA ALA A 77 2.76 -21.03 15.47
C ALA A 77 1.37 -21.65 15.61
N LYS A 78 0.62 -21.25 16.61
CA LYS A 78 -0.75 -21.79 16.82
C LYS A 78 -0.73 -23.32 16.87
N MET A 1 2.30 -20.52 -4.06
CA MET A 1 1.27 -19.48 -3.75
C MET A 1 1.45 -18.97 -2.32
N LYS A 2 0.84 -17.86 -2.00
CA LYS A 2 0.96 -17.29 -0.62
C LYS A 2 -0.35 -16.63 -0.20
N LYS A 3 -0.35 -15.95 0.93
CA LYS A 3 -1.60 -15.28 1.42
C LYS A 3 -2.77 -16.26 1.47
N ASP A 4 -3.04 -16.81 2.63
CA ASP A 4 -4.17 -17.78 2.76
C ASP A 4 -5.51 -17.03 2.78
N PRO A 5 -6.60 -17.77 2.63
CA PRO A 5 -7.93 -17.13 2.63
C PRO A 5 -8.31 -16.68 4.04
N ASN A 6 -7.91 -17.43 5.04
CA ASN A 6 -8.24 -17.04 6.45
C ASN A 6 -7.24 -16.01 6.96
N ALA A 7 -6.01 -16.07 6.51
CA ALA A 7 -4.99 -15.09 6.97
C ALA A 7 -5.43 -13.65 6.64
N PRO A 8 -4.80 -12.69 7.28
CA PRO A 8 -5.13 -11.28 7.05
C PRO A 8 -4.52 -10.77 5.74
N LYS A 9 -5.10 -9.74 5.17
CA LYS A 9 -4.56 -9.19 3.89
C LYS A 9 -3.11 -8.74 4.07
N ARG A 10 -2.55 -8.13 3.04
CA ARG A 10 -1.15 -7.64 3.13
C ARG A 10 -1.10 -6.32 3.91
N PRO A 11 -0.07 -6.15 4.71
CA PRO A 11 0.05 -4.90 5.51
C PRO A 11 0.46 -3.72 4.61
N PRO A 12 -0.18 -2.58 4.79
CA PRO A 12 0.16 -1.39 3.96
C PRO A 12 1.51 -0.83 4.41
N SER A 13 1.94 0.26 3.80
CA SER A 13 3.26 0.85 4.20
C SER A 13 3.35 2.31 3.73
N ALA A 14 2.26 3.05 3.81
CA ALA A 14 2.26 4.48 3.37
C ALA A 14 2.33 4.55 1.84
N PHE A 15 3.48 4.25 1.29
CA PHE A 15 3.61 4.30 -0.21
C PHE A 15 2.63 3.32 -0.86
N PHE A 16 2.27 2.26 -0.17
CA PHE A 16 1.33 1.26 -0.76
C PHE A 16 -0.07 1.87 -0.86
N LEU A 17 -0.43 2.74 0.05
CA LEU A 17 -1.78 3.39 -0.05
C LEU A 17 -1.77 4.27 -1.28
N PHE A 18 -1.04 5.37 -1.22
CA PHE A 18 -0.93 6.33 -2.39
C PHE A 18 -0.94 5.56 -3.73
N CYS A 19 -0.03 4.62 -3.91
CA CYS A 19 0.00 3.87 -5.21
C CYS A 19 -1.28 3.05 -5.35
N SER A 20 -1.73 2.41 -4.30
CA SER A 20 -2.96 1.58 -4.38
C SER A 20 -4.15 2.41 -4.88
N GLU A 21 -4.20 3.68 -4.55
CA GLU A 21 -5.34 4.53 -5.01
C GLU A 21 -5.05 5.16 -6.38
N HIS A 22 -3.80 5.39 -6.71
CA HIS A 22 -3.48 6.00 -8.04
C HIS A 22 -3.04 4.93 -9.05
N ARG A 23 -3.35 3.68 -8.78
CA ARG A 23 -2.95 2.59 -9.71
C ARG A 23 -3.93 2.46 -10.90
N PRO A 24 -5.23 2.50 -10.64
CA PRO A 24 -6.19 2.38 -11.75
C PRO A 24 -6.26 3.68 -12.58
N LYS A 25 -5.56 4.71 -12.17
CA LYS A 25 -5.59 5.99 -12.94
C LYS A 25 -4.49 5.99 -13.99
N ILE A 26 -3.32 5.50 -13.64
CA ILE A 26 -2.19 5.47 -14.61
C ILE A 26 -2.45 4.42 -15.71
N LYS A 27 -3.31 3.46 -15.44
CA LYS A 27 -3.62 2.43 -16.47
C LYS A 27 -4.61 2.99 -17.50
N SER A 28 -5.30 4.04 -17.18
CA SER A 28 -6.28 4.64 -18.15
C SER A 28 -5.52 5.38 -19.26
N GLU A 29 -4.61 6.24 -18.89
CA GLU A 29 -3.82 6.98 -19.91
C GLU A 29 -2.63 6.14 -20.42
N HIS A 30 -2.52 4.91 -19.97
CA HIS A 30 -1.40 4.04 -20.42
C HIS A 30 -1.86 2.57 -20.39
N PRO A 31 -2.49 2.13 -21.46
CA PRO A 31 -2.97 0.73 -21.52
C PRO A 31 -1.77 -0.23 -21.58
N GLY A 32 -1.74 -1.19 -20.69
CA GLY A 32 -0.59 -2.16 -20.69
C GLY A 32 0.49 -1.69 -19.72
N LEU A 33 0.45 -0.44 -19.31
CA LEU A 33 1.49 0.10 -18.36
C LEU A 33 1.63 -0.81 -17.14
N SER A 34 2.69 -1.59 -17.09
CA SER A 34 2.91 -2.50 -15.92
C SER A 34 2.97 -1.70 -14.62
N ILE A 35 3.36 -2.32 -13.54
CA ILE A 35 3.44 -1.60 -12.23
C ILE A 35 4.84 -1.05 -12.00
N GLY A 36 5.64 -0.93 -13.03
CA GLY A 36 7.03 -0.40 -12.88
C GLY A 36 7.07 1.07 -13.30
N ASP A 37 6.66 1.35 -14.50
CA ASP A 37 6.68 2.77 -14.99
C ASP A 37 5.76 3.64 -14.12
N THR A 38 4.59 3.15 -13.80
CA THR A 38 3.64 3.96 -12.96
C THR A 38 4.15 4.01 -11.52
N ALA A 39 4.86 3.00 -11.09
CA ALA A 39 5.40 2.99 -9.70
C ALA A 39 6.56 3.99 -9.60
N LYS A 40 7.24 4.22 -10.70
CA LYS A 40 8.36 5.21 -10.71
C LYS A 40 7.76 6.61 -10.71
N LYS A 41 6.73 6.81 -11.49
CA LYS A 41 6.07 8.14 -11.54
C LYS A 41 5.39 8.44 -10.21
N LEU A 42 4.56 7.53 -9.75
CA LEU A 42 3.84 7.72 -8.44
C LEU A 42 4.82 8.09 -7.32
N GLY A 43 5.91 7.35 -7.20
CA GLY A 43 6.91 7.66 -6.14
C GLY A 43 7.36 9.12 -6.26
N GLU A 44 7.32 9.66 -7.45
CA GLU A 44 7.72 11.09 -7.64
C GLU A 44 6.62 11.98 -7.06
N MET A 45 5.38 11.59 -7.24
CA MET A 45 4.25 12.39 -6.70
C MET A 45 4.11 12.11 -5.20
N TRP A 46 4.33 10.88 -4.79
CA TRP A 46 4.24 10.54 -3.33
C TRP A 46 5.23 11.40 -2.55
N SER A 47 6.48 11.40 -2.95
CA SER A 47 7.50 12.24 -2.25
C SER A 47 7.17 13.74 -2.42
N GLU A 48 6.27 14.07 -3.31
CA GLU A 48 5.89 15.50 -3.51
C GLU A 48 4.56 15.80 -2.81
N GLN A 49 3.87 14.79 -2.34
CA GLN A 49 2.58 15.05 -1.64
C GLN A 49 2.87 15.71 -0.30
N SER A 50 2.01 16.59 0.13
CA SER A 50 2.21 17.26 1.45
C SER A 50 1.39 16.50 2.52
N ALA A 51 0.32 17.06 3.02
CA ALA A 51 -0.50 16.35 4.04
C ALA A 51 -1.81 15.83 3.40
N LYS A 52 -2.24 16.43 2.32
CA LYS A 52 -3.50 15.98 1.65
C LYS A 52 -3.43 14.50 1.28
N ASP A 53 -2.38 14.09 0.62
CA ASP A 53 -2.26 12.64 0.23
C ASP A 53 -0.94 12.07 0.76
N LYS A 54 -0.80 12.05 2.05
CA LYS A 54 0.44 11.50 2.68
C LYS A 54 0.29 11.38 4.19
N GLN A 55 -0.44 12.27 4.80
CA GLN A 55 -0.63 12.22 6.29
C GLN A 55 -1.63 11.12 6.68
N PRO A 56 -2.81 11.15 6.08
CA PRO A 56 -3.83 10.12 6.42
C PRO A 56 -3.46 8.76 5.82
N TYR A 57 -2.47 8.71 4.95
CA TYR A 57 -2.07 7.40 4.35
C TYR A 57 -0.93 6.77 5.16
N GLU A 58 -0.09 7.59 5.74
CA GLU A 58 1.04 7.03 6.55
C GLU A 58 0.56 6.66 7.96
N GLN A 59 -0.42 7.37 8.46
CA GLN A 59 -0.95 7.07 9.81
C GLN A 59 -1.73 5.75 9.77
N LYS A 60 -2.84 5.73 9.08
CA LYS A 60 -3.67 4.49 8.99
C LYS A 60 -2.83 3.26 8.62
N ALA A 61 -1.67 3.44 8.02
CA ALA A 61 -0.82 2.27 7.65
C ALA A 61 0.19 2.01 8.76
N ALA A 62 0.71 3.04 9.38
CA ALA A 62 1.69 2.86 10.48
C ALA A 62 1.03 2.15 11.66
N LYS A 63 -0.22 2.45 11.91
CA LYS A 63 -0.94 1.81 13.05
C LYS A 63 -1.37 0.39 12.66
N LEU A 64 -2.19 0.26 11.63
CA LEU A 64 -2.65 -1.09 11.19
C LEU A 64 -1.47 -2.06 11.02
N LYS A 65 -0.31 -1.53 10.74
CA LYS A 65 0.88 -2.41 10.58
C LYS A 65 1.27 -2.98 11.95
N GLU A 66 1.32 -2.13 12.95
CA GLU A 66 1.68 -2.59 14.32
C GLU A 66 0.70 -3.66 14.80
N LYS A 67 -0.57 -3.48 14.51
CA LYS A 67 -1.59 -4.49 14.93
C LYS A 67 -1.51 -5.72 14.02
N TYR A 68 -1.03 -5.56 12.82
CA TYR A 68 -0.92 -6.73 11.88
C TYR A 68 0.09 -7.73 12.44
N GLU A 69 1.25 -7.27 12.80
CA GLU A 69 2.31 -8.17 13.36
C GLU A 69 1.76 -9.02 14.51
N LYS A 70 0.88 -8.45 15.29
CA LYS A 70 0.26 -9.21 16.41
C LYS A 70 -0.86 -10.08 15.85
N ASP A 71 -1.58 -9.54 14.89
CA ASP A 71 -2.68 -10.29 14.24
C ASP A 71 -2.09 -11.52 13.53
N ILE A 72 -1.14 -11.29 12.65
CA ILE A 72 -0.50 -12.42 11.91
C ILE A 72 0.08 -13.45 12.91
N ALA A 73 0.76 -12.98 13.93
CA ALA A 73 1.35 -13.92 14.94
C ALA A 73 0.25 -14.82 15.54
N ALA A 74 -0.80 -14.22 16.06
CA ALA A 74 -1.90 -15.03 16.66
C ALA A 74 -2.66 -15.78 15.58
N TYR A 75 -2.80 -15.19 14.42
CA TYR A 75 -3.54 -15.88 13.31
C TYR A 75 -2.63 -16.89 12.59
N ARG A 76 -1.36 -16.93 12.92
CA ARG A 76 -0.43 -17.89 12.26
C ARG A 76 -0.71 -19.32 12.76
N ALA A 77 -1.90 -19.81 12.50
CA ALA A 77 -2.28 -21.19 12.94
C ALA A 77 -2.16 -21.31 14.46
N LYS A 78 -2.93 -20.53 15.19
CA LYS A 78 -2.86 -20.59 16.68
C LYS A 78 -3.20 -22.00 17.17
N MET A 1 -0.88 -17.72 -4.86
CA MET A 1 -0.23 -16.95 -3.75
C MET A 1 -1.15 -15.81 -3.29
N LYS A 2 -1.86 -16.02 -2.20
CA LYS A 2 -2.77 -14.95 -1.69
C LYS A 2 -3.16 -15.25 -0.24
N LYS A 3 -3.59 -14.24 0.48
CA LYS A 3 -3.98 -14.46 1.91
C LYS A 3 -5.50 -14.68 2.00
N ASP A 4 -5.92 -15.55 2.90
CA ASP A 4 -7.38 -15.82 3.04
C ASP A 4 -8.04 -14.73 3.89
N PRO A 5 -9.35 -14.73 3.93
CA PRO A 5 -10.08 -13.71 4.73
C PRO A 5 -9.91 -13.97 6.23
N ASN A 6 -9.65 -15.20 6.60
CA ASN A 6 -9.48 -15.52 8.05
C ASN A 6 -8.30 -14.75 8.64
N ALA A 7 -7.30 -14.48 7.83
CA ALA A 7 -6.12 -13.72 8.34
C ALA A 7 -6.47 -12.24 8.55
N PRO A 8 -5.76 -11.58 9.44
CA PRO A 8 -6.02 -10.16 9.71
C PRO A 8 -5.34 -9.24 8.69
N LYS A 9 -5.78 -9.33 7.46
CA LYS A 9 -5.24 -8.47 6.36
C LYS A 9 -3.71 -8.53 6.30
N ARG A 10 -3.13 -7.82 5.35
CA ARG A 10 -1.64 -7.82 5.22
C ARG A 10 -1.09 -6.47 5.72
N PRO A 11 0.19 -6.43 6.00
CA PRO A 11 0.81 -5.17 6.48
C PRO A 11 0.95 -4.17 5.31
N PRO A 12 0.20 -3.09 5.34
CA PRO A 12 0.28 -2.10 4.25
C PRO A 12 1.39 -1.08 4.49
N SER A 13 1.92 -0.54 3.42
CA SER A 13 2.99 0.49 3.54
C SER A 13 2.43 1.82 3.04
N ALA A 14 2.96 2.94 3.49
CA ALA A 14 2.43 4.26 3.00
C ALA A 14 2.53 4.33 1.48
N PHE A 15 3.68 4.04 0.93
CA PHE A 15 3.83 4.08 -0.55
C PHE A 15 2.87 3.07 -1.20
N PHE A 16 2.47 2.06 -0.46
CA PHE A 16 1.53 1.05 -1.03
C PHE A 16 0.12 1.63 -1.12
N LEU A 17 -0.25 2.47 -0.17
CA LEU A 17 -1.61 3.10 -0.24
C LEU A 17 -1.61 4.01 -1.47
N PHE A 18 -0.93 5.13 -1.39
CA PHE A 18 -0.84 6.10 -2.54
C PHE A 18 -0.79 5.35 -3.90
N CYS A 19 0.13 4.43 -4.06
CA CYS A 19 0.21 3.66 -5.35
C CYS A 19 -1.06 2.82 -5.53
N SER A 20 -1.52 2.17 -4.50
CA SER A 20 -2.75 1.32 -4.62
C SER A 20 -3.93 2.16 -5.11
N GLU A 21 -4.01 3.41 -4.72
CA GLU A 21 -5.16 4.26 -5.17
C GLU A 21 -4.86 4.92 -6.52
N HIS A 22 -3.60 5.13 -6.84
CA HIS A 22 -3.25 5.76 -8.15
C HIS A 22 -2.80 4.70 -9.17
N ARG A 23 -3.15 3.46 -8.94
CA ARG A 23 -2.75 2.38 -9.90
C ARG A 23 -3.78 2.25 -11.05
N PRO A 24 -5.06 2.28 -10.74
CA PRO A 24 -6.08 2.17 -11.82
C PRO A 24 -6.22 3.51 -12.57
N LYS A 25 -5.62 4.56 -12.07
CA LYS A 25 -5.71 5.88 -12.76
C LYS A 25 -4.69 5.93 -13.89
N ILE A 26 -3.53 5.36 -13.68
CA ILE A 26 -2.49 5.36 -14.76
C ILE A 26 -2.90 4.40 -15.89
N LYS A 27 -3.91 3.59 -15.69
CA LYS A 27 -4.36 2.66 -16.76
C LYS A 27 -5.28 3.37 -17.75
N SER A 28 -5.85 4.49 -17.34
CA SER A 28 -6.75 5.25 -18.27
C SER A 28 -5.93 5.97 -19.34
N GLU A 29 -4.88 6.64 -18.93
CA GLU A 29 -4.02 7.36 -19.92
C GLU A 29 -2.93 6.44 -20.49
N HIS A 30 -2.93 5.18 -20.10
CA HIS A 30 -1.91 4.23 -20.63
C HIS A 30 -2.54 2.83 -20.67
N PRO A 31 -3.20 2.53 -21.76
CA PRO A 31 -3.85 1.20 -21.90
C PRO A 31 -2.79 0.10 -21.94
N GLY A 32 -2.26 -0.26 -20.80
CA GLY A 32 -1.22 -1.31 -20.75
C GLY A 32 0.07 -0.71 -20.17
N LEU A 33 0.05 -0.28 -18.94
CA LEU A 33 1.28 0.27 -18.29
C LEU A 33 1.77 -0.78 -17.28
N SER A 34 3.06 -0.85 -17.02
CA SER A 34 3.55 -1.87 -16.06
C SER A 34 3.92 -1.19 -14.73
N ILE A 35 4.68 -1.87 -13.89
CA ILE A 35 5.09 -1.26 -12.59
C ILE A 35 6.41 -0.50 -12.75
N GLY A 36 6.81 -0.20 -13.97
CA GLY A 36 8.09 0.55 -14.18
C GLY A 36 7.79 2.03 -14.35
N ASP A 37 7.09 2.39 -15.40
CA ASP A 37 6.75 3.83 -15.62
C ASP A 37 5.80 4.32 -14.54
N THR A 38 4.74 3.59 -14.29
CA THR A 38 3.75 4.01 -13.25
C THR A 38 4.44 4.14 -11.88
N ALA A 39 5.41 3.29 -11.61
CA ALA A 39 6.12 3.36 -10.30
C ALA A 39 7.06 4.57 -10.28
N LYS A 40 7.57 4.96 -11.43
CA LYS A 40 8.49 6.13 -11.49
C LYS A 40 7.68 7.42 -11.40
N LYS A 41 6.48 7.41 -11.93
CA LYS A 41 5.63 8.64 -11.88
C LYS A 41 4.91 8.75 -10.52
N LEU A 42 4.73 7.63 -9.85
CA LEU A 42 4.05 7.66 -8.52
C LEU A 42 5.04 8.07 -7.43
N GLY A 43 6.12 7.33 -7.28
CA GLY A 43 7.13 7.66 -6.22
C GLY A 43 7.54 9.13 -6.34
N GLU A 44 7.48 9.68 -7.52
CA GLU A 44 7.83 11.12 -7.70
C GLU A 44 6.71 11.96 -7.11
N MET A 45 5.49 11.53 -7.27
CA MET A 45 4.34 12.29 -6.71
C MET A 45 4.20 11.98 -5.22
N TRP A 46 4.45 10.75 -4.83
CA TRP A 46 4.35 10.38 -3.38
C TRP A 46 5.30 11.27 -2.57
N SER A 47 6.56 11.29 -2.94
CA SER A 47 7.53 12.17 -2.21
C SER A 47 7.19 13.65 -2.44
N GLU A 48 6.30 13.95 -3.35
CA GLU A 48 5.91 15.36 -3.61
C GLU A 48 4.52 15.65 -3.04
N GLN A 49 3.81 14.64 -2.57
CA GLN A 49 2.47 14.88 -2.00
C GLN A 49 2.61 15.57 -0.64
N SER A 50 1.68 16.40 -0.30
CA SER A 50 1.74 17.10 1.02
C SER A 50 0.91 16.28 2.03
N ALA A 51 0.36 16.92 3.02
CA ALA A 51 -0.47 16.17 4.02
C ALA A 51 -1.77 15.68 3.37
N LYS A 52 -2.18 16.29 2.28
CA LYS A 52 -3.44 15.86 1.61
C LYS A 52 -3.35 14.39 1.19
N ASP A 53 -2.28 14.00 0.53
CA ASP A 53 -2.13 12.58 0.10
C ASP A 53 -0.82 11.99 0.63
N LYS A 54 -0.70 11.93 1.93
CA LYS A 54 0.54 11.37 2.56
C LYS A 54 0.36 11.23 4.09
N GLN A 55 -0.36 12.13 4.69
CA GLN A 55 -0.56 12.06 6.17
C GLN A 55 -1.54 10.93 6.56
N PRO A 56 -2.71 10.93 5.97
CA PRO A 56 -3.71 9.88 6.30
C PRO A 56 -3.31 8.52 5.71
N TYR A 57 -2.30 8.47 4.86
CA TYR A 57 -1.89 7.16 4.26
C TYR A 57 -0.84 6.48 5.14
N GLU A 58 0.03 7.25 5.75
CA GLU A 58 1.09 6.64 6.62
C GLU A 58 0.55 6.42 8.04
N GLN A 59 -0.44 7.18 8.44
CA GLN A 59 -1.03 6.99 9.81
C GLN A 59 -2.14 5.94 9.78
N LYS A 60 -2.44 5.40 8.62
CA LYS A 60 -3.49 4.35 8.52
C LYS A 60 -2.82 2.99 8.33
N ALA A 61 -1.65 2.98 7.74
CA ALA A 61 -0.92 1.69 7.53
C ALA A 61 0.08 1.48 8.67
N ALA A 62 0.60 2.55 9.22
CA ALA A 62 1.57 2.43 10.34
C ALA A 62 0.86 2.03 11.63
N LYS A 63 -0.37 2.45 11.81
CA LYS A 63 -1.12 2.09 13.05
C LYS A 63 -1.87 0.75 12.84
N LEU A 64 -1.85 0.22 11.65
CA LEU A 64 -2.54 -1.08 11.39
C LEU A 64 -1.51 -2.21 11.27
N LYS A 65 -0.29 -1.87 10.91
CA LYS A 65 0.77 -2.91 10.78
C LYS A 65 1.21 -3.39 12.16
N GLU A 66 1.34 -2.49 13.10
CA GLU A 66 1.75 -2.88 14.49
C GLU A 66 0.70 -3.80 15.11
N LYS A 67 -0.56 -3.59 14.79
CA LYS A 67 -1.65 -4.46 15.36
C LYS A 67 -1.64 -5.83 14.68
N TYR A 68 -1.07 -5.93 13.51
CA TYR A 68 -1.03 -7.25 12.80
C TYR A 68 0.00 -8.17 13.47
N GLU A 69 1.06 -7.59 13.97
CA GLU A 69 2.12 -8.41 14.64
C GLU A 69 1.53 -9.15 15.84
N LYS A 70 0.64 -8.53 16.55
CA LYS A 70 0.00 -9.20 17.72
C LYS A 70 -1.15 -10.07 17.22
N ASP A 71 -1.95 -9.53 16.34
CA ASP A 71 -3.09 -10.29 15.76
C ASP A 71 -2.59 -11.61 15.16
N ILE A 72 -1.64 -11.54 14.27
CA ILE A 72 -1.09 -12.77 13.64
C ILE A 72 -0.47 -13.68 14.72
N ALA A 73 -0.01 -13.12 15.80
CA ALA A 73 0.60 -13.96 16.88
C ALA A 73 -0.45 -14.91 17.48
N ALA A 74 -1.58 -14.39 17.85
CA ALA A 74 -2.64 -15.26 18.45
C ALA A 74 -3.34 -16.08 17.36
N TYR A 75 -3.39 -15.54 16.17
CA TYR A 75 -4.04 -16.28 15.05
C TYR A 75 -3.10 -17.38 14.55
N ARG A 76 -1.82 -17.23 14.74
CA ARG A 76 -0.86 -18.27 14.28
C ARG A 76 -1.06 -19.56 15.08
N ALA A 77 -0.71 -19.56 16.34
CA ALA A 77 -0.90 -20.78 17.17
C ALA A 77 -1.74 -20.46 18.42
N LYS A 78 -2.98 -20.84 18.40
CA LYS A 78 -3.87 -20.56 19.58
C LYS A 78 -4.29 -21.88 20.25
N MET A 1 5.11 -16.24 -5.31
CA MET A 1 4.34 -15.56 -4.23
C MET A 1 3.05 -16.33 -3.93
N LYS A 2 2.68 -16.42 -2.68
CA LYS A 2 1.43 -17.16 -2.31
C LYS A 2 0.97 -16.76 -0.92
N LYS A 3 -0.20 -17.21 -0.52
CA LYS A 3 -0.72 -16.86 0.84
C LYS A 3 -1.81 -17.84 1.25
N ASP A 4 -1.78 -18.28 2.50
CA ASP A 4 -2.82 -19.25 2.97
C ASP A 4 -4.00 -18.50 3.59
N PRO A 5 -5.11 -19.20 3.77
CA PRO A 5 -6.31 -18.55 4.36
C PRO A 5 -6.10 -18.30 5.86
N ASN A 6 -5.28 -19.11 6.50
CA ASN A 6 -5.03 -18.94 7.96
C ASN A 6 -4.14 -17.71 8.20
N ALA A 7 -3.29 -17.40 7.27
CA ALA A 7 -2.38 -16.22 7.43
C ALA A 7 -3.10 -14.93 6.98
N PRO A 8 -2.64 -13.81 7.50
CA PRO A 8 -3.25 -12.52 7.14
C PRO A 8 -2.66 -11.97 5.83
N LYS A 9 -3.23 -10.90 5.33
CA LYS A 9 -2.74 -10.31 4.04
C LYS A 9 -1.50 -9.44 4.28
N ARG A 10 -1.06 -8.78 3.24
CA ARG A 10 0.14 -7.88 3.38
C ARG A 10 -0.29 -6.48 3.87
N PRO A 11 0.34 -5.99 4.91
CA PRO A 11 -0.02 -4.65 5.44
C PRO A 11 0.52 -3.56 4.51
N PRO A 12 -0.14 -2.41 4.51
CA PRO A 12 0.31 -1.29 3.64
C PRO A 12 1.59 -0.67 4.21
N SER A 13 1.97 0.49 3.74
CA SER A 13 3.21 1.15 4.26
C SER A 13 3.31 2.60 3.79
N ALA A 14 2.22 3.34 3.86
CA ALA A 14 2.22 4.78 3.39
C ALA A 14 2.30 4.82 1.87
N PHE A 15 3.45 4.50 1.31
CA PHE A 15 3.58 4.53 -0.19
C PHE A 15 2.58 3.56 -0.83
N PHE A 16 2.16 2.55 -0.11
CA PHE A 16 1.20 1.58 -0.69
C PHE A 16 -0.18 2.21 -0.82
N LEU A 17 -0.51 3.14 0.05
CA LEU A 17 -1.83 3.82 -0.06
C LEU A 17 -1.80 4.66 -1.32
N PHE A 18 -1.04 5.74 -1.30
CA PHE A 18 -0.92 6.65 -2.50
C PHE A 18 -0.96 5.84 -3.81
N CYS A 19 -0.07 4.88 -3.98
CA CYS A 19 -0.07 4.07 -5.22
C CYS A 19 -1.39 3.28 -5.35
N SER A 20 -1.85 2.69 -4.27
CA SER A 20 -3.11 1.89 -4.32
C SER A 20 -4.28 2.74 -4.84
N GLU A 21 -4.26 4.04 -4.61
CA GLU A 21 -5.39 4.89 -5.10
C GLU A 21 -5.10 5.45 -6.50
N HIS A 22 -3.83 5.62 -6.86
CA HIS A 22 -3.51 6.15 -8.22
C HIS A 22 -3.12 5.02 -9.18
N ARG A 23 -3.41 3.80 -8.83
CA ARG A 23 -3.04 2.65 -9.70
C ARG A 23 -4.04 2.47 -10.87
N PRO A 24 -5.33 2.54 -10.59
CA PRO A 24 -6.33 2.38 -11.69
C PRO A 24 -6.39 3.63 -12.57
N LYS A 25 -5.70 4.69 -12.21
CA LYS A 25 -5.73 5.93 -13.03
C LYS A 25 -4.62 5.90 -14.09
N ILE A 26 -3.51 5.29 -13.77
CA ILE A 26 -2.38 5.22 -14.75
C ILE A 26 -2.63 4.10 -15.77
N LYS A 27 -3.40 3.11 -15.39
CA LYS A 27 -3.70 1.98 -16.35
C LYS A 27 -4.72 2.44 -17.41
N SER A 28 -5.49 3.45 -17.12
CA SER A 28 -6.50 3.95 -18.11
C SER A 28 -5.80 4.73 -19.22
N GLU A 29 -4.92 5.63 -18.86
CA GLU A 29 -4.18 6.44 -19.88
C GLU A 29 -2.94 5.67 -20.38
N HIS A 30 -2.77 4.44 -19.97
CA HIS A 30 -1.61 3.62 -20.45
C HIS A 30 -1.96 2.14 -20.36
N PRO A 31 -2.62 1.64 -21.39
CA PRO A 31 -3.02 0.21 -21.41
C PRO A 31 -1.77 -0.67 -21.51
N GLY A 32 -1.64 -1.62 -20.62
CA GLY A 32 -0.44 -2.52 -20.64
C GLY A 32 0.64 -1.99 -19.69
N LEU A 33 0.58 -0.72 -19.35
CA LEU A 33 1.60 -0.11 -18.44
C LEU A 33 1.81 -0.97 -17.17
N SER A 34 2.90 -1.69 -17.13
CA SER A 34 3.19 -2.56 -15.95
C SER A 34 3.20 -1.72 -14.66
N ILE A 35 3.53 -2.33 -13.55
CA ILE A 35 3.54 -1.57 -12.25
C ILE A 35 4.94 -1.00 -11.98
N GLY A 36 5.78 -0.93 -12.98
CA GLY A 36 7.15 -0.37 -12.78
C GLY A 36 7.20 1.08 -13.26
N ASP A 37 6.71 1.33 -14.45
CA ASP A 37 6.72 2.72 -14.99
C ASP A 37 5.82 3.63 -14.13
N THR A 38 4.61 3.22 -13.88
CA THR A 38 3.70 4.07 -13.06
C THR A 38 4.26 4.20 -11.64
N ALA A 39 4.92 3.17 -11.16
CA ALA A 39 5.53 3.24 -9.80
C ALA A 39 6.62 4.29 -9.79
N LYS A 40 7.24 4.52 -10.93
CA LYS A 40 8.32 5.56 -11.02
C LYS A 40 7.67 6.94 -11.09
N LYS A 41 6.51 7.03 -11.68
CA LYS A 41 5.80 8.35 -11.77
C LYS A 41 4.97 8.59 -10.50
N LEU A 42 4.65 7.55 -9.78
CA LEU A 42 3.88 7.71 -8.52
C LEU A 42 4.82 8.12 -7.38
N GLY A 43 5.80 7.30 -7.11
CA GLY A 43 6.80 7.62 -6.03
C GLY A 43 7.35 9.03 -6.25
N GLU A 44 7.36 9.49 -7.48
CA GLU A 44 7.86 10.87 -7.75
C GLU A 44 6.85 11.86 -7.18
N MET A 45 5.58 11.56 -7.33
CA MET A 45 4.53 12.48 -6.79
C MET A 45 4.38 12.25 -5.28
N TRP A 46 4.38 11.01 -4.84
CA TRP A 46 4.27 10.71 -3.37
C TRP A 46 5.31 11.54 -2.58
N SER A 47 6.54 11.54 -3.04
CA SER A 47 7.60 12.33 -2.33
C SER A 47 7.30 13.84 -2.46
N GLU A 48 6.35 14.22 -3.27
CA GLU A 48 6.01 15.65 -3.42
C GLU A 48 4.70 15.96 -2.68
N GLN A 49 3.95 14.95 -2.29
CA GLN A 49 2.67 15.20 -1.56
C GLN A 49 2.96 15.97 -0.27
N SER A 50 2.11 16.89 0.09
CA SER A 50 2.32 17.67 1.35
C SER A 50 1.58 16.94 2.50
N ALA A 51 0.65 17.58 3.17
CA ALA A 51 -0.08 16.90 4.27
C ALA A 51 -1.50 16.49 3.83
N LYS A 52 -1.91 16.85 2.63
CA LYS A 52 -3.28 16.47 2.16
C LYS A 52 -3.27 15.02 1.70
N ASP A 53 -2.24 14.62 0.99
CA ASP A 53 -2.17 13.21 0.50
C ASP A 53 -0.87 12.55 1.00
N LYS A 54 -0.68 12.53 2.30
CA LYS A 54 0.55 11.93 2.87
C LYS A 54 0.44 11.80 4.40
N GLN A 55 -0.24 12.73 5.04
CA GLN A 55 -0.37 12.66 6.53
C GLN A 55 -1.34 11.51 6.91
N PRO A 56 -2.53 11.53 6.35
CA PRO A 56 -3.50 10.45 6.67
C PRO A 56 -3.10 9.13 6.00
N TYR A 57 -2.09 9.13 5.17
CA TYR A 57 -1.66 7.88 4.50
C TYR A 57 -0.67 7.12 5.40
N GLU A 58 0.16 7.83 6.12
CA GLU A 58 1.14 7.16 7.01
C GLU A 58 0.50 6.80 8.36
N GLN A 59 -0.60 7.44 8.71
CA GLN A 59 -1.29 7.09 10.00
C GLN A 59 -2.35 6.00 9.76
N LYS A 60 -2.63 5.69 8.51
CA LYS A 60 -3.62 4.63 8.20
C LYS A 60 -2.88 3.30 8.07
N ALA A 61 -1.65 3.36 7.61
CA ALA A 61 -0.83 2.12 7.47
C ALA A 61 -0.02 1.89 8.73
N ALA A 62 0.32 2.95 9.43
CA ALA A 62 1.11 2.80 10.69
C ALA A 62 0.31 1.99 11.71
N LYS A 63 -0.95 2.29 11.90
CA LYS A 63 -1.76 1.51 12.88
C LYS A 63 -2.18 0.16 12.27
N LEU A 64 -1.93 -0.03 10.99
CA LEU A 64 -2.28 -1.31 10.33
C LEU A 64 -1.08 -2.26 10.42
N LYS A 65 0.11 -1.72 10.45
CA LYS A 65 1.32 -2.57 10.56
C LYS A 65 1.33 -3.23 11.95
N GLU A 66 1.09 -2.46 12.97
CA GLU A 66 1.07 -3.02 14.36
C GLU A 66 0.02 -4.12 14.46
N LYS A 67 -1.10 -3.94 13.81
CA LYS A 67 -2.17 -4.99 13.84
C LYS A 67 -1.67 -6.28 13.21
N TYR A 68 -0.74 -6.17 12.28
CA TYR A 68 -0.19 -7.39 11.62
C TYR A 68 0.62 -8.21 12.65
N GLU A 69 1.26 -7.52 13.57
CA GLU A 69 2.07 -8.23 14.61
C GLU A 69 1.18 -9.19 15.41
N LYS A 70 -0.02 -8.78 15.72
CA LYS A 70 -0.95 -9.68 16.49
C LYS A 70 -1.59 -10.66 15.51
N ASP A 71 -1.86 -10.20 14.32
CA ASP A 71 -2.46 -11.10 13.29
C ASP A 71 -1.47 -12.21 12.95
N ILE A 72 -0.26 -11.83 12.61
CA ILE A 72 0.78 -12.86 12.29
C ILE A 72 1.08 -13.67 13.56
N ALA A 73 1.01 -13.05 14.72
CA ALA A 73 1.29 -13.77 15.99
C ALA A 73 0.37 -15.00 16.12
N ALA A 74 -0.89 -14.84 15.82
CA ALA A 74 -1.84 -16.00 15.91
C ALA A 74 -1.56 -17.01 14.79
N TYR A 75 -0.83 -16.60 13.77
CA TYR A 75 -0.49 -17.54 12.66
C TYR A 75 0.98 -17.99 12.77
N ARG A 76 1.74 -17.39 13.66
CA ARG A 76 3.17 -17.79 13.83
C ARG A 76 3.25 -19.27 14.19
N ALA A 77 2.67 -19.65 15.31
CA ALA A 77 2.67 -21.07 15.71
C ALA A 77 1.30 -21.69 15.35
N LYS A 78 1.06 -21.89 14.08
CA LYS A 78 -0.25 -22.46 13.62
C LYS A 78 -1.42 -21.63 14.14
N MET A 1 2.12 -17.02 -0.71
CA MET A 1 2.22 -16.27 -1.99
C MET A 1 0.94 -15.46 -2.22
N LYS A 2 -0.16 -16.12 -2.44
CA LYS A 2 -1.45 -15.39 -2.68
C LYS A 2 -1.81 -14.53 -1.48
N LYS A 3 -2.79 -13.68 -1.62
CA LYS A 3 -3.20 -12.80 -0.48
C LYS A 3 -4.73 -12.71 -0.41
N ASP A 4 -5.34 -13.43 0.48
CA ASP A 4 -6.83 -13.39 0.60
C ASP A 4 -7.24 -12.37 1.68
N PRO A 5 -8.46 -11.90 1.59
CA PRO A 5 -8.95 -10.92 2.60
C PRO A 5 -9.18 -11.60 3.96
N ASN A 6 -9.41 -12.90 3.95
CA ASN A 6 -9.63 -13.62 5.23
C ASN A 6 -8.41 -13.50 6.14
N ALA A 7 -7.22 -13.55 5.58
CA ALA A 7 -5.99 -13.44 6.42
C ALA A 7 -5.35 -12.05 6.24
N PRO A 8 -4.82 -11.51 7.33
CA PRO A 8 -4.16 -10.20 7.28
C PRO A 8 -2.71 -10.32 6.81
N LYS A 9 -2.51 -10.52 5.53
CA LYS A 9 -1.11 -10.64 4.99
C LYS A 9 -0.34 -9.34 5.22
N ARG A 10 0.77 -9.19 4.54
CA ARG A 10 1.62 -7.95 4.68
C ARG A 10 0.75 -6.67 4.65
N PRO A 11 0.77 -5.91 5.73
CA PRO A 11 -0.04 -4.66 5.79
C PRO A 11 0.54 -3.58 4.86
N PRO A 12 -0.17 -2.48 4.72
CA PRO A 12 0.31 -1.39 3.85
C PRO A 12 1.55 -0.72 4.44
N SER A 13 1.91 0.44 3.95
CA SER A 13 3.11 1.13 4.49
C SER A 13 3.20 2.57 3.97
N ALA A 14 2.09 3.29 3.99
CA ALA A 14 2.07 4.71 3.48
C ALA A 14 2.19 4.71 1.96
N PHE A 15 3.33 4.39 1.42
CA PHE A 15 3.49 4.38 -0.07
C PHE A 15 2.51 3.38 -0.71
N PHE A 16 2.09 2.39 0.03
CA PHE A 16 1.14 1.39 -0.55
C PHE A 16 -0.25 2.00 -0.72
N LEU A 17 -0.61 2.93 0.15
CA LEU A 17 -1.93 3.59 0.00
C LEU A 17 -1.89 4.43 -1.29
N PHE A 18 -1.13 5.51 -1.25
CA PHE A 18 -0.97 6.41 -2.45
C PHE A 18 -0.98 5.59 -3.76
N CYS A 19 -0.08 4.64 -3.89
CA CYS A 19 -0.05 3.83 -5.15
C CYS A 19 -1.36 3.03 -5.29
N SER A 20 -1.83 2.43 -4.23
CA SER A 20 -3.08 1.63 -4.31
C SER A 20 -4.25 2.47 -4.83
N GLU A 21 -4.26 3.75 -4.54
CA GLU A 21 -5.39 4.62 -5.02
C GLU A 21 -5.08 5.22 -6.40
N HIS A 22 -3.81 5.40 -6.74
CA HIS A 22 -3.48 6.00 -8.07
C HIS A 22 -3.08 4.90 -9.07
N ARG A 23 -3.42 3.67 -8.79
CA ARG A 23 -3.04 2.55 -9.72
C ARG A 23 -4.08 2.40 -10.86
N PRO A 24 -5.36 2.44 -10.55
CA PRO A 24 -6.38 2.30 -11.62
C PRO A 24 -6.51 3.59 -12.43
N LYS A 25 -5.89 4.66 -12.00
CA LYS A 25 -5.98 5.95 -12.76
C LYS A 25 -4.94 5.95 -13.90
N ILE A 26 -3.79 5.38 -13.65
CA ILE A 26 -2.73 5.33 -14.70
C ILE A 26 -3.10 4.32 -15.79
N LYS A 27 -4.03 3.44 -15.54
CA LYS A 27 -4.43 2.43 -16.56
C LYS A 27 -5.35 3.06 -17.61
N SER A 28 -5.96 4.18 -17.30
CA SER A 28 -6.87 4.85 -18.29
C SER A 28 -6.05 5.58 -19.36
N GLU A 29 -4.89 6.08 -18.99
CA GLU A 29 -4.04 6.80 -19.98
C GLU A 29 -2.84 5.95 -20.42
N HIS A 30 -2.74 4.74 -19.93
CA HIS A 30 -1.59 3.86 -20.32
C HIS A 30 -2.04 2.39 -20.36
N PRO A 31 -2.65 2.00 -21.46
CA PRO A 31 -3.11 0.59 -21.60
C PRO A 31 -1.93 -0.36 -21.70
N GLY A 32 -1.63 -1.06 -20.64
CA GLY A 32 -0.47 -2.00 -20.65
C GLY A 32 0.58 -1.57 -19.61
N LEU A 33 0.51 -0.34 -19.15
CA LEU A 33 1.52 0.19 -18.15
C LEU A 33 1.81 -0.83 -17.04
N SER A 34 3.07 -1.13 -16.84
CA SER A 34 3.47 -2.12 -15.81
C SER A 34 3.98 -1.42 -14.54
N ILE A 35 4.56 -2.18 -13.64
CA ILE A 35 5.10 -1.59 -12.38
C ILE A 35 6.47 -0.94 -12.64
N GLY A 36 6.99 -1.03 -13.85
CA GLY A 36 8.31 -0.41 -14.16
C GLY A 36 8.11 1.01 -14.71
N ASP A 37 6.95 1.59 -14.48
CA ASP A 37 6.70 2.97 -14.99
C ASP A 37 5.76 3.70 -14.02
N THR A 38 4.62 3.13 -13.74
CA THR A 38 3.66 3.80 -12.80
C THR A 38 4.27 3.86 -11.39
N ALA A 39 4.99 2.84 -11.00
CA ALA A 39 5.63 2.84 -9.64
C ALA A 39 6.75 3.88 -9.60
N LYS A 40 7.36 4.16 -10.73
CA LYS A 40 8.45 5.18 -10.77
C LYS A 40 7.81 6.56 -10.77
N LYS A 41 6.71 6.70 -11.46
CA LYS A 41 6.01 8.02 -11.51
C LYS A 41 5.36 8.30 -10.15
N LEU A 42 4.56 7.37 -9.68
CA LEU A 42 3.88 7.55 -8.36
C LEU A 42 4.88 7.93 -7.26
N GLY A 43 5.88 7.11 -7.05
CA GLY A 43 6.89 7.42 -5.98
C GLY A 43 7.44 8.84 -6.18
N GLU A 44 7.47 9.30 -7.41
CA GLU A 44 7.96 10.69 -7.67
C GLU A 44 6.91 11.67 -7.16
N MET A 45 5.66 11.32 -7.30
CA MET A 45 4.57 12.22 -6.81
C MET A 45 4.38 12.02 -5.30
N TRP A 46 4.41 10.79 -4.84
CA TRP A 46 4.26 10.52 -3.37
C TRP A 46 5.24 11.38 -2.57
N SER A 47 6.50 11.38 -2.96
CA SER A 47 7.50 12.21 -2.23
C SER A 47 7.18 13.71 -2.40
N GLU A 48 6.25 14.05 -3.26
CA GLU A 48 5.88 15.48 -3.45
C GLU A 48 4.51 15.76 -2.82
N GLN A 49 3.77 14.73 -2.45
CA GLN A 49 2.44 14.97 -1.82
C GLN A 49 2.61 15.78 -0.54
N SER A 50 1.69 16.64 -0.26
CA SER A 50 1.77 17.45 1.00
C SER A 50 1.03 16.71 2.11
N ALA A 51 0.47 17.41 3.07
CA ALA A 51 -0.27 16.72 4.17
C ALA A 51 -1.66 16.29 3.70
N LYS A 52 -2.05 16.62 2.48
CA LYS A 52 -3.39 16.21 1.98
C LYS A 52 -3.35 14.75 1.51
N ASP A 53 -2.31 14.38 0.80
CA ASP A 53 -2.18 12.98 0.32
C ASP A 53 -0.90 12.36 0.85
N LYS A 54 -0.74 12.35 2.15
CA LYS A 54 0.48 11.76 2.76
C LYS A 54 0.35 11.65 4.29
N GLN A 55 -0.35 12.55 4.91
CA GLN A 55 -0.53 12.48 6.39
C GLN A 55 -1.46 11.32 6.78
N PRO A 56 -2.65 11.31 6.22
CA PRO A 56 -3.62 10.23 6.54
C PRO A 56 -3.20 8.91 5.88
N TYR A 57 -2.19 8.92 5.04
CA TYR A 57 -1.75 7.66 4.36
C TYR A 57 -0.73 6.90 5.23
N GLU A 58 0.17 7.62 5.87
CA GLU A 58 1.19 6.93 6.72
C GLU A 58 0.59 6.56 8.08
N GLN A 59 -0.46 7.24 8.50
CA GLN A 59 -1.08 6.94 9.82
C GLN A 59 -1.89 5.65 9.73
N LYS A 60 -2.99 5.67 9.00
CA LYS A 60 -3.87 4.46 8.87
C LYS A 60 -3.05 3.19 8.55
N ALA A 61 -1.88 3.33 7.97
CA ALA A 61 -1.05 2.13 7.65
C ALA A 61 -0.08 1.86 8.81
N ALA A 62 0.42 2.91 9.42
CA ALA A 62 1.38 2.74 10.56
C ALA A 62 0.65 2.15 11.77
N LYS A 63 -0.62 2.47 11.92
CA LYS A 63 -1.40 1.92 13.08
C LYS A 63 -2.04 0.58 12.71
N LEU A 64 -1.97 0.18 11.46
CA LEU A 64 -2.57 -1.11 11.04
C LEU A 64 -1.45 -2.16 10.88
N LYS A 65 -0.26 -1.71 10.59
CA LYS A 65 0.88 -2.67 10.43
C LYS A 65 1.31 -3.19 11.79
N GLU A 66 1.46 -2.31 12.76
CA GLU A 66 1.88 -2.75 14.14
C GLU A 66 0.89 -3.77 14.69
N LYS A 67 -0.38 -3.55 14.48
CA LYS A 67 -1.42 -4.51 15.00
C LYS A 67 -1.49 -5.75 14.10
N TYR A 68 -1.07 -5.63 12.87
CA TYR A 68 -1.11 -6.80 11.93
C TYR A 68 -0.09 -7.85 12.37
N GLU A 69 1.12 -7.44 12.61
CA GLU A 69 2.19 -8.40 13.05
C GLU A 69 1.72 -9.20 14.26
N LYS A 70 1.04 -8.57 15.18
CA LYS A 70 0.52 -9.30 16.37
C LYS A 70 -0.66 -10.15 15.93
N ASP A 71 -1.52 -9.56 15.13
CA ASP A 71 -2.71 -10.30 14.60
C ASP A 71 -2.24 -11.56 13.86
N ILE A 72 -1.36 -11.38 12.91
CA ILE A 72 -0.84 -12.55 12.14
C ILE A 72 -0.06 -13.49 13.08
N ALA A 73 0.56 -12.95 14.10
CA ALA A 73 1.34 -13.81 15.05
C ALA A 73 0.39 -14.79 15.76
N ALA A 74 -0.76 -14.32 16.17
CA ALA A 74 -1.73 -15.21 16.87
C ALA A 74 -2.57 -16.00 15.86
N TYR A 75 -2.68 -15.50 14.65
CA TYR A 75 -3.48 -16.22 13.60
C TYR A 75 -2.59 -17.22 12.86
N ARG A 76 -1.29 -16.98 12.83
CA ARG A 76 -0.37 -17.91 12.12
C ARG A 76 0.03 -19.09 13.02
N ALA A 77 -0.29 -19.03 14.30
CA ALA A 77 0.08 -20.15 15.22
C ALA A 77 -1.17 -20.72 15.89
N LYS A 78 -1.72 -20.00 16.82
CA LYS A 78 -2.95 -20.48 17.55
C LYS A 78 -2.74 -21.89 18.11
N MET A 1 4.07 -12.24 -5.36
CA MET A 1 3.27 -13.01 -4.35
C MET A 1 4.19 -13.89 -3.52
N LYS A 2 4.07 -13.83 -2.21
CA LYS A 2 4.93 -14.66 -1.32
C LYS A 2 4.22 -14.93 0.01
N LYS A 3 2.92 -15.06 -0.02
CA LYS A 3 2.15 -15.31 1.25
C LYS A 3 1.22 -16.51 1.06
N ASP A 4 1.03 -17.29 2.10
CA ASP A 4 0.13 -18.48 1.99
C ASP A 4 -1.34 -18.04 2.07
N PRO A 5 -2.24 -18.96 1.76
CA PRO A 5 -3.69 -18.62 1.80
C PRO A 5 -4.16 -18.49 3.26
N ASN A 6 -3.53 -19.21 4.15
CA ASN A 6 -3.94 -19.14 5.59
C ASN A 6 -3.37 -17.87 6.23
N ALA A 7 -2.21 -17.44 5.78
CA ALA A 7 -1.59 -16.20 6.35
C ALA A 7 -2.51 -14.99 6.11
N PRO A 8 -2.29 -13.95 6.89
CA PRO A 8 -3.11 -12.73 6.74
C PRO A 8 -2.62 -11.88 5.56
N LYS A 9 -3.33 -10.83 5.26
CA LYS A 9 -2.94 -9.95 4.11
C LYS A 9 -1.62 -9.24 4.41
N ARG A 10 -1.19 -8.38 3.51
CA ARG A 10 0.09 -7.64 3.71
C ARG A 10 -0.20 -6.27 4.36
N PRO A 11 0.68 -5.85 5.25
CA PRO A 11 0.48 -4.55 5.93
C PRO A 11 0.86 -3.39 4.99
N PRO A 12 0.12 -2.31 5.05
CA PRO A 12 0.43 -1.14 4.19
C PRO A 12 1.70 -0.45 4.68
N SER A 13 2.08 0.65 4.07
CA SER A 13 3.31 1.36 4.52
C SER A 13 3.39 2.76 3.92
N ALA A 14 2.28 3.48 3.91
CA ALA A 14 2.27 4.87 3.32
C ALA A 14 2.36 4.79 1.80
N PHE A 15 3.50 4.44 1.27
CA PHE A 15 3.63 4.36 -0.23
C PHE A 15 2.63 3.34 -0.80
N PHE A 16 2.21 2.38 -0.01
CA PHE A 16 1.25 1.36 -0.52
C PHE A 16 -0.14 1.98 -0.65
N LEU A 17 -0.48 2.91 0.20
CA LEU A 17 -1.81 3.57 0.08
C LEU A 17 -1.78 4.39 -1.22
N PHE A 18 -1.02 5.47 -1.21
CA PHE A 18 -0.90 6.36 -2.42
C PHE A 18 -0.91 5.53 -3.73
N CYS A 19 -0.01 4.58 -3.86
CA CYS A 19 0.00 3.75 -5.11
C CYS A 19 -1.31 2.96 -5.24
N SER A 20 -1.76 2.37 -4.16
CA SER A 20 -3.02 1.57 -4.21
C SER A 20 -4.19 2.42 -4.72
N GLU A 21 -4.19 3.71 -4.47
CA GLU A 21 -5.31 4.56 -4.94
C GLU A 21 -5.02 5.18 -6.32
N HIS A 22 -3.77 5.35 -6.68
CA HIS A 22 -3.44 5.96 -8.01
C HIS A 22 -3.03 4.87 -9.01
N ARG A 23 -3.36 3.63 -8.74
CA ARG A 23 -2.97 2.54 -9.68
C ARG A 23 -4.00 2.39 -10.83
N PRO A 24 -5.29 2.43 -10.51
CA PRO A 24 -6.31 2.29 -11.58
C PRO A 24 -6.43 3.60 -12.39
N LYS A 25 -5.77 4.64 -11.96
CA LYS A 25 -5.83 5.93 -12.72
C LYS A 25 -4.82 5.90 -13.88
N ILE A 26 -3.69 5.29 -13.65
CA ILE A 26 -2.65 5.21 -14.73
C ILE A 26 -3.10 4.21 -15.82
N LYS A 27 -4.06 3.36 -15.51
CA LYS A 27 -4.52 2.37 -16.52
C LYS A 27 -5.40 3.05 -17.59
N SER A 28 -5.95 4.21 -17.29
CA SER A 28 -6.81 4.91 -18.29
C SER A 28 -5.93 5.51 -19.39
N GLU A 29 -5.03 6.39 -19.03
CA GLU A 29 -4.12 7.02 -20.04
C GLU A 29 -2.90 6.12 -20.30
N HIS A 30 -2.74 5.06 -19.54
CA HIS A 30 -1.57 4.15 -19.76
C HIS A 30 -1.99 2.71 -19.37
N PRO A 31 -2.75 2.07 -20.25
CA PRO A 31 -3.22 0.69 -19.97
C PRO A 31 -2.05 -0.30 -19.99
N GLY A 32 -1.30 -0.33 -21.05
CA GLY A 32 -0.14 -1.29 -21.14
C GLY A 32 0.90 -0.95 -20.06
N LEU A 33 0.82 0.23 -19.49
CA LEU A 33 1.81 0.64 -18.42
C LEU A 33 1.94 -0.43 -17.34
N SER A 34 3.00 -1.19 -17.39
CA SER A 34 3.22 -2.25 -16.36
C SER A 34 3.34 -1.61 -14.98
N ILE A 35 3.78 -2.36 -13.99
CA ILE A 35 3.93 -1.80 -12.62
C ILE A 35 5.35 -1.26 -12.41
N GLY A 36 6.09 -1.04 -13.47
CA GLY A 36 7.48 -0.51 -13.33
C GLY A 36 7.46 1.00 -13.52
N ASP A 37 6.95 1.46 -14.63
CA ASP A 37 6.90 2.94 -14.88
C ASP A 37 5.93 3.61 -13.91
N THR A 38 4.75 3.05 -13.75
CA THR A 38 3.75 3.65 -12.82
C THR A 38 4.34 3.70 -11.39
N ALA A 39 5.02 2.66 -10.99
CA ALA A 39 5.63 2.65 -9.63
C ALA A 39 6.79 3.64 -9.57
N LYS A 40 7.40 3.92 -10.71
CA LYS A 40 8.51 4.90 -10.73
C LYS A 40 7.93 6.31 -10.74
N LYS A 41 6.83 6.48 -11.43
CA LYS A 41 6.17 7.82 -11.47
C LYS A 41 5.51 8.10 -10.12
N LEU A 42 4.67 7.20 -9.66
CA LEU A 42 3.97 7.40 -8.34
C LEU A 42 4.97 7.76 -7.24
N GLY A 43 5.94 6.92 -7.00
CA GLY A 43 6.95 7.21 -5.92
C GLY A 43 7.53 8.62 -6.14
N GLU A 44 7.56 9.07 -7.37
CA GLU A 44 8.08 10.45 -7.64
C GLU A 44 7.05 11.46 -7.14
N MET A 45 5.79 11.16 -7.33
CA MET A 45 4.71 12.07 -6.86
C MET A 45 4.51 11.91 -5.36
N TRP A 46 4.52 10.69 -4.88
CA TRP A 46 4.34 10.43 -3.41
C TRP A 46 5.33 11.30 -2.60
N SER A 47 6.57 11.34 -3.03
CA SER A 47 7.58 12.18 -2.30
C SER A 47 7.26 13.68 -2.50
N GLU A 48 6.31 14.01 -3.34
CA GLU A 48 5.93 15.43 -3.56
C GLU A 48 4.57 15.73 -2.95
N GLN A 49 3.82 14.70 -2.57
CA GLN A 49 2.48 14.96 -1.98
C GLN A 49 2.65 15.79 -0.70
N SER A 50 1.70 16.63 -0.43
CA SER A 50 1.77 17.47 0.81
C SER A 50 1.03 16.75 1.93
N ALA A 51 0.48 17.47 2.87
CA ALA A 51 -0.27 16.81 3.99
C ALA A 51 -1.66 16.37 3.53
N LYS A 52 -2.06 16.71 2.32
CA LYS A 52 -3.41 16.29 1.83
C LYS A 52 -3.38 14.81 1.40
N ASP A 53 -2.35 14.42 0.72
CA ASP A 53 -2.24 13.00 0.26
C ASP A 53 -0.94 12.38 0.79
N LYS A 54 -0.76 12.40 2.08
CA LYS A 54 0.48 11.83 2.68
C LYS A 54 0.36 11.74 4.21
N GLN A 55 -0.33 12.67 4.83
CA GLN A 55 -0.48 12.63 6.31
C GLN A 55 -1.44 11.49 6.72
N PRO A 56 -2.64 11.48 6.15
CA PRO A 56 -3.61 10.41 6.49
C PRO A 56 -3.20 9.07 5.87
N TYR A 57 -2.17 9.06 5.05
CA TYR A 57 -1.73 7.78 4.42
C TYR A 57 -0.72 7.07 5.32
N GLU A 58 0.10 7.82 6.03
CA GLU A 58 1.10 7.19 6.94
C GLU A 58 0.45 6.84 8.28
N GLN A 59 -0.65 7.47 8.62
CA GLN A 59 -1.33 7.14 9.91
C GLN A 59 -2.12 5.85 9.76
N LYS A 60 -3.20 5.88 9.00
CA LYS A 60 -4.04 4.66 8.79
C LYS A 60 -3.19 3.44 8.45
N ALA A 61 -2.01 3.63 7.91
CA ALA A 61 -1.14 2.46 7.58
C ALA A 61 -0.28 2.13 8.81
N ALA A 62 0.14 3.14 9.54
CA ALA A 62 0.97 2.90 10.76
C ALA A 62 0.19 2.03 11.74
N LYS A 63 -1.07 2.31 11.95
CA LYS A 63 -1.90 1.48 12.87
C LYS A 63 -2.33 0.18 12.19
N LEU A 64 -2.15 0.09 10.89
CA LEU A 64 -2.53 -1.16 10.16
C LEU A 64 -1.34 -2.12 10.20
N LYS A 65 -0.15 -1.57 10.16
CA LYS A 65 1.08 -2.43 10.21
C LYS A 65 1.22 -3.02 11.61
N GLU A 66 1.08 -2.19 12.62
CA GLU A 66 1.21 -2.66 14.03
C GLU A 66 0.24 -3.82 14.31
N LYS A 67 -1.01 -3.67 13.97
CA LYS A 67 -2.00 -4.76 14.22
C LYS A 67 -1.59 -6.04 13.47
N TYR A 68 -0.80 -5.91 12.43
CA TYR A 68 -0.37 -7.12 11.67
C TYR A 68 0.51 -7.98 12.58
N GLU A 69 1.31 -7.33 13.38
CA GLU A 69 2.22 -8.07 14.32
C GLU A 69 1.40 -8.99 15.22
N LYS A 70 0.25 -8.55 15.64
CA LYS A 70 -0.64 -9.41 16.50
C LYS A 70 -1.35 -10.42 15.61
N ASP A 71 -1.69 -10.01 14.42
CA ASP A 71 -2.36 -10.94 13.46
C ASP A 71 -1.37 -12.04 13.08
N ILE A 72 -0.20 -11.65 12.64
CA ILE A 72 0.84 -12.65 12.26
C ILE A 72 1.28 -13.41 13.53
N ALA A 73 1.32 -12.73 14.66
CA ALA A 73 1.75 -13.39 15.94
C ALA A 73 1.00 -14.70 16.17
N ALA A 74 -0.22 -14.79 15.70
CA ALA A 74 -1.00 -16.06 15.86
C ALA A 74 -0.61 -17.02 14.75
N TYR A 75 -0.78 -16.60 13.53
CA TYR A 75 -0.41 -17.46 12.36
C TYR A 75 1.09 -17.83 12.41
N ARG A 76 1.87 -17.08 13.15
CA ARG A 76 3.34 -17.39 13.26
C ARG A 76 3.55 -18.67 14.06
N ALA A 77 3.10 -18.68 15.29
CA ALA A 77 3.27 -19.89 16.15
C ALA A 77 1.91 -20.53 16.44
N LYS A 78 1.51 -21.47 15.62
CA LYS A 78 0.19 -22.14 15.82
C LYS A 78 0.38 -23.66 15.84
N MET A 1 6.97 -18.34 7.52
CA MET A 1 5.90 -17.31 7.50
C MET A 1 4.85 -17.66 6.45
N LYS A 2 5.25 -17.77 5.20
CA LYS A 2 4.28 -18.11 4.10
C LYS A 2 3.10 -17.14 4.11
N LYS A 3 2.19 -17.30 3.17
CA LYS A 3 1.01 -16.39 3.11
C LYS A 3 -0.19 -17.12 2.49
N ASP A 4 -1.21 -17.36 3.27
CA ASP A 4 -2.41 -18.07 2.75
C ASP A 4 -3.51 -17.05 2.38
N PRO A 5 -4.56 -17.53 1.74
CA PRO A 5 -5.66 -16.62 1.34
C PRO A 5 -6.47 -16.18 2.56
N ASN A 6 -6.72 -17.09 3.47
CA ASN A 6 -7.49 -16.73 4.70
C ASN A 6 -6.61 -15.91 5.65
N ALA A 7 -5.33 -16.14 5.62
CA ALA A 7 -4.40 -15.37 6.51
C ALA A 7 -4.19 -13.95 5.97
N PRO A 8 -3.72 -13.06 6.83
CA PRO A 8 -3.48 -11.68 6.42
C PRO A 8 -2.15 -11.55 5.66
N LYS A 9 -2.11 -10.71 4.65
CA LYS A 9 -0.85 -10.54 3.88
C LYS A 9 -0.04 -9.37 4.42
N ARG A 10 1.14 -9.12 3.89
CA ARG A 10 1.98 -7.99 4.38
C ARG A 10 1.17 -6.67 4.41
N PRO A 11 1.37 -5.89 5.45
CA PRO A 11 0.62 -4.61 5.56
C PRO A 11 1.20 -3.54 4.61
N PRO A 12 0.51 -2.42 4.50
CA PRO A 12 0.98 -1.33 3.62
C PRO A 12 2.21 -0.64 4.23
N SER A 13 2.53 0.54 3.77
CA SER A 13 3.72 1.27 4.32
C SER A 13 3.77 2.71 3.81
N ALA A 14 2.67 3.43 3.86
CA ALA A 14 2.64 4.84 3.35
C ALA A 14 2.69 4.84 1.83
N PHE A 15 3.82 4.50 1.26
CA PHE A 15 3.93 4.48 -0.23
C PHE A 15 2.90 3.52 -0.83
N PHE A 16 2.47 2.54 -0.07
CA PHE A 16 1.47 1.57 -0.59
C PHE A 16 0.09 2.21 -0.66
N LEU A 17 -0.22 3.11 0.25
CA LEU A 17 -1.55 3.80 0.20
C LEU A 17 -1.58 4.61 -1.11
N PHE A 18 -0.88 5.73 -1.12
CA PHE A 18 -0.82 6.62 -2.34
C PHE A 18 -0.85 5.79 -3.64
N CYS A 19 0.06 4.85 -3.80
CA CYS A 19 0.07 4.03 -5.05
C CYS A 19 -1.22 3.21 -5.15
N SER A 20 -1.63 2.57 -4.07
CA SER A 20 -2.88 1.75 -4.11
C SER A 20 -4.07 2.55 -4.64
N GLU A 21 -4.09 3.84 -4.43
CA GLU A 21 -5.24 4.66 -4.93
C GLU A 21 -4.96 5.22 -6.33
N HIS A 22 -3.71 5.40 -6.69
CA HIS A 22 -3.39 5.95 -8.05
C HIS A 22 -2.93 4.84 -9.00
N ARG A 23 -3.16 3.60 -8.65
CA ARG A 23 -2.72 2.48 -9.53
C ARG A 23 -3.73 2.24 -10.69
N PRO A 24 -5.00 2.23 -10.39
CA PRO A 24 -6.01 2.00 -11.47
C PRO A 24 -6.18 3.26 -12.33
N LYS A 25 -5.57 4.36 -11.95
CA LYS A 25 -5.71 5.62 -12.75
C LYS A 25 -4.63 5.67 -13.84
N ILE A 26 -3.44 5.24 -13.52
CA ILE A 26 -2.33 5.25 -14.54
C ILE A 26 -2.58 4.17 -15.59
N LYS A 27 -3.37 3.18 -15.29
CA LYS A 27 -3.65 2.10 -16.29
C LYS A 27 -4.70 2.59 -17.32
N SER A 28 -5.43 3.63 -17.00
CA SER A 28 -6.46 4.15 -17.97
C SER A 28 -5.76 4.89 -19.11
N GLU A 29 -4.87 5.80 -18.77
CA GLU A 29 -4.13 6.55 -19.83
C GLU A 29 -2.92 5.76 -20.33
N HIS A 30 -2.76 4.53 -19.88
CA HIS A 30 -1.61 3.69 -20.33
C HIS A 30 -2.01 2.22 -20.25
N PRO A 31 -2.64 1.72 -21.29
CA PRO A 31 -3.07 0.30 -21.31
C PRO A 31 -1.84 -0.62 -21.36
N GLY A 32 -1.75 -1.55 -20.45
CA GLY A 32 -0.58 -2.47 -20.44
C GLY A 32 0.50 -1.94 -19.48
N LEU A 33 0.45 -0.67 -19.15
CA LEU A 33 1.47 -0.07 -18.23
C LEU A 33 1.66 -0.93 -16.96
N SER A 34 2.73 -1.68 -16.91
CA SER A 34 3.01 -2.54 -15.73
C SER A 34 3.05 -1.69 -14.45
N ILE A 35 3.43 -2.28 -13.35
CA ILE A 35 3.50 -1.50 -12.07
C ILE A 35 4.91 -0.94 -11.85
N GLY A 36 5.72 -0.88 -12.88
CA GLY A 36 7.10 -0.34 -12.73
C GLY A 36 7.13 1.12 -13.21
N ASP A 37 6.66 1.37 -14.41
CA ASP A 37 6.67 2.77 -14.94
C ASP A 37 5.77 3.66 -14.08
N THR A 38 4.57 3.22 -13.77
CA THR A 38 3.66 4.06 -12.94
C THR A 38 4.25 4.19 -11.53
N ALA A 39 4.95 3.18 -11.08
CA ALA A 39 5.59 3.26 -9.72
C ALA A 39 6.66 4.35 -9.73
N LYS A 40 7.24 4.61 -10.89
CA LYS A 40 8.28 5.67 -10.99
C LYS A 40 7.60 7.04 -11.05
N LYS A 41 6.44 7.09 -11.65
CA LYS A 41 5.69 8.39 -11.74
C LYS A 41 4.91 8.64 -10.45
N LEU A 42 4.64 7.60 -9.69
CA LEU A 42 3.90 7.77 -8.41
C LEU A 42 4.87 8.19 -7.31
N GLY A 43 5.89 7.39 -7.08
CA GLY A 43 6.89 7.73 -6.02
C GLY A 43 7.41 9.16 -6.24
N GLU A 44 7.40 9.61 -7.47
CA GLU A 44 7.85 11.00 -7.75
C GLU A 44 6.80 11.97 -7.21
N MET A 45 5.55 11.63 -7.37
CA MET A 45 4.45 12.50 -6.85
C MET A 45 4.30 12.29 -5.34
N TRP A 46 4.36 11.06 -4.89
CA TRP A 46 4.24 10.78 -3.41
C TRP A 46 5.22 11.66 -2.62
N SER A 47 6.45 11.72 -3.06
CA SER A 47 7.45 12.58 -2.34
C SER A 47 7.11 14.06 -2.53
N GLU A 48 6.14 14.38 -3.35
CA GLU A 48 5.74 15.79 -3.57
C GLU A 48 4.39 16.08 -2.91
N GLN A 49 3.67 15.05 -2.51
CA GLN A 49 2.35 15.30 -1.85
C GLN A 49 2.57 16.08 -0.57
N SER A 50 1.64 16.94 -0.23
CA SER A 50 1.77 17.72 1.03
C SER A 50 1.06 16.96 2.15
N ALA A 51 0.54 17.65 3.13
CA ALA A 51 -0.17 16.94 4.24
C ALA A 51 -1.58 16.50 3.79
N LYS A 52 -1.99 16.85 2.59
CA LYS A 52 -3.34 16.43 2.11
C LYS A 52 -3.29 14.98 1.64
N ASP A 53 -2.26 14.62 0.92
CA ASP A 53 -2.13 13.21 0.42
C ASP A 53 -0.83 12.60 0.92
N LYS A 54 -0.64 12.59 2.21
CA LYS A 54 0.61 12.02 2.79
C LYS A 54 0.51 11.88 4.31
N GLN A 55 -0.17 12.80 4.96
CA GLN A 55 -0.29 12.71 6.44
C GLN A 55 -1.24 11.55 6.82
N PRO A 56 -2.45 11.58 6.32
CA PRO A 56 -3.42 10.50 6.64
C PRO A 56 -3.04 9.19 5.94
N TYR A 57 -2.06 9.22 5.06
CA TYR A 57 -1.65 7.96 4.35
C TYR A 57 -0.64 7.18 5.20
N GLU A 58 0.28 7.87 5.83
CA GLU A 58 1.30 7.17 6.67
C GLU A 58 0.67 6.66 7.96
N GLN A 59 -0.42 7.26 8.40
CA GLN A 59 -1.07 6.81 9.66
C GLN A 59 -1.83 5.50 9.42
N LYS A 60 -2.87 5.53 8.62
CA LYS A 60 -3.68 4.30 8.34
C LYS A 60 -2.79 3.08 8.03
N ALA A 61 -1.60 3.30 7.53
CA ALA A 61 -0.69 2.16 7.24
C ALA A 61 0.22 1.90 8.45
N ALA A 62 0.63 2.96 9.11
CA ALA A 62 1.52 2.79 10.30
C ALA A 62 0.76 2.13 11.46
N LYS A 63 -0.55 2.10 11.40
CA LYS A 63 -1.34 1.44 12.49
C LYS A 63 -1.70 0.04 12.05
N LEU A 64 -2.43 -0.07 10.96
CA LEU A 64 -2.83 -1.40 10.42
C LEU A 64 -1.61 -2.34 10.34
N LYS A 65 -0.44 -1.77 10.16
CA LYS A 65 0.80 -2.61 10.10
C LYS A 65 1.07 -3.19 11.50
N GLU A 66 1.05 -2.33 12.50
CA GLU A 66 1.29 -2.81 13.90
C GLU A 66 0.30 -3.89 14.29
N LYS A 67 -0.87 -3.89 13.68
CA LYS A 67 -1.90 -4.93 14.01
C LYS A 67 -1.56 -6.25 13.33
N TYR A 68 -0.81 -6.21 12.26
CA TYR A 68 -0.43 -7.48 11.54
C TYR A 68 0.52 -8.30 12.42
N GLU A 69 1.36 -7.62 13.16
CA GLU A 69 2.34 -8.33 14.05
C GLU A 69 1.58 -9.15 15.10
N LYS A 70 0.44 -8.67 15.53
CA LYS A 70 -0.35 -9.43 16.54
C LYS A 70 -1.35 -10.33 15.81
N ASP A 71 -1.86 -9.86 14.70
CA ASP A 71 -2.81 -10.70 13.91
C ASP A 71 -2.11 -11.98 13.45
N ILE A 72 -1.01 -11.82 12.76
CA ILE A 72 -0.24 -13.00 12.26
C ILE A 72 0.05 -13.99 13.42
N ALA A 73 0.51 -13.50 14.54
CA ALA A 73 0.82 -14.41 15.68
C ALA A 73 -0.44 -15.17 16.11
N ALA A 74 -1.48 -14.45 16.45
CA ALA A 74 -2.75 -15.11 16.89
C ALA A 74 -3.36 -15.92 15.74
N TYR A 75 -3.37 -15.36 14.56
CA TYR A 75 -3.95 -16.09 13.39
C TYR A 75 -3.11 -17.34 13.09
N ARG A 76 -1.86 -17.36 13.49
CA ARG A 76 -1.00 -18.55 13.22
C ARG A 76 -1.42 -19.72 14.11
N ALA A 77 -1.18 -19.62 15.39
CA ALA A 77 -1.57 -20.73 16.32
C ALA A 77 -3.09 -20.75 16.52
N LYS A 78 -3.80 -21.52 15.73
CA LYS A 78 -5.27 -21.59 15.87
C LYS A 78 -5.82 -22.84 15.17
N MET A 1 6.29 -17.47 -1.55
CA MET A 1 4.96 -18.12 -1.46
C MET A 1 3.85 -17.05 -1.52
N LYS A 2 2.63 -17.47 -1.73
CA LYS A 2 1.50 -16.48 -1.81
C LYS A 2 0.83 -16.35 -0.44
N LYS A 3 -0.20 -15.54 -0.35
CA LYS A 3 -0.91 -15.35 0.95
C LYS A 3 -2.00 -16.41 1.11
N ASP A 4 -2.02 -17.09 2.23
CA ASP A 4 -3.06 -18.13 2.46
C ASP A 4 -4.23 -17.56 3.28
N PRO A 5 -5.30 -18.30 3.38
CA PRO A 5 -6.47 -17.84 4.16
C PRO A 5 -6.16 -17.88 5.66
N ASN A 6 -5.38 -18.82 6.09
CA ASN A 6 -5.04 -18.93 7.55
C ASN A 6 -4.23 -17.70 7.98
N ALA A 7 -3.34 -17.25 7.14
CA ALA A 7 -2.52 -16.04 7.49
C ALA A 7 -3.29 -14.77 7.14
N PRO A 8 -2.89 -13.67 7.77
CA PRO A 8 -3.56 -12.39 7.51
C PRO A 8 -3.02 -11.72 6.25
N LYS A 9 -3.66 -10.67 5.80
CA LYS A 9 -3.22 -9.97 4.55
C LYS A 9 -1.91 -9.21 4.77
N ARG A 10 -1.33 -8.73 3.70
CA ARG A 10 -0.05 -7.97 3.81
C ARG A 10 -0.33 -6.53 4.31
N PRO A 11 0.45 -6.07 5.26
CA PRO A 11 0.24 -4.71 5.80
C PRO A 11 0.75 -3.65 4.80
N PRO A 12 0.07 -2.52 4.74
CA PRO A 12 0.50 -1.44 3.81
C PRO A 12 1.77 -0.77 4.32
N SER A 13 2.16 0.34 3.75
CA SER A 13 3.40 1.02 4.22
C SER A 13 3.45 2.47 3.75
N ALA A 14 2.33 3.16 3.76
CA ALA A 14 2.28 4.60 3.30
C ALA A 14 2.40 4.66 1.79
N PHE A 15 3.56 4.39 1.24
CA PHE A 15 3.72 4.44 -0.25
C PHE A 15 2.73 3.47 -0.92
N PHE A 16 2.37 2.42 -0.24
CA PHE A 16 1.42 1.44 -0.84
C PHE A 16 0.04 2.06 -0.95
N LEU A 17 -0.32 2.94 -0.04
CA LEU A 17 -1.65 3.61 -0.13
C LEU A 17 -1.65 4.46 -1.40
N PHE A 18 -0.97 5.59 -1.36
CA PHE A 18 -0.88 6.52 -2.55
C PHE A 18 -0.90 5.74 -3.88
N CYS A 19 -0.03 4.77 -4.04
CA CYS A 19 -0.01 3.99 -5.31
C CYS A 19 -1.30 3.15 -5.47
N SER A 20 -1.71 2.43 -4.45
CA SER A 20 -2.94 1.58 -4.57
C SER A 20 -4.14 2.40 -5.09
N GLU A 21 -4.18 3.68 -4.82
CA GLU A 21 -5.34 4.50 -5.30
C GLU A 21 -5.06 5.10 -6.68
N HIS A 22 -3.81 5.20 -7.07
CA HIS A 22 -3.49 5.77 -8.42
C HIS A 22 -3.26 4.66 -9.45
N ARG A 23 -2.67 3.56 -9.02
CA ARG A 23 -2.37 2.42 -9.96
C ARG A 23 -3.52 2.14 -10.96
N PRO A 24 -4.74 1.98 -10.46
CA PRO A 24 -5.88 1.72 -11.38
C PRO A 24 -6.19 2.96 -12.23
N LYS A 25 -5.76 4.12 -11.80
CA LYS A 25 -6.02 5.36 -12.58
C LYS A 25 -4.94 5.52 -13.66
N ILE A 26 -3.72 5.17 -13.36
CA ILE A 26 -2.62 5.28 -14.37
C ILE A 26 -2.82 4.24 -15.49
N LYS A 27 -3.61 3.23 -15.25
CA LYS A 27 -3.87 2.20 -16.31
C LYS A 27 -4.90 2.71 -17.32
N SER A 28 -5.66 3.72 -16.97
CA SER A 28 -6.70 4.25 -17.92
C SER A 28 -6.02 5.11 -18.99
N GLU A 29 -5.18 6.03 -18.58
CA GLU A 29 -4.48 6.91 -19.57
C GLU A 29 -3.19 6.24 -20.10
N HIS A 30 -2.99 4.98 -19.78
CA HIS A 30 -1.77 4.26 -20.26
C HIS A 30 -2.08 2.76 -20.31
N PRO A 31 -2.75 2.33 -21.35
CA PRO A 31 -3.10 0.90 -21.50
C PRO A 31 -1.84 0.05 -21.69
N GLY A 32 -1.66 -0.96 -20.88
CA GLY A 32 -0.45 -1.81 -20.99
C GLY A 32 0.60 -1.36 -19.97
N LEU A 33 0.53 -0.12 -19.54
CA LEU A 33 1.52 0.42 -18.55
C LEU A 33 1.64 -0.51 -17.34
N SER A 34 2.68 -1.31 -17.31
CA SER A 34 2.89 -2.25 -16.16
C SER A 34 2.94 -1.46 -14.84
N ILE A 35 3.26 -2.12 -13.76
CA ILE A 35 3.32 -1.41 -12.44
C ILE A 35 4.74 -0.88 -12.18
N GLY A 36 5.57 -0.80 -13.19
CA GLY A 36 6.96 -0.29 -12.99
C GLY A 36 7.02 1.18 -13.41
N ASP A 37 6.60 1.48 -14.61
CA ASP A 37 6.63 2.89 -15.09
C ASP A 37 5.75 3.78 -14.21
N THR A 38 4.55 3.34 -13.88
CA THR A 38 3.66 4.17 -13.02
C THR A 38 4.18 4.18 -11.59
N ALA A 39 4.86 3.13 -11.17
CA ALA A 39 5.42 3.08 -9.79
C ALA A 39 6.60 4.04 -9.69
N LYS A 40 7.32 4.21 -10.78
CA LYS A 40 8.48 5.15 -10.76
C LYS A 40 7.94 6.57 -10.74
N LYS A 41 6.92 6.84 -11.52
CA LYS A 41 6.33 8.20 -11.55
C LYS A 41 5.66 8.50 -10.21
N LEU A 42 4.80 7.61 -9.77
CA LEU A 42 4.08 7.81 -8.46
C LEU A 42 5.07 8.14 -7.34
N GLY A 43 6.08 7.32 -7.16
CA GLY A 43 7.10 7.59 -6.09
C GLY A 43 7.62 9.02 -6.22
N GLU A 44 7.62 9.56 -7.42
CA GLU A 44 8.08 10.95 -7.61
C GLU A 44 7.02 11.89 -7.05
N MET A 45 5.76 11.58 -7.26
CA MET A 45 4.66 12.42 -6.74
C MET A 45 4.49 12.17 -5.23
N TRP A 46 4.61 10.94 -4.81
CA TRP A 46 4.47 10.61 -3.36
C TRP A 46 5.45 11.47 -2.54
N SER A 47 6.70 11.53 -2.96
CA SER A 47 7.70 12.36 -2.23
C SER A 47 7.39 13.86 -2.41
N GLU A 48 6.45 14.20 -3.27
CA GLU A 48 6.09 15.62 -3.50
C GLU A 48 4.75 15.93 -2.82
N GLN A 49 4.00 14.93 -2.45
CA GLN A 49 2.70 15.18 -1.78
C GLN A 49 2.95 15.88 -0.45
N SER A 50 2.09 16.78 -0.07
CA SER A 50 2.26 17.50 1.22
C SER A 50 1.44 16.76 2.32
N ALA A 51 0.41 17.35 2.86
CA ALA A 51 -0.40 16.65 3.91
C ALA A 51 -1.75 16.18 3.32
N LYS A 52 -2.13 16.70 2.17
CA LYS A 52 -3.42 16.28 1.55
C LYS A 52 -3.37 14.80 1.19
N ASP A 53 -2.32 14.36 0.55
CA ASP A 53 -2.21 12.93 0.15
C ASP A 53 -0.90 12.33 0.70
N LYS A 54 -0.74 12.35 2.00
CA LYS A 54 0.50 11.78 2.62
C LYS A 54 0.37 11.70 4.14
N GLN A 55 -0.34 12.63 4.74
CA GLN A 55 -0.52 12.61 6.22
C GLN A 55 -1.47 11.47 6.63
N PRO A 56 -2.65 11.45 6.04
CA PRO A 56 -3.63 10.38 6.37
C PRO A 56 -3.21 9.04 5.75
N TYR A 57 -2.17 9.03 4.95
CA TYR A 57 -1.72 7.76 4.32
C TYR A 57 -0.73 7.03 5.24
N GLU A 58 0.04 7.77 5.98
CA GLU A 58 1.04 7.14 6.90
C GLU A 58 0.40 6.81 8.26
N GLN A 59 -0.69 7.46 8.59
CA GLN A 59 -1.37 7.16 9.89
C GLN A 59 -2.41 6.03 9.70
N LYS A 60 -2.66 5.63 8.48
CA LYS A 60 -3.63 4.52 8.23
C LYS A 60 -2.86 3.21 8.10
N ALA A 61 -1.63 3.28 7.67
CA ALA A 61 -0.80 2.05 7.54
C ALA A 61 0.06 1.87 8.79
N ALA A 62 0.39 2.95 9.45
CA ALA A 62 1.22 2.86 10.69
C ALA A 62 0.44 2.17 11.80
N LYS A 63 -0.83 2.48 11.95
CA LYS A 63 -1.64 1.81 13.01
C LYS A 63 -2.15 0.44 12.50
N LEU A 64 -1.97 0.15 11.23
CA LEU A 64 -2.41 -1.16 10.68
C LEU A 64 -1.25 -2.15 10.74
N LYS A 65 -0.03 -1.64 10.74
CA LYS A 65 1.16 -2.55 10.82
C LYS A 65 1.20 -3.17 12.22
N GLU A 66 0.95 -2.38 13.24
CA GLU A 66 0.95 -2.92 14.64
C GLU A 66 -0.10 -4.02 14.77
N LYS A 67 -1.19 -3.89 14.06
CA LYS A 67 -2.27 -4.94 14.14
C LYS A 67 -1.77 -6.23 13.49
N TYR A 68 -0.85 -6.13 12.56
CA TYR A 68 -0.30 -7.36 11.90
C TYR A 68 0.53 -8.15 12.91
N GLU A 69 1.17 -7.46 13.81
CA GLU A 69 2.01 -8.15 14.84
C GLU A 69 1.15 -9.12 15.66
N LYS A 70 -0.05 -8.73 16.00
CA LYS A 70 -0.95 -9.63 16.77
C LYS A 70 -1.61 -10.63 15.82
N ASP A 71 -1.87 -10.19 14.61
CA ASP A 71 -2.48 -11.09 13.60
C ASP A 71 -1.48 -12.18 13.23
N ILE A 72 -0.28 -11.78 12.88
CA ILE A 72 0.77 -12.78 12.52
C ILE A 72 1.09 -13.63 13.76
N ALA A 73 1.05 -13.04 14.93
CA ALA A 73 1.35 -13.80 16.18
C ALA A 73 0.49 -15.07 16.26
N ALA A 74 -0.76 -14.98 15.87
CA ALA A 74 -1.65 -16.18 15.90
C ALA A 74 -1.33 -17.11 14.73
N TYR A 75 -0.65 -16.61 13.73
CA TYR A 75 -0.27 -17.46 12.56
C TYR A 75 1.23 -17.82 12.61
N ARG A 76 1.95 -17.30 13.58
CA ARG A 76 3.41 -17.57 13.68
C ARG A 76 3.67 -18.93 14.35
N ALA A 77 3.08 -19.98 13.83
CA ALA A 77 3.29 -21.35 14.43
C ALA A 77 2.85 -21.35 15.90
N LYS A 78 1.64 -20.95 16.15
CA LYS A 78 1.13 -20.93 17.57
C LYS A 78 1.19 -22.34 18.17
N MET A 1 4.97 -13.57 -0.95
CA MET A 1 4.55 -14.32 0.27
C MET A 1 3.12 -13.95 0.66
N LYS A 2 2.18 -14.83 0.41
CA LYS A 2 0.76 -14.54 0.78
C LYS A 2 0.42 -15.13 2.13
N LYS A 3 -0.76 -14.87 2.64
CA LYS A 3 -1.16 -15.42 3.96
C LYS A 3 -2.59 -15.96 3.90
N ASP A 4 -2.92 -16.68 2.86
CA ASP A 4 -4.30 -17.26 2.71
C ASP A 4 -5.36 -16.15 2.79
N PRO A 5 -6.59 -16.50 2.46
CA PRO A 5 -7.69 -15.50 2.51
C PRO A 5 -8.17 -15.30 3.95
N ASN A 6 -8.29 -16.36 4.69
CA ASN A 6 -8.76 -16.25 6.11
C ASN A 6 -7.72 -15.52 6.96
N ALA A 7 -6.46 -15.81 6.75
CA ALA A 7 -5.39 -15.13 7.55
C ALA A 7 -5.12 -13.73 6.99
N PRO A 8 -4.54 -12.88 7.81
CA PRO A 8 -4.22 -11.51 7.38
C PRO A 8 -2.93 -11.47 6.57
N LYS A 9 -2.89 -10.65 5.55
CA LYS A 9 -1.65 -10.54 4.72
C LYS A 9 -0.84 -9.32 5.15
N ARG A 10 0.35 -9.16 4.61
CA ARG A 10 1.22 -7.99 5.00
C ARG A 10 0.42 -6.66 4.99
N PRO A 11 0.62 -5.84 6.00
CA PRO A 11 -0.10 -4.55 6.07
C PRO A 11 0.46 -3.54 5.06
N PRO A 12 -0.19 -2.41 4.94
CA PRO A 12 0.27 -1.36 4.00
C PRO A 12 1.59 -0.74 4.49
N SER A 13 2.02 0.33 3.90
CA SER A 13 3.29 0.97 4.35
C SER A 13 3.41 2.40 3.80
N ALA A 14 2.32 3.15 3.80
CA ALA A 14 2.34 4.56 3.27
C ALA A 14 2.45 4.53 1.74
N PHE A 15 3.59 4.17 1.20
CA PHE A 15 3.74 4.13 -0.28
C PHE A 15 2.74 3.15 -0.89
N PHE A 16 2.27 2.18 -0.14
CA PHE A 16 1.29 1.20 -0.70
C PHE A 16 -0.09 1.84 -0.83
N LEU A 17 -0.44 2.72 0.06
CA LEU A 17 -1.77 3.41 -0.04
C LEU A 17 -1.74 4.25 -1.31
N PHE A 18 -1.01 5.35 -1.27
CA PHE A 18 -0.88 6.27 -2.47
C PHE A 18 -0.88 5.46 -3.78
N CYS A 19 0.03 4.52 -3.93
CA CYS A 19 0.07 3.71 -5.19
C CYS A 19 -1.24 2.93 -5.34
N SER A 20 -1.70 2.31 -4.28
CA SER A 20 -2.97 1.51 -4.37
C SER A 20 -4.13 2.38 -4.86
N GLU A 21 -4.15 3.64 -4.51
CA GLU A 21 -5.26 4.52 -4.94
C GLU A 21 -4.96 5.16 -6.31
N HIS A 22 -3.71 5.33 -6.65
CA HIS A 22 -3.36 5.95 -7.96
C HIS A 22 -2.96 4.87 -8.99
N ARG A 23 -3.33 3.64 -8.76
CA ARG A 23 -2.99 2.55 -9.71
C ARG A 23 -4.02 2.43 -10.85
N PRO A 24 -5.31 2.51 -10.53
CA PRO A 24 -6.33 2.42 -11.61
C PRO A 24 -6.42 3.73 -12.39
N LYS A 25 -5.75 4.77 -11.94
CA LYS A 25 -5.78 6.06 -12.68
C LYS A 25 -4.78 6.02 -13.82
N ILE A 26 -3.65 5.40 -13.62
CA ILE A 26 -2.63 5.30 -14.70
C ILE A 26 -3.09 4.31 -15.77
N LYS A 27 -4.10 3.52 -15.49
CA LYS A 27 -4.60 2.54 -16.50
C LYS A 27 -5.47 3.24 -17.55
N SER A 28 -6.00 4.40 -17.23
CA SER A 28 -6.86 5.13 -18.22
C SER A 28 -5.99 5.70 -19.35
N GLU A 29 -4.96 6.44 -18.99
CA GLU A 29 -4.07 7.03 -20.04
C GLU A 29 -3.02 6.00 -20.50
N HIS A 30 -3.05 4.80 -19.98
CA HIS A 30 -2.08 3.75 -20.41
C HIS A 30 -2.78 2.38 -20.32
N PRO A 31 -3.32 1.93 -21.42
CA PRO A 31 -4.01 0.62 -21.43
C PRO A 31 -3.02 -0.51 -21.16
N GLY A 32 -1.74 -0.23 -21.29
CA GLY A 32 -0.71 -1.27 -21.01
C GLY A 32 0.50 -0.62 -20.36
N LEU A 33 0.39 -0.27 -19.10
CA LEU A 33 1.55 0.32 -18.37
C LEU A 33 2.06 -0.74 -17.39
N SER A 34 3.35 -0.88 -17.21
CA SER A 34 3.85 -1.93 -16.27
C SER A 34 4.34 -1.26 -14.97
N ILE A 35 5.03 -2.02 -14.15
CA ILE A 35 5.57 -1.44 -12.88
C ILE A 35 6.89 -0.69 -13.15
N GLY A 36 7.36 -0.69 -14.38
CA GLY A 36 8.63 0.04 -14.70
C GLY A 36 8.33 1.48 -15.11
N ASP A 37 7.14 1.96 -14.86
CA ASP A 37 6.80 3.37 -15.24
C ASP A 37 5.82 3.95 -14.23
N THR A 38 4.71 3.29 -14.01
CA THR A 38 3.71 3.81 -13.03
C THR A 38 4.35 3.90 -11.64
N ALA A 39 5.24 2.99 -11.32
CA ALA A 39 5.92 3.04 -9.99
C ALA A 39 6.94 4.17 -9.96
N LYS A 40 7.44 4.56 -11.11
CA LYS A 40 8.42 5.69 -11.17
C LYS A 40 7.68 7.03 -11.13
N LYS A 41 6.51 7.06 -11.70
CA LYS A 41 5.71 8.32 -11.71
C LYS A 41 4.95 8.49 -10.37
N LEU A 42 4.69 7.40 -9.69
CA LEU A 42 3.96 7.49 -8.39
C LEU A 42 4.94 7.88 -7.27
N GLY A 43 6.03 7.16 -7.14
CA GLY A 43 7.03 7.49 -6.07
C GLY A 43 7.49 8.94 -6.23
N GLU A 44 7.44 9.47 -7.43
CA GLU A 44 7.86 10.87 -7.64
C GLU A 44 6.77 11.80 -7.10
N MET A 45 5.53 11.43 -7.31
CA MET A 45 4.40 12.26 -6.79
C MET A 45 4.22 12.00 -5.30
N TRP A 46 4.44 10.77 -4.87
CA TRP A 46 4.30 10.44 -3.41
C TRP A 46 5.29 11.31 -2.61
N SER A 47 6.55 11.25 -2.97
CA SER A 47 7.57 12.09 -2.26
C SER A 47 7.28 13.58 -2.47
N GLU A 48 6.40 13.91 -3.39
CA GLU A 48 6.06 15.35 -3.62
C GLU A 48 4.74 15.70 -2.93
N GLN A 49 3.98 14.71 -2.50
CA GLN A 49 2.69 15.02 -1.82
C GLN A 49 2.99 15.66 -0.46
N SER A 50 2.17 16.58 -0.05
CA SER A 50 2.38 17.25 1.27
C SER A 50 1.53 16.53 2.33
N ALA A 51 0.44 17.13 2.79
CA ALA A 51 -0.41 16.43 3.81
C ALA A 51 -1.71 15.93 3.15
N LYS A 52 -2.13 16.55 2.08
CA LYS A 52 -3.39 16.12 1.39
C LYS A 52 -3.35 14.62 1.05
N ASP A 53 -2.30 14.18 0.40
CA ASP A 53 -2.20 12.73 0.05
C ASP A 53 -0.89 12.13 0.59
N LYS A 54 -0.76 12.13 1.89
CA LYS A 54 0.45 11.56 2.54
C LYS A 54 0.28 11.49 4.06
N GLN A 55 -0.42 12.41 4.64
CA GLN A 55 -0.63 12.40 6.13
C GLN A 55 -1.62 11.31 6.55
N PRO A 56 -2.79 11.30 5.95
CA PRO A 56 -3.81 10.29 6.31
C PRO A 56 -3.46 8.90 5.75
N TYR A 57 -2.45 8.80 4.91
CA TYR A 57 -2.09 7.48 4.33
C TYR A 57 -1.05 6.77 5.22
N GLU A 58 -0.12 7.51 5.78
CA GLU A 58 0.91 6.87 6.65
C GLU A 58 0.34 6.56 8.04
N GLN A 59 -0.66 7.30 8.46
CA GLN A 59 -1.27 7.03 9.79
C GLN A 59 -2.05 5.71 9.75
N LYS A 60 -3.11 5.66 9.00
CA LYS A 60 -3.94 4.41 8.89
C LYS A 60 -3.07 3.17 8.63
N ALA A 61 -1.88 3.34 8.09
CA ALA A 61 -1.01 2.16 7.82
C ALA A 61 -0.10 1.91 9.03
N ALA A 62 0.36 2.96 9.66
CA ALA A 62 1.25 2.80 10.85
C ALA A 62 0.47 2.14 12.01
N LYS A 63 -0.79 2.46 12.15
CA LYS A 63 -1.59 1.84 13.25
C LYS A 63 -2.15 0.48 12.81
N LEU A 64 -2.00 0.13 11.55
CA LEU A 64 -2.50 -1.19 11.07
C LEU A 64 -1.33 -2.18 11.04
N LYS A 65 -0.13 -1.68 10.81
CA LYS A 65 1.05 -2.58 10.77
C LYS A 65 1.31 -3.17 12.17
N GLU A 66 1.39 -2.32 13.16
CA GLU A 66 1.64 -2.80 14.56
C GLU A 66 0.59 -3.83 14.97
N LYS A 67 -0.58 -3.77 14.39
CA LYS A 67 -1.66 -4.76 14.74
C LYS A 67 -1.42 -6.09 14.03
N TYR A 68 -0.74 -6.06 12.90
CA TYR A 68 -0.45 -7.32 12.15
C TYR A 68 0.47 -8.23 12.98
N GLU A 69 1.45 -7.63 13.60
CA GLU A 69 2.41 -8.41 14.44
C GLU A 69 1.67 -9.13 15.56
N LYS A 70 0.60 -8.55 16.04
CA LYS A 70 -0.19 -9.20 17.13
C LYS A 70 -1.25 -10.09 16.49
N ASP A 71 -1.80 -9.65 15.39
CA ASP A 71 -2.84 -10.45 14.68
C ASP A 71 -2.21 -11.76 14.20
N ILE A 72 -1.18 -11.65 13.41
CA ILE A 72 -0.48 -12.88 12.88
C ILE A 72 -0.03 -13.77 14.04
N ALA A 73 0.29 -13.18 15.17
CA ALA A 73 0.76 -14.01 16.34
C ALA A 73 -0.37 -14.90 16.83
N ALA A 74 -1.52 -14.34 17.11
CA ALA A 74 -2.66 -15.17 17.61
C ALA A 74 -3.28 -15.97 16.47
N TYR A 75 -3.31 -15.40 15.29
CA TYR A 75 -3.89 -16.14 14.13
C TYR A 75 -2.98 -17.31 13.74
N ARG A 76 -1.72 -17.23 14.06
CA ARG A 76 -0.78 -18.35 13.72
C ARG A 76 -0.85 -19.46 14.77
N ALA A 77 -1.60 -19.28 15.83
CA ALA A 77 -1.70 -20.34 16.88
C ALA A 77 -3.17 -20.70 17.13
N LYS A 78 -3.69 -21.63 16.37
CA LYS A 78 -5.12 -22.04 16.56
C LYS A 78 -5.23 -23.56 16.56
N MET A 1 -5.10 -8.99 -1.49
CA MET A 1 -5.04 -9.95 -2.62
C MET A 1 -4.57 -11.33 -2.13
N LYS A 2 -5.47 -12.27 -2.03
CA LYS A 2 -5.10 -13.65 -1.56
C LYS A 2 -4.35 -13.58 -0.22
N LYS A 3 -5.04 -13.74 0.87
CA LYS A 3 -4.38 -13.70 2.20
C LYS A 3 -5.11 -14.63 3.19
N ASP A 4 -4.94 -15.92 3.01
CA ASP A 4 -5.60 -16.92 3.93
C ASP A 4 -7.12 -16.69 3.96
N PRO A 5 -7.83 -17.59 4.61
CA PRO A 5 -9.31 -17.46 4.70
C PRO A 5 -9.69 -16.32 5.65
N ASN A 6 -8.93 -16.13 6.68
CA ASN A 6 -9.24 -15.04 7.66
C ASN A 6 -7.96 -14.61 8.41
N ALA A 7 -6.82 -14.78 7.80
CA ALA A 7 -5.54 -14.38 8.47
C ALA A 7 -5.04 -13.06 7.87
N PRO A 8 -4.40 -12.26 8.70
CA PRO A 8 -3.86 -10.97 8.23
C PRO A 8 -2.49 -11.12 7.59
N LYS A 9 -2.38 -10.80 6.32
CA LYS A 9 -1.07 -10.92 5.62
C LYS A 9 -0.26 -9.64 5.81
N ARG A 10 0.81 -9.49 5.07
CA ARG A 10 1.70 -8.28 5.18
C ARG A 10 0.88 -6.97 5.37
N PRO A 11 1.33 -6.12 6.25
CA PRO A 11 0.60 -4.86 6.52
C PRO A 11 0.76 -3.86 5.36
N PRO A 12 -0.16 -2.93 5.25
CA PRO A 12 -0.10 -1.92 4.18
C PRO A 12 1.01 -0.90 4.44
N SER A 13 1.41 -0.19 3.42
CA SER A 13 2.47 0.84 3.59
C SER A 13 1.94 2.19 3.07
N ALA A 14 2.54 3.28 3.46
CA ALA A 14 2.06 4.61 2.97
C ALA A 14 2.17 4.68 1.45
N PHE A 15 3.33 4.41 0.90
CA PHE A 15 3.49 4.45 -0.59
C PHE A 15 2.52 3.46 -1.24
N PHE A 16 2.32 2.32 -0.63
CA PHE A 16 1.38 1.31 -1.21
C PHE A 16 -0.02 1.90 -1.25
N LEU A 17 -0.35 2.73 -0.29
CA LEU A 17 -1.69 3.38 -0.29
C LEU A 17 -1.74 4.32 -1.50
N PHE A 18 -1.05 5.44 -1.43
CA PHE A 18 -1.01 6.43 -2.56
C PHE A 18 -1.01 5.69 -3.93
N CYS A 19 -0.11 4.75 -4.13
CA CYS A 19 -0.08 4.02 -5.43
C CYS A 19 -1.35 3.18 -5.58
N SER A 20 -1.76 2.50 -4.54
CA SER A 20 -3.00 1.65 -4.63
C SER A 20 -4.20 2.47 -5.13
N GLU A 21 -4.23 3.75 -4.86
CA GLU A 21 -5.38 4.59 -5.34
C GLU A 21 -5.06 5.25 -6.68
N HIS A 22 -3.80 5.41 -7.02
CA HIS A 22 -3.46 6.04 -8.33
C HIS A 22 -2.98 4.96 -9.33
N ARG A 23 -3.27 3.72 -9.07
CA ARG A 23 -2.82 2.63 -10.00
C ARG A 23 -3.80 2.47 -11.18
N PRO A 24 -5.09 2.47 -10.93
CA PRO A 24 -6.06 2.32 -12.04
C PRO A 24 -6.20 3.62 -12.84
N LYS A 25 -5.55 4.69 -12.40
CA LYS A 25 -5.65 5.99 -13.14
C LYS A 25 -4.54 6.06 -14.19
N ILE A 26 -3.37 5.58 -13.87
CA ILE A 26 -2.24 5.62 -14.84
C ILE A 26 -2.47 4.61 -15.98
N LYS A 27 -3.33 3.64 -15.76
CA LYS A 27 -3.62 2.63 -16.83
C LYS A 27 -4.64 3.18 -17.83
N SER A 28 -5.32 4.26 -17.51
CA SER A 28 -6.32 4.84 -18.45
C SER A 28 -5.60 5.61 -19.57
N GLU A 29 -4.70 6.49 -19.21
CA GLU A 29 -3.96 7.28 -20.24
C GLU A 29 -2.71 6.51 -20.73
N HIS A 30 -2.57 5.26 -20.33
CA HIS A 30 -1.40 4.45 -20.77
C HIS A 30 -1.78 2.97 -20.78
N PRO A 31 -2.43 2.55 -21.85
CA PRO A 31 -2.85 1.13 -21.96
C PRO A 31 -1.62 0.23 -22.08
N GLY A 32 -1.48 -0.73 -21.20
CA GLY A 32 -0.31 -1.64 -21.24
C GLY A 32 0.73 -1.19 -20.19
N LEU A 33 0.66 0.04 -19.76
CA LEU A 33 1.65 0.55 -18.74
C LEU A 33 1.72 -0.39 -17.53
N SER A 34 2.73 -1.23 -17.49
CA SER A 34 2.88 -2.18 -16.35
C SER A 34 2.91 -1.43 -15.02
N ILE A 35 3.20 -2.12 -13.94
CA ILE A 35 3.25 -1.45 -12.60
C ILE A 35 4.67 -0.93 -12.30
N GLY A 36 5.51 -0.85 -13.30
CA GLY A 36 6.90 -0.35 -13.06
C GLY A 36 6.98 1.14 -13.43
N ASP A 37 6.54 1.48 -14.62
CA ASP A 37 6.58 2.91 -15.05
C ASP A 37 5.63 3.75 -14.20
N THR A 38 4.43 3.29 -13.99
CA THR A 38 3.46 4.08 -13.16
C THR A 38 3.95 4.11 -11.70
N ALA A 39 4.62 3.07 -11.27
CA ALA A 39 5.15 3.04 -9.88
C ALA A 39 6.36 3.98 -9.79
N LYS A 40 7.07 4.16 -10.88
CA LYS A 40 8.23 5.08 -10.89
C LYS A 40 7.72 6.52 -10.86
N LYS A 41 6.70 6.80 -11.63
CA LYS A 41 6.12 8.17 -11.65
C LYS A 41 5.44 8.46 -10.30
N LEU A 42 4.56 7.58 -9.87
CA LEU A 42 3.85 7.79 -8.57
C LEU A 42 4.84 8.09 -7.44
N GLY A 43 5.85 7.27 -7.28
CA GLY A 43 6.86 7.51 -6.20
C GLY A 43 7.41 8.93 -6.32
N GLU A 44 7.41 9.48 -7.52
CA GLU A 44 7.90 10.87 -7.70
C GLU A 44 6.85 11.84 -7.15
N MET A 45 5.61 11.49 -7.32
CA MET A 45 4.51 12.36 -6.79
C MET A 45 4.32 12.09 -5.30
N TRP A 46 4.37 10.86 -4.89
CA TRP A 46 4.22 10.51 -3.43
C TRP A 46 5.20 11.35 -2.59
N SER A 47 6.45 11.35 -2.96
CA SER A 47 7.46 12.16 -2.22
C SER A 47 7.16 13.66 -2.35
N GLU A 48 6.22 14.04 -3.19
CA GLU A 48 5.87 15.47 -3.36
C GLU A 48 4.56 15.78 -2.63
N GLN A 49 3.78 14.78 -2.28
CA GLN A 49 2.50 15.04 -1.56
C GLN A 49 2.80 15.73 -0.23
N SER A 50 1.97 16.65 0.16
CA SER A 50 2.17 17.34 1.46
C SER A 50 1.41 16.56 2.56
N ALA A 51 0.40 17.14 3.18
CA ALA A 51 -0.36 16.39 4.23
C ALA A 51 -1.73 15.95 3.69
N LYS A 52 -2.10 16.37 2.51
CA LYS A 52 -3.42 15.95 1.93
C LYS A 52 -3.35 14.51 1.44
N ASP A 53 -2.29 14.16 0.77
CA ASP A 53 -2.14 12.76 0.26
C ASP A 53 -0.86 12.14 0.81
N LYS A 54 -0.72 12.11 2.11
CA LYS A 54 0.51 11.51 2.72
C LYS A 54 0.35 11.36 4.24
N GLN A 55 -0.33 12.27 4.87
CA GLN A 55 -0.51 12.19 6.36
C GLN A 55 -1.56 11.13 6.74
N PRO A 56 -2.73 11.20 6.14
CA PRO A 56 -3.80 10.22 6.46
C PRO A 56 -3.49 8.84 5.85
N TYR A 57 -2.52 8.75 4.97
CA TYR A 57 -2.19 7.44 4.33
C TYR A 57 -1.14 6.69 5.14
N GLU A 58 -0.16 7.36 5.68
CA GLU A 58 0.89 6.66 6.48
C GLU A 58 0.32 6.24 7.84
N GLN A 59 -0.67 6.95 8.32
CA GLN A 59 -1.29 6.59 9.64
C GLN A 59 -2.06 5.28 9.49
N LYS A 60 -3.11 5.29 8.70
CA LYS A 60 -3.96 4.06 8.50
C LYS A 60 -3.11 2.79 8.31
N ALA A 61 -1.90 2.91 7.83
CA ALA A 61 -1.05 1.70 7.64
C ALA A 61 -0.12 1.55 8.84
N ALA A 62 0.31 2.65 9.39
CA ALA A 62 1.21 2.59 10.58
C ALA A 62 0.48 1.91 11.75
N LYS A 63 -0.80 2.18 11.88
CA LYS A 63 -1.59 1.55 12.99
C LYS A 63 -2.03 0.12 12.59
N LEU A 64 -1.76 -0.27 11.36
CA LEU A 64 -2.14 -1.65 10.91
C LEU A 64 -0.90 -2.54 10.92
N LYS A 65 0.27 -1.94 10.80
CA LYS A 65 1.53 -2.74 10.83
C LYS A 65 1.82 -3.21 12.25
N GLU A 66 1.81 -2.29 13.18
CA GLU A 66 2.09 -2.66 14.61
C GLU A 66 1.03 -3.64 15.11
N LYS A 67 -0.18 -3.54 14.59
CA LYS A 67 -1.27 -4.46 15.04
C LYS A 67 -1.13 -5.83 14.36
N TYR A 68 -0.47 -5.89 13.23
CA TYR A 68 -0.30 -7.18 12.51
C TYR A 68 0.66 -8.08 13.29
N GLU A 69 1.63 -7.48 13.93
CA GLU A 69 2.62 -8.28 14.73
C GLU A 69 1.92 -8.98 15.90
N LYS A 70 0.89 -8.38 16.43
CA LYS A 70 0.15 -9.02 17.56
C LYS A 70 -1.00 -9.85 16.99
N ASP A 71 -1.57 -9.38 15.91
CA ASP A 71 -2.68 -10.14 15.26
C ASP A 71 -2.16 -11.50 14.78
N ILE A 72 -1.13 -11.46 13.98
CA ILE A 72 -0.52 -12.72 13.45
C ILE A 72 -0.16 -13.68 14.60
N ALA A 73 0.45 -13.18 15.64
CA ALA A 73 0.82 -14.06 16.80
C ALA A 73 -0.45 -14.71 17.40
N ALA A 74 -1.37 -13.89 17.84
CA ALA A 74 -2.64 -14.44 18.43
C ALA A 74 -3.36 -15.31 17.40
N TYR A 75 -3.36 -14.91 16.17
CA TYR A 75 -4.04 -15.71 15.10
C TYR A 75 -3.20 -16.94 14.74
N ARG A 76 -1.93 -16.93 15.06
CA ARG A 76 -1.06 -18.10 14.73
C ARG A 76 -1.57 -19.36 15.45
N ALA A 77 -1.43 -19.40 16.76
CA ALA A 77 -1.90 -20.60 17.53
C ALA A 77 -3.39 -20.84 17.27
N LYS A 78 -4.23 -20.04 17.86
CA LYS A 78 -5.70 -20.21 17.67
C LYS A 78 -6.19 -19.35 16.52
N MET A 1 2.38 -17.64 -0.32
CA MET A 1 1.76 -17.54 1.03
C MET A 1 0.26 -17.79 0.95
N LYS A 2 -0.42 -17.10 0.08
CA LYS A 2 -1.90 -17.27 -0.08
C LYS A 2 -2.60 -17.12 1.28
N LYS A 3 -3.03 -15.93 1.61
CA LYS A 3 -3.72 -15.69 2.91
C LYS A 3 -5.18 -16.15 2.82
N ASP A 4 -5.81 -16.40 3.94
CA ASP A 4 -7.23 -16.84 3.92
C ASP A 4 -8.17 -15.62 3.93
N PRO A 5 -9.45 -15.86 3.76
CA PRO A 5 -10.43 -14.74 3.75
C PRO A 5 -10.59 -14.17 5.17
N ASN A 6 -10.38 -14.99 6.18
CA ASN A 6 -10.54 -14.50 7.58
C ASN A 6 -9.22 -13.87 8.06
N ALA A 7 -8.11 -14.37 7.58
CA ALA A 7 -6.79 -13.82 8.00
C ALA A 7 -6.64 -12.38 7.48
N PRO A 8 -5.73 -11.63 8.08
CA PRO A 8 -5.51 -10.24 7.65
C PRO A 8 -4.64 -10.19 6.40
N LYS A 9 -4.98 -9.34 5.47
CA LYS A 9 -4.20 -9.25 4.20
C LYS A 9 -2.84 -8.59 4.42
N ARG A 10 -2.10 -8.41 3.35
CA ARG A 10 -0.75 -7.76 3.46
C ARG A 10 -0.87 -6.37 4.08
N PRO A 11 0.08 -6.01 4.93
CA PRO A 11 0.03 -4.67 5.57
C PRO A 11 0.51 -3.59 4.59
N PRO A 12 -0.13 -2.44 4.62
CA PRO A 12 0.27 -1.33 3.71
C PRO A 12 1.59 -0.73 4.18
N SER A 13 1.98 0.40 3.64
CA SER A 13 3.26 1.05 4.06
C SER A 13 3.34 2.49 3.58
N ALA A 14 2.26 3.24 3.68
CA ALA A 14 2.25 4.67 3.21
C ALA A 14 2.31 4.70 1.69
N PHE A 15 3.47 4.42 1.11
CA PHE A 15 3.58 4.44 -0.38
C PHE A 15 2.61 3.43 -1.00
N PHE A 16 2.28 2.39 -0.27
CA PHE A 16 1.34 1.36 -0.83
C PHE A 16 -0.07 1.95 -0.97
N LEU A 17 -0.44 2.85 -0.09
CA LEU A 17 -1.78 3.48 -0.22
C LEU A 17 -1.75 4.34 -1.49
N PHE A 18 -1.00 5.42 -1.44
CA PHE A 18 -0.86 6.35 -2.62
C PHE A 18 -0.87 5.55 -3.94
N CYS A 19 0.04 4.64 -4.11
CA CYS A 19 0.07 3.84 -5.38
C CYS A 19 -1.21 3.01 -5.52
N SER A 20 -1.67 2.42 -4.44
CA SER A 20 -2.92 1.59 -4.52
C SER A 20 -4.10 2.42 -5.03
N GLU A 21 -4.14 3.69 -4.72
CA GLU A 21 -5.29 4.53 -5.19
C GLU A 21 -5.00 5.13 -6.57
N HIS A 22 -3.75 5.37 -6.91
CA HIS A 22 -3.44 5.95 -8.26
C HIS A 22 -3.03 4.85 -9.24
N ARG A 23 -3.28 3.60 -8.92
CA ARG A 23 -2.90 2.49 -9.85
C ARG A 23 -3.90 2.37 -11.01
N PRO A 24 -5.19 2.41 -10.73
CA PRO A 24 -6.18 2.31 -11.83
C PRO A 24 -6.23 3.61 -12.65
N LYS A 25 -5.52 4.64 -12.24
CA LYS A 25 -5.55 5.92 -13.00
C LYS A 25 -4.46 5.89 -14.08
N ILE A 26 -3.27 5.45 -13.72
CA ILE A 26 -2.16 5.39 -14.72
C ILE A 26 -2.49 4.34 -15.79
N LYS A 27 -3.32 3.38 -15.47
CA LYS A 27 -3.70 2.34 -16.46
C LYS A 27 -4.67 2.94 -17.50
N SER A 28 -5.38 3.99 -17.13
CA SER A 28 -6.33 4.64 -18.08
C SER A 28 -5.54 5.41 -19.15
N GLU A 29 -4.59 6.20 -18.73
CA GLU A 29 -3.76 6.97 -19.70
C GLU A 29 -2.66 6.07 -20.30
N HIS A 30 -2.59 4.82 -19.88
CA HIS A 30 -1.58 3.88 -20.44
C HIS A 30 -2.17 2.47 -20.42
N PRO A 31 -2.95 2.16 -21.43
CA PRO A 31 -3.59 0.82 -21.51
C PRO A 31 -2.52 -0.27 -21.64
N GLY A 32 -2.24 -0.96 -20.57
CA GLY A 32 -1.20 -2.02 -20.61
C GLY A 32 0.14 -1.40 -20.24
N LEU A 33 0.24 -0.82 -19.07
CA LEU A 33 1.54 -0.25 -18.61
C LEU A 33 2.08 -1.17 -17.50
N SER A 34 3.37 -1.26 -17.31
CA SER A 34 3.88 -2.18 -16.24
C SER A 34 3.76 -1.52 -14.86
N ILE A 35 3.84 -2.29 -13.81
CA ILE A 35 3.72 -1.71 -12.43
C ILE A 35 5.02 -0.99 -12.03
N GLY A 36 6.04 -1.04 -12.86
CA GLY A 36 7.33 -0.37 -12.51
C GLY A 36 7.31 1.08 -13.02
N ASP A 37 6.86 1.27 -14.23
CA ASP A 37 6.81 2.65 -14.81
C ASP A 37 5.81 3.52 -14.04
N THR A 38 4.59 3.06 -13.90
CA THR A 38 3.57 3.86 -13.15
C THR A 38 4.01 4.03 -11.69
N ALA A 39 4.69 3.06 -11.15
CA ALA A 39 5.16 3.15 -9.73
C ALA A 39 6.34 4.11 -9.64
N LYS A 40 7.18 4.13 -10.64
CA LYS A 40 8.35 5.06 -10.63
C LYS A 40 7.82 6.49 -10.67
N LYS A 41 6.87 6.73 -11.54
CA LYS A 41 6.28 8.10 -11.63
C LYS A 41 5.56 8.42 -10.33
N LEU A 42 4.70 7.53 -9.89
CA LEU A 42 3.94 7.74 -8.62
C LEU A 42 4.89 8.14 -7.47
N GLY A 43 5.89 7.33 -7.22
CA GLY A 43 6.86 7.65 -6.11
C GLY A 43 7.37 9.08 -6.27
N GLU A 44 7.44 9.56 -7.49
CA GLU A 44 7.90 10.95 -7.71
C GLU A 44 6.83 11.91 -7.18
N MET A 45 5.58 11.56 -7.34
CA MET A 45 4.48 12.41 -6.85
C MET A 45 4.30 12.20 -5.34
N TRP A 46 4.35 10.96 -4.90
CA TRP A 46 4.20 10.66 -3.43
C TRP A 46 5.16 11.53 -2.61
N SER A 47 6.40 11.63 -3.04
CA SER A 47 7.38 12.48 -2.31
C SER A 47 7.01 13.97 -2.43
N GLU A 48 6.05 14.29 -3.28
CA GLU A 48 5.62 15.70 -3.44
C GLU A 48 4.25 15.91 -2.81
N GLN A 49 3.55 14.84 -2.48
CA GLN A 49 2.20 14.99 -1.84
C GLN A 49 2.33 15.81 -0.56
N SER A 50 1.35 16.62 -0.28
CA SER A 50 1.39 17.44 0.97
C SER A 50 0.68 16.66 2.08
N ALA A 51 0.11 17.34 3.05
CA ALA A 51 -0.59 16.62 4.15
C ALA A 51 -1.98 16.13 3.67
N LYS A 52 -2.40 16.52 2.49
CA LYS A 52 -3.73 16.08 1.97
C LYS A 52 -3.63 14.62 1.52
N ASP A 53 -2.58 14.28 0.83
CA ASP A 53 -2.40 12.87 0.35
C ASP A 53 -1.07 12.32 0.85
N LYS A 54 -0.87 12.30 2.15
CA LYS A 54 0.40 11.78 2.72
C LYS A 54 0.33 11.69 4.25
N GLN A 55 -0.39 12.57 4.89
CA GLN A 55 -0.49 12.52 6.38
C GLN A 55 -1.40 11.36 6.82
N PRO A 56 -2.61 11.31 6.28
CA PRO A 56 -3.54 10.22 6.65
C PRO A 56 -3.11 8.89 6.01
N TYR A 57 -2.11 8.89 5.17
CA TYR A 57 -1.66 7.63 4.51
C TYR A 57 -0.56 6.96 5.34
N GLU A 58 0.23 7.74 6.04
CA GLU A 58 1.32 7.15 6.88
C GLU A 58 0.81 6.86 8.29
N GLN A 59 -0.24 7.53 8.72
CA GLN A 59 -0.80 7.26 10.08
C GLN A 59 -1.86 6.16 10.02
N LYS A 60 -2.21 5.71 8.83
CA LYS A 60 -3.22 4.63 8.70
C LYS A 60 -2.50 3.31 8.43
N ALA A 61 -1.34 3.38 7.83
CA ALA A 61 -0.57 2.13 7.54
C ALA A 61 0.46 1.87 8.65
N ALA A 62 0.89 2.91 9.32
CA ALA A 62 1.90 2.74 10.41
C ALA A 62 1.22 2.40 11.74
N LYS A 63 -0.04 2.74 11.89
CA LYS A 63 -0.75 2.42 13.16
C LYS A 63 -1.57 1.11 13.02
N LEU A 64 -1.68 0.60 11.82
CA LEU A 64 -2.43 -0.67 11.61
C LEU A 64 -1.44 -1.82 11.36
N LYS A 65 -0.24 -1.51 10.93
CA LYS A 65 0.76 -2.58 10.68
C LYS A 65 1.20 -3.20 12.01
N GLU A 66 1.26 -2.40 13.06
CA GLU A 66 1.67 -2.94 14.39
C GLU A 66 0.66 -3.99 14.87
N LYS A 67 -0.59 -3.84 14.49
CA LYS A 67 -1.64 -4.82 14.91
C LYS A 67 -1.57 -6.08 14.04
N TYR A 68 -1.06 -5.98 12.84
CA TYR A 68 -0.94 -7.18 11.95
C TYR A 68 0.10 -8.14 12.50
N GLU A 69 1.16 -7.60 13.05
CA GLU A 69 2.25 -8.44 13.62
C GLU A 69 1.69 -9.33 14.74
N LYS A 70 0.75 -8.82 15.50
CA LYS A 70 0.16 -9.64 16.61
C LYS A 70 -1.02 -10.43 16.05
N ASP A 71 -1.74 -9.84 15.14
CA ASP A 71 -2.91 -10.55 14.52
C ASP A 71 -2.40 -11.79 13.79
N ILE A 72 -1.49 -11.60 12.88
CA ILE A 72 -0.91 -12.75 12.10
C ILE A 72 -0.34 -13.80 13.06
N ALA A 73 0.36 -13.38 14.09
CA ALA A 73 0.96 -14.37 15.04
C ALA A 73 -0.11 -15.32 15.61
N ALA A 74 -1.15 -14.78 16.19
CA ALA A 74 -2.22 -15.64 16.78
C ALA A 74 -2.98 -16.38 15.68
N TYR A 75 -3.12 -15.76 14.53
CA TYR A 75 -3.86 -16.42 13.41
C TYR A 75 -2.93 -17.35 12.61
N ARG A 76 -1.64 -17.31 12.87
CA ARG A 76 -0.70 -18.20 12.13
C ARG A 76 -0.92 -19.66 12.52
N ALA A 77 -0.60 -20.01 13.74
CA ALA A 77 -0.79 -21.42 14.20
C ALA A 77 -1.50 -21.44 15.56
N LYS A 78 -2.74 -21.84 15.58
CA LYS A 78 -3.50 -21.89 16.87
C LYS A 78 -4.46 -23.08 16.86
N MET A 1 8.14 -13.59 -0.63
CA MET A 1 7.76 -14.60 0.40
C MET A 1 6.35 -14.31 0.92
N LYS A 2 5.41 -15.15 0.60
CA LYS A 2 4.01 -14.93 1.09
C LYS A 2 3.76 -15.72 2.37
N LYS A 3 2.61 -15.53 2.98
CA LYS A 3 2.30 -16.27 4.24
C LYS A 3 0.95 -16.98 4.11
N ASP A 4 0.71 -17.63 3.00
CA ASP A 4 -0.58 -18.36 2.78
C ASP A 4 -1.78 -17.41 2.94
N PRO A 5 -2.95 -17.87 2.55
CA PRO A 5 -4.16 -17.02 2.67
C PRO A 5 -4.64 -16.97 4.12
N ASN A 6 -4.56 -18.07 4.82
CA ASN A 6 -5.02 -18.10 6.25
C ASN A 6 -4.22 -17.09 7.09
N ALA A 7 -2.94 -17.02 6.86
CA ALA A 7 -2.09 -16.07 7.63
C ALA A 7 -2.04 -14.71 6.92
N PRO A 8 -1.74 -13.66 7.67
CA PRO A 8 -1.66 -12.32 7.10
C PRO A 8 -0.30 -12.08 6.44
N LYS A 9 -0.17 -11.02 5.69
CA LYS A 9 1.12 -10.72 5.02
C LYS A 9 1.78 -9.48 5.64
N ARG A 10 2.89 -9.05 5.11
CA ARG A 10 3.59 -7.85 5.66
C ARG A 10 2.64 -6.64 5.66
N PRO A 11 2.82 -5.74 6.61
CA PRO A 11 1.96 -4.55 6.69
C PRO A 11 2.29 -3.56 5.57
N PRO A 12 1.33 -2.73 5.21
CA PRO A 12 1.55 -1.74 4.13
C PRO A 12 2.47 -0.62 4.58
N SER A 13 2.70 0.34 3.72
CA SER A 13 3.57 1.50 4.08
C SER A 13 2.94 2.79 3.52
N ALA A 14 3.44 3.93 3.92
CA ALA A 14 2.87 5.23 3.42
C ALA A 14 2.85 5.25 1.88
N PHE A 15 3.88 4.76 1.24
CA PHE A 15 3.92 4.78 -0.26
C PHE A 15 2.98 3.71 -0.84
N PHE A 16 2.62 2.71 -0.06
CA PHE A 16 1.71 1.64 -0.59
C PHE A 16 0.28 2.17 -0.74
N LEU A 17 -0.12 3.10 0.08
CA LEU A 17 -1.49 3.66 -0.07
C LEU A 17 -1.52 4.46 -1.37
N PHE A 18 -0.86 5.61 -1.37
CA PHE A 18 -0.77 6.49 -2.58
C PHE A 18 -0.71 5.66 -3.88
N CYS A 19 0.22 4.73 -3.97
CA CYS A 19 0.31 3.89 -5.21
C CYS A 19 -0.91 2.99 -5.34
N SER A 20 -1.36 2.40 -4.24
CA SER A 20 -2.54 1.50 -4.30
C SER A 20 -3.77 2.24 -4.85
N GLU A 21 -3.81 3.54 -4.73
CA GLU A 21 -4.99 4.31 -5.24
C GLU A 21 -4.68 4.97 -6.59
N HIS A 22 -3.41 5.16 -6.91
CA HIS A 22 -3.06 5.80 -8.22
C HIS A 22 -2.92 4.74 -9.31
N ARG A 23 -2.36 3.60 -8.97
CA ARG A 23 -2.16 2.50 -9.98
C ARG A 23 -3.37 2.31 -10.92
N PRO A 24 -4.57 2.19 -10.36
CA PRO A 24 -5.77 2.02 -11.22
C PRO A 24 -6.06 3.31 -12.00
N LYS A 25 -5.60 4.44 -11.51
CA LYS A 25 -5.82 5.72 -12.23
C LYS A 25 -4.90 5.81 -13.44
N ILE A 26 -3.69 5.33 -13.31
CA ILE A 26 -2.73 5.37 -14.44
C ILE A 26 -3.14 4.37 -15.55
N LYS A 27 -4.08 3.50 -15.26
CA LYS A 27 -4.52 2.51 -16.30
C LYS A 27 -5.47 3.17 -17.32
N SER A 28 -6.08 4.27 -16.96
CA SER A 28 -7.01 4.95 -17.91
C SER A 28 -6.22 5.74 -18.96
N GLU A 29 -5.17 6.42 -18.55
CA GLU A 29 -4.35 7.21 -19.52
C GLU A 29 -3.16 6.40 -20.03
N HIS A 30 -3.08 5.12 -19.70
CA HIS A 30 -1.94 4.28 -20.19
C HIS A 30 -2.39 2.82 -20.28
N PRO A 31 -3.09 2.49 -21.34
CA PRO A 31 -3.57 1.10 -21.53
C PRO A 31 -2.38 0.15 -21.74
N GLY A 32 -2.07 -0.64 -20.74
CA GLY A 32 -0.92 -1.59 -20.87
C GLY A 32 0.17 -1.23 -19.86
N LEU A 33 0.18 0.00 -19.38
CA LEU A 33 1.21 0.45 -18.38
C LEU A 33 1.43 -0.58 -17.27
N SER A 34 2.64 -1.07 -17.16
CA SER A 34 2.97 -2.07 -16.12
C SER A 34 3.30 -1.37 -14.79
N ILE A 35 3.89 -2.07 -13.86
CA ILE A 35 4.23 -1.44 -12.55
C ILE A 35 5.64 -0.83 -12.60
N GLY A 36 6.19 -0.63 -13.77
CA GLY A 36 7.56 -0.04 -13.88
C GLY A 36 7.44 1.48 -14.09
N ASP A 37 6.83 1.88 -15.17
CA ASP A 37 6.68 3.35 -15.44
C ASP A 37 5.78 3.98 -14.38
N THR A 38 4.65 3.39 -14.11
CA THR A 38 3.72 3.95 -13.08
C THR A 38 4.44 4.03 -11.73
N ALA A 39 5.22 3.05 -11.39
CA ALA A 39 5.96 3.07 -10.08
C ALA A 39 6.99 4.19 -10.10
N LYS A 40 7.55 4.47 -11.24
CA LYS A 40 8.58 5.56 -11.35
C LYS A 40 7.90 6.93 -11.33
N LYS A 41 6.68 7.00 -11.81
CA LYS A 41 5.95 8.30 -11.83
C LYS A 41 5.19 8.50 -10.51
N LEU A 42 4.90 7.45 -9.80
CA LEU A 42 4.16 7.59 -8.50
C LEU A 42 5.13 7.94 -7.39
N GLY A 43 6.12 7.11 -7.14
CA GLY A 43 7.12 7.40 -6.07
C GLY A 43 7.68 8.81 -6.25
N GLU A 44 7.71 9.29 -7.47
CA GLU A 44 8.22 10.68 -7.71
C GLU A 44 7.17 11.67 -7.22
N MET A 45 5.92 11.40 -7.49
CA MET A 45 4.83 12.31 -7.03
C MET A 45 4.60 12.13 -5.53
N TRP A 46 4.63 10.90 -5.07
CA TRP A 46 4.44 10.62 -3.60
C TRP A 46 5.38 11.52 -2.77
N SER A 47 6.61 11.64 -3.19
CA SER A 47 7.57 12.50 -2.44
C SER A 47 7.26 13.99 -2.65
N GLU A 48 6.28 14.30 -3.47
CA GLU A 48 5.92 15.73 -3.71
C GLU A 48 4.56 16.05 -3.09
N GLN A 49 3.82 15.06 -2.63
CA GLN A 49 2.50 15.34 -2.02
C GLN A 49 2.71 16.00 -0.65
N SER A 50 1.82 16.87 -0.28
CA SER A 50 1.92 17.54 1.04
C SER A 50 1.11 16.75 2.07
N ALA A 51 0.60 17.40 3.09
CA ALA A 51 -0.21 16.67 4.11
C ALA A 51 -1.58 16.29 3.53
N LYS A 52 -1.94 16.81 2.38
CA LYS A 52 -3.27 16.47 1.78
C LYS A 52 -3.28 15.02 1.30
N ASP A 53 -2.24 14.61 0.61
CA ASP A 53 -2.19 13.20 0.11
C ASP A 53 -0.90 12.52 0.61
N LYS A 54 -0.75 12.45 1.91
CA LYS A 54 0.46 11.81 2.48
C LYS A 54 0.32 11.61 3.99
N GLN A 55 -0.37 12.51 4.66
CA GLN A 55 -0.55 12.37 6.14
C GLN A 55 -1.51 11.21 6.47
N PRO A 56 -2.68 11.21 5.87
CA PRO A 56 -3.67 10.13 6.17
C PRO A 56 -3.27 8.80 5.52
N TYR A 57 -2.22 8.77 4.73
CA TYR A 57 -1.81 7.47 4.10
C TYR A 57 -0.86 6.71 5.02
N GLU A 58 -0.05 7.40 5.76
CA GLU A 58 0.91 6.70 6.70
C GLU A 58 0.16 6.27 7.96
N GLN A 59 -0.96 6.89 8.26
CA GLN A 59 -1.76 6.48 9.47
C GLN A 59 -2.70 5.32 9.10
N LYS A 60 -2.85 5.03 7.83
CA LYS A 60 -3.72 3.90 7.40
C LYS A 60 -2.91 2.60 7.45
N ALA A 61 -1.63 2.71 7.23
CA ALA A 61 -0.74 1.52 7.28
C ALA A 61 -0.07 1.44 8.64
N ALA A 62 0.10 2.58 9.29
CA ALA A 62 0.75 2.59 10.64
C ALA A 62 -0.06 1.71 11.61
N LYS A 63 -1.37 1.79 11.54
CA LYS A 63 -2.20 0.95 12.45
C LYS A 63 -2.09 -0.52 12.01
N LEU A 64 -2.40 -0.77 10.76
CA LEU A 64 -2.31 -2.17 10.21
C LEU A 64 -0.98 -2.83 10.59
N LYS A 65 0.04 -2.03 10.78
CA LYS A 65 1.36 -2.59 11.19
C LYS A 65 1.25 -3.03 12.66
N GLU A 66 0.78 -2.15 13.50
CA GLU A 66 0.63 -2.50 14.95
C GLU A 66 -0.34 -3.67 15.11
N LYS A 67 -1.30 -3.78 14.22
CA LYS A 67 -2.27 -4.91 14.30
C LYS A 67 -1.64 -6.22 13.78
N TYR A 68 -0.60 -6.11 13.00
CA TYR A 68 0.08 -7.34 12.46
C TYR A 68 0.75 -8.08 13.62
N GLU A 69 1.24 -7.35 14.58
CA GLU A 69 1.92 -8.00 15.75
C GLU A 69 0.97 -8.95 16.47
N LYS A 70 -0.26 -8.55 16.68
CA LYS A 70 -1.24 -9.44 17.37
C LYS A 70 -1.81 -10.44 16.37
N ASP A 71 -1.98 -10.01 15.14
CA ASP A 71 -2.50 -10.94 14.08
C ASP A 71 -1.51 -12.07 13.89
N ILE A 72 -0.27 -11.73 13.67
CA ILE A 72 0.78 -12.77 13.48
C ILE A 72 0.95 -13.56 14.78
N ALA A 73 0.77 -12.93 15.91
CA ALA A 73 0.93 -13.64 17.22
C ALA A 73 -0.02 -14.86 17.28
N ALA A 74 -1.26 -14.67 16.91
CA ALA A 74 -2.23 -15.81 16.94
C ALA A 74 -1.91 -16.84 15.86
N TYR A 75 -1.11 -16.47 14.88
CA TYR A 75 -0.72 -17.43 13.81
C TYR A 75 0.73 -17.90 14.01
N ARG A 76 1.45 -17.29 14.93
CA ARG A 76 2.87 -17.71 15.18
C ARG A 76 2.90 -19.07 15.86
N ALA A 77 2.32 -19.18 17.03
CA ALA A 77 2.31 -20.48 17.76
C ALA A 77 1.46 -21.50 17.02
N LYS A 78 0.17 -21.33 17.05
CA LYS A 78 -0.75 -22.29 16.35
C LYS A 78 -0.79 -21.96 14.85
N MET A 1 -8.75 -12.54 0.24
CA MET A 1 -9.69 -13.61 -0.23
C MET A 1 -10.14 -14.48 0.96
N LYS A 2 -9.20 -15.05 1.67
CA LYS A 2 -9.57 -15.90 2.84
C LYS A 2 -9.40 -15.12 4.14
N LYS A 3 -9.59 -13.82 4.09
CA LYS A 3 -9.45 -12.98 5.31
C LYS A 3 -10.82 -12.77 5.96
N ASP A 4 -11.14 -13.56 6.96
CA ASP A 4 -12.47 -13.42 7.64
C ASP A 4 -12.61 -12.00 8.23
N PRO A 5 -13.80 -11.69 8.71
CA PRO A 5 -14.03 -10.34 9.31
C PRO A 5 -13.30 -10.23 10.65
N ASN A 6 -13.11 -11.34 11.33
CA ASN A 6 -12.41 -11.30 12.65
C ASN A 6 -10.90 -11.16 12.44
N ALA A 7 -10.39 -11.70 11.36
CA ALA A 7 -8.92 -11.60 11.08
C ALA A 7 -8.57 -10.17 10.63
N PRO A 8 -7.38 -9.72 10.96
CA PRO A 8 -6.94 -8.38 10.59
C PRO A 8 -6.33 -8.35 9.18
N LYS A 9 -6.77 -7.43 8.34
CA LYS A 9 -6.24 -7.34 6.94
C LYS A 9 -4.70 -7.37 6.92
N ARG A 10 -4.09 -7.34 5.76
CA ARG A 10 -2.60 -7.36 5.69
C ARG A 10 -2.01 -6.00 6.06
N PRO A 11 -0.73 -5.99 6.37
CA PRO A 11 -0.06 -4.71 6.74
C PRO A 11 0.20 -3.87 5.48
N PRO A 12 -0.47 -2.74 5.37
CA PRO A 12 -0.28 -1.87 4.19
C PRO A 12 0.87 -0.90 4.40
N SER A 13 1.37 -0.33 3.33
CA SER A 13 2.49 0.64 3.44
C SER A 13 2.00 2.01 2.94
N ALA A 14 2.65 3.08 3.33
CA ALA A 14 2.22 4.43 2.86
C ALA A 14 2.32 4.51 1.35
N PHE A 15 3.47 4.24 0.78
CA PHE A 15 3.62 4.29 -0.70
C PHE A 15 2.65 3.30 -1.35
N PHE A 16 2.41 2.19 -0.71
CA PHE A 16 1.46 1.19 -1.28
C PHE A 16 0.06 1.77 -1.31
N LEU A 17 -0.26 2.61 -0.36
CA LEU A 17 -1.61 3.25 -0.34
C LEU A 17 -1.67 4.18 -1.56
N PHE A 18 -0.99 5.31 -1.49
CA PHE A 18 -0.95 6.30 -2.63
C PHE A 18 -0.96 5.56 -4.00
N CYS A 19 -0.04 4.64 -4.21
CA CYS A 19 -0.02 3.90 -5.50
C CYS A 19 -1.30 3.07 -5.66
N SER A 20 -1.69 2.37 -4.63
CA SER A 20 -2.93 1.51 -4.72
C SER A 20 -4.14 2.33 -5.19
N GLU A 21 -4.15 3.61 -4.95
CA GLU A 21 -5.32 4.44 -5.38
C GLU A 21 -5.04 5.11 -6.73
N HIS A 22 -3.78 5.32 -7.07
CA HIS A 22 -3.47 5.97 -8.38
C HIS A 22 -3.01 4.91 -9.41
N ARG A 23 -3.28 3.66 -9.16
CA ARG A 23 -2.85 2.59 -10.12
C ARG A 23 -3.89 2.38 -11.24
N PRO A 24 -5.17 2.34 -10.91
CA PRO A 24 -6.18 2.13 -11.97
C PRO A 24 -6.41 3.41 -12.78
N LYS A 25 -5.86 4.52 -12.34
CA LYS A 25 -6.04 5.80 -13.10
C LYS A 25 -5.01 5.89 -14.23
N ILE A 26 -3.84 5.35 -14.02
CA ILE A 26 -2.79 5.39 -15.07
C ILE A 26 -3.08 4.35 -16.16
N LYS A 27 -3.90 3.36 -15.88
CA LYS A 27 -4.22 2.32 -16.89
C LYS A 27 -5.18 2.88 -17.95
N SER A 28 -5.87 3.95 -17.65
CA SER A 28 -6.83 4.54 -18.64
C SER A 28 -6.07 5.29 -19.73
N GLU A 29 -5.05 6.04 -19.35
CA GLU A 29 -4.25 6.80 -20.35
C GLU A 29 -3.01 5.99 -20.80
N HIS A 30 -2.85 4.78 -20.32
CA HIS A 30 -1.67 3.97 -20.72
C HIS A 30 -2.04 2.47 -20.74
N PRO A 31 -2.63 2.03 -21.83
CA PRO A 31 -3.02 0.60 -21.95
C PRO A 31 -1.78 -0.28 -22.02
N GLY A 32 -1.49 -0.99 -20.95
CA GLY A 32 -0.28 -1.87 -20.94
C GLY A 32 0.72 -1.37 -19.90
N LEU A 33 0.62 -0.13 -19.50
CA LEU A 33 1.58 0.46 -18.49
C LEU A 33 1.84 -0.49 -17.32
N SER A 34 3.03 -1.01 -17.25
CA SER A 34 3.40 -1.95 -16.16
C SER A 34 3.65 -1.17 -14.86
N ILE A 35 4.23 -1.80 -13.88
CA ILE A 35 4.51 -1.10 -12.58
C ILE A 35 5.90 -0.45 -12.60
N GLY A 36 6.48 -0.27 -13.77
CA GLY A 36 7.82 0.35 -13.87
C GLY A 36 7.67 1.86 -14.11
N ASP A 37 7.01 2.23 -15.18
CA ASP A 37 6.83 3.68 -15.48
C ASP A 37 5.90 4.32 -14.43
N THR A 38 4.74 3.75 -14.24
CA THR A 38 3.77 4.32 -13.24
C THR A 38 4.44 4.43 -11.86
N ALA A 39 5.16 3.41 -11.46
CA ALA A 39 5.85 3.46 -10.14
C ALA A 39 6.90 4.58 -10.15
N LYS A 40 7.43 4.90 -11.31
CA LYS A 40 8.44 5.98 -11.41
C LYS A 40 7.74 7.35 -11.37
N LYS A 41 6.50 7.41 -11.80
CA LYS A 41 5.76 8.70 -11.77
C LYS A 41 4.96 8.85 -10.47
N LEU A 42 4.60 7.75 -9.86
CA LEU A 42 3.84 7.79 -8.58
C LEU A 42 4.81 8.12 -7.44
N GLY A 43 5.82 7.29 -7.26
CA GLY A 43 6.82 7.55 -6.18
C GLY A 43 7.37 8.97 -6.32
N GLU A 44 7.35 9.52 -7.50
CA GLU A 44 7.82 10.92 -7.70
C GLU A 44 6.79 11.87 -7.10
N MET A 45 5.53 11.57 -7.29
CA MET A 45 4.45 12.45 -6.72
C MET A 45 4.29 12.14 -5.23
N TRP A 46 4.33 10.87 -4.87
CA TRP A 46 4.19 10.49 -3.42
C TRP A 46 5.19 11.30 -2.57
N SER A 47 6.43 11.36 -2.99
CA SER A 47 7.44 12.15 -2.24
C SER A 47 7.13 13.66 -2.32
N GLU A 48 6.15 14.05 -3.10
CA GLU A 48 5.79 15.49 -3.20
C GLU A 48 4.49 15.76 -2.45
N GLN A 49 3.73 14.74 -2.12
CA GLN A 49 2.45 14.97 -1.38
C GLN A 49 2.76 15.62 -0.02
N SER A 50 1.92 16.51 0.41
CA SER A 50 2.14 17.18 1.72
C SER A 50 1.41 16.37 2.82
N ALA A 51 0.45 16.96 3.52
CA ALA A 51 -0.28 16.19 4.57
C ALA A 51 -1.69 15.81 4.09
N LYS A 52 -2.09 16.24 2.92
CA LYS A 52 -3.45 15.89 2.42
C LYS A 52 -3.43 14.47 1.83
N ASP A 53 -2.39 14.15 1.10
CA ASP A 53 -2.29 12.79 0.50
C ASP A 53 -1.02 12.09 0.97
N LYS A 54 -0.84 12.00 2.26
CA LYS A 54 0.38 11.34 2.81
C LYS A 54 0.25 11.09 4.32
N GLN A 55 -0.42 11.97 5.02
CA GLN A 55 -0.59 11.79 6.50
C GLN A 55 -1.61 10.68 6.81
N PRO A 56 -2.80 10.78 6.24
CA PRO A 56 -3.85 9.76 6.50
C PRO A 56 -3.49 8.43 5.83
N TYR A 57 -2.48 8.40 4.99
CA TYR A 57 -2.10 7.12 4.33
C TYR A 57 -0.97 6.44 5.11
N GLU A 58 -0.09 7.22 5.70
CA GLU A 58 1.02 6.61 6.49
C GLU A 58 0.56 6.37 7.93
N GLN A 59 -0.38 7.15 8.41
CA GLN A 59 -0.90 6.93 9.80
C GLN A 59 -1.99 5.86 9.80
N LYS A 60 -2.36 5.34 8.64
CA LYS A 60 -3.39 4.28 8.57
C LYS A 60 -2.72 2.92 8.33
N ALA A 61 -1.53 2.92 7.78
CA ALA A 61 -0.82 1.64 7.53
C ALA A 61 0.28 1.42 8.57
N ALA A 62 0.85 2.48 9.05
CA ALA A 62 1.94 2.37 10.08
C ALA A 62 1.35 1.98 11.44
N LYS A 63 0.20 2.51 11.78
CA LYS A 63 -0.43 2.15 13.10
C LYS A 63 -1.27 0.88 12.97
N LEU A 64 -1.40 0.33 11.79
CA LEU A 64 -2.17 -0.93 11.61
C LEU A 64 -1.22 -2.10 11.35
N LYS A 65 0.01 -1.82 10.95
CA LYS A 65 0.98 -2.92 10.68
C LYS A 65 1.63 -3.39 12.00
N GLU A 66 1.92 -2.47 12.88
CA GLU A 66 2.57 -2.85 14.18
C GLU A 66 1.60 -3.66 15.06
N LYS A 67 0.31 -3.45 14.87
CA LYS A 67 -0.69 -4.20 15.71
C LYS A 67 -1.15 -5.48 15.01
N TYR A 68 -0.92 -5.59 13.72
CA TYR A 68 -1.34 -6.84 12.97
C TYR A 68 -0.36 -7.97 13.28
N GLU A 69 0.88 -7.64 13.46
CA GLU A 69 1.92 -8.69 13.75
C GLU A 69 1.58 -9.45 15.04
N LYS A 70 1.04 -8.78 16.02
CA LYS A 70 0.67 -9.46 17.30
C LYS A 70 -0.73 -10.06 17.14
N ASP A 71 -1.65 -9.26 16.65
CA ASP A 71 -3.05 -9.75 16.43
C ASP A 71 -3.03 -11.06 15.65
N ILE A 72 -2.39 -11.05 14.51
CA ILE A 72 -2.31 -12.28 13.66
C ILE A 72 -1.68 -13.43 14.46
N ALA A 73 -0.82 -13.11 15.40
CA ALA A 73 -0.14 -14.17 16.22
C ALA A 73 -1.18 -15.10 16.87
N ALA A 74 -2.23 -14.55 17.42
CA ALA A 74 -3.27 -15.41 18.07
C ALA A 74 -4.19 -16.02 17.01
N TYR A 75 -4.37 -15.35 15.91
CA TYR A 75 -5.26 -15.88 14.83
C TYR A 75 -4.46 -16.75 13.84
N ARG A 76 -3.16 -16.87 14.01
CA ARG A 76 -2.36 -17.71 13.07
C ARG A 76 -2.51 -19.18 13.42
N ALA A 77 -2.01 -19.60 14.56
CA ALA A 77 -2.11 -21.03 14.96
C ALA A 77 -2.73 -21.15 16.36
N LYS A 78 -3.98 -21.51 16.43
CA LYS A 78 -4.65 -21.65 17.75
C LYS A 78 -4.64 -23.11 18.21
N MET A 1 -3.19 -23.20 4.32
CA MET A 1 -3.07 -21.92 3.58
C MET A 1 -3.04 -20.74 4.55
N LYS A 2 -1.94 -20.01 4.57
CA LYS A 2 -1.83 -18.84 5.50
C LYS A 2 -2.20 -17.55 4.76
N LYS A 3 -2.50 -16.50 5.49
CA LYS A 3 -2.87 -15.20 4.83
C LYS A 3 -4.00 -15.40 3.82
N ASP A 4 -5.14 -15.86 4.26
CA ASP A 4 -6.29 -16.08 3.33
C ASP A 4 -7.54 -16.55 4.10
N PRO A 5 -7.42 -17.68 4.77
CA PRO A 5 -8.56 -18.21 5.55
C PRO A 5 -8.80 -17.37 6.80
N ASN A 6 -9.70 -16.42 6.72
CA ASN A 6 -10.02 -15.54 7.89
C ASN A 6 -8.74 -14.91 8.47
N ALA A 7 -7.75 -14.67 7.64
CA ALA A 7 -6.48 -14.06 8.12
C ALA A 7 -6.44 -12.56 7.77
N PRO A 8 -5.55 -11.84 8.41
CA PRO A 8 -5.42 -10.40 8.12
C PRO A 8 -4.70 -10.15 6.80
N LYS A 9 -5.17 -9.18 6.04
CA LYS A 9 -4.52 -8.90 4.72
C LYS A 9 -3.10 -8.35 4.89
N ARG A 10 -2.39 -8.21 3.81
CA ARG A 10 -0.99 -7.68 3.89
C ARG A 10 -0.98 -6.28 4.53
N PRO A 11 0.07 -5.98 5.28
CA PRO A 11 0.16 -4.67 5.95
C PRO A 11 0.65 -3.59 4.95
N PRO A 12 -0.04 -2.47 4.90
CA PRO A 12 0.38 -1.39 3.98
C PRO A 12 1.65 -0.73 4.50
N SER A 13 2.05 0.38 3.92
CA SER A 13 3.28 1.06 4.40
C SER A 13 3.35 2.50 3.89
N ALA A 14 2.24 3.21 3.89
CA ALA A 14 2.20 4.62 3.38
C ALA A 14 2.34 4.62 1.86
N PHE A 15 3.51 4.32 1.35
CA PHE A 15 3.70 4.32 -0.14
C PHE A 15 2.72 3.35 -0.82
N PHE A 16 2.24 2.36 -0.09
CA PHE A 16 1.30 1.38 -0.71
C PHE A 16 -0.10 1.98 -0.81
N LEU A 17 -0.46 2.86 0.10
CA LEU A 17 -1.82 3.51 0.00
C LEU A 17 -1.84 4.33 -1.28
N PHE A 18 -1.17 5.48 -1.27
CA PHE A 18 -1.09 6.37 -2.49
C PHE A 18 -0.99 5.51 -3.76
N CYS A 19 -0.02 4.64 -3.83
CA CYS A 19 0.12 3.75 -5.03
C CYS A 19 -1.18 2.97 -5.26
N SER A 20 -1.64 2.28 -4.25
CA SER A 20 -2.89 1.46 -4.37
C SER A 20 -4.07 2.32 -4.86
N GLU A 21 -4.11 3.58 -4.50
CA GLU A 21 -5.26 4.42 -4.95
C GLU A 21 -4.97 5.10 -6.30
N HIS A 22 -3.71 5.31 -6.63
CA HIS A 22 -3.38 5.95 -7.94
C HIS A 22 -2.91 4.91 -8.95
N ARG A 23 -3.22 3.65 -8.73
CA ARG A 23 -2.79 2.59 -9.68
C ARG A 23 -3.76 2.45 -10.87
N PRO A 24 -5.06 2.46 -10.61
CA PRO A 24 -6.03 2.34 -11.72
C PRO A 24 -6.16 3.67 -12.49
N LYS A 25 -5.53 4.72 -12.02
CA LYS A 25 -5.62 6.03 -12.73
C LYS A 25 -4.53 6.11 -13.81
N ILE A 26 -3.37 5.57 -13.53
CA ILE A 26 -2.27 5.60 -14.53
C ILE A 26 -2.56 4.62 -15.68
N LYS A 27 -3.49 3.72 -15.49
CA LYS A 27 -3.83 2.74 -16.57
C LYS A 27 -4.77 3.37 -17.61
N SER A 28 -5.36 4.50 -17.30
CA SER A 28 -6.30 5.15 -18.27
C SER A 28 -5.50 5.85 -19.38
N GLU A 29 -4.53 6.64 -19.02
CA GLU A 29 -3.72 7.36 -20.05
C GLU A 29 -2.50 6.52 -20.47
N HIS A 30 -2.39 5.30 -20.00
CA HIS A 30 -1.23 4.45 -20.40
C HIS A 30 -1.67 2.97 -20.43
N PRO A 31 -2.26 2.56 -21.52
CA PRO A 31 -2.72 1.16 -21.65
C PRO A 31 -1.52 0.20 -21.70
N GLY A 32 -1.51 -0.79 -20.83
CA GLY A 32 -0.36 -1.75 -20.81
C GLY A 32 0.67 -1.31 -19.76
N LEU A 33 0.61 -0.07 -19.32
CA LEU A 33 1.60 0.42 -18.30
C LEU A 33 1.59 -0.47 -17.06
N SER A 34 2.49 -1.41 -16.99
CA SER A 34 2.56 -2.31 -15.80
C SER A 34 2.89 -1.49 -14.55
N ILE A 35 3.02 -2.14 -13.42
CA ILE A 35 3.36 -1.39 -12.17
C ILE A 35 4.82 -0.93 -12.18
N GLY A 36 5.61 -1.35 -13.14
CA GLY A 36 7.04 -0.93 -13.20
C GLY A 36 7.12 0.58 -13.38
N ASP A 37 6.71 1.08 -14.52
CA ASP A 37 6.76 2.56 -14.76
C ASP A 37 5.78 3.27 -13.82
N THR A 38 4.63 2.69 -13.60
CA THR A 38 3.63 3.32 -12.68
C THR A 38 4.24 3.48 -11.29
N ALA A 39 5.10 2.58 -10.90
CA ALA A 39 5.74 2.67 -9.55
C ALA A 39 6.81 3.77 -9.55
N LYS A 40 7.36 4.07 -10.70
CA LYS A 40 8.40 5.14 -10.77
C LYS A 40 7.71 6.50 -10.78
N LYS A 41 6.58 6.58 -11.43
CA LYS A 41 5.82 7.85 -11.48
C LYS A 41 5.18 8.10 -10.12
N LEU A 42 4.41 7.16 -9.63
CA LEU A 42 3.75 7.32 -8.29
C LEU A 42 4.73 7.76 -7.21
N GLY A 43 5.85 7.07 -7.09
CA GLY A 43 6.85 7.46 -6.05
C GLY A 43 7.32 8.89 -6.31
N GLU A 44 7.31 9.31 -7.55
CA GLU A 44 7.72 10.71 -7.87
C GLU A 44 6.65 11.67 -7.36
N MET A 45 5.40 11.28 -7.47
CA MET A 45 4.30 12.15 -6.98
C MET A 45 4.14 11.97 -5.47
N TRP A 46 4.18 10.75 -4.99
CA TRP A 46 4.05 10.49 -3.51
C TRP A 46 5.05 11.36 -2.73
N SER A 47 6.31 11.31 -3.11
CA SER A 47 7.34 12.15 -2.41
C SER A 47 7.02 13.64 -2.58
N GLU A 48 6.11 13.98 -3.48
CA GLU A 48 5.76 15.40 -3.68
C GLU A 48 4.43 15.73 -2.98
N GLN A 49 3.69 14.73 -2.55
CA GLN A 49 2.40 15.02 -1.87
C GLN A 49 2.65 15.79 -0.57
N SER A 50 1.80 16.72 -0.25
CA SER A 50 1.97 17.50 0.99
C SER A 50 1.21 16.80 2.14
N ALA A 51 0.19 17.42 2.72
CA ALA A 51 -0.56 16.74 3.81
C ALA A 51 -1.94 16.27 3.32
N LYS A 52 -2.30 16.58 2.10
CA LYS A 52 -3.63 16.13 1.58
C LYS A 52 -3.56 14.66 1.18
N ASP A 53 -2.50 14.26 0.52
CA ASP A 53 -2.35 12.84 0.11
C ASP A 53 -1.05 12.26 0.69
N LYS A 54 -0.94 12.30 1.99
CA LYS A 54 0.29 11.75 2.65
C LYS A 54 0.15 11.71 4.17
N GLN A 55 -0.56 12.64 4.75
CA GLN A 55 -0.73 12.66 6.24
C GLN A 55 -1.61 11.48 6.68
N PRO A 56 -2.81 11.39 6.13
CA PRO A 56 -3.73 10.28 6.51
C PRO A 56 -3.26 8.94 5.90
N TYR A 57 -2.23 8.95 5.09
CA TYR A 57 -1.75 7.68 4.47
C TYR A 57 -0.76 6.97 5.38
N GLU A 58 0.14 7.70 6.00
CA GLU A 58 1.13 7.05 6.92
C GLU A 58 0.49 6.67 8.25
N GLN A 59 -0.59 7.33 8.61
CA GLN A 59 -1.27 6.99 9.91
C GLN A 59 -2.04 5.68 9.76
N LYS A 60 -3.09 5.69 8.98
CA LYS A 60 -3.92 4.44 8.78
C LYS A 60 -3.04 3.22 8.49
N ALA A 61 -1.86 3.41 7.96
CA ALA A 61 -0.97 2.26 7.67
C ALA A 61 -0.10 1.94 8.89
N ALA A 62 0.35 2.97 9.57
CA ALA A 62 1.21 2.74 10.79
C ALA A 62 0.44 1.92 11.82
N LYS A 63 -0.81 2.25 12.07
CA LYS A 63 -1.62 1.48 13.06
C LYS A 63 -2.07 0.13 12.47
N LEU A 64 -1.88 -0.07 11.19
CA LEU A 64 -2.28 -1.37 10.57
C LEU A 64 -1.08 -2.30 10.53
N LYS A 65 0.08 -1.75 10.31
CA LYS A 65 1.32 -2.59 10.27
C LYS A 65 1.65 -3.13 11.66
N GLU A 66 1.75 -2.26 12.63
CA GLU A 66 2.07 -2.70 14.02
C GLU A 66 1.00 -3.68 14.54
N LYS A 67 -0.21 -3.59 14.02
CA LYS A 67 -1.29 -4.50 14.47
C LYS A 67 -1.20 -5.85 13.75
N TYR A 68 -0.62 -5.87 12.58
CA TYR A 68 -0.50 -7.15 11.81
C TYR A 68 0.47 -8.10 12.52
N GLU A 69 1.56 -7.56 12.98
CA GLU A 69 2.58 -8.40 13.69
C GLU A 69 1.95 -9.12 14.88
N LYS A 70 1.00 -8.50 15.53
CA LYS A 70 0.32 -9.14 16.70
C LYS A 70 -0.84 -9.98 16.17
N ASP A 71 -1.49 -9.50 15.14
CA ASP A 71 -2.63 -10.25 14.54
C ASP A 71 -2.10 -11.55 13.95
N ILE A 72 -1.15 -11.47 13.06
CA ILE A 72 -0.58 -12.70 12.44
C ILE A 72 0.04 -13.60 13.51
N ALA A 73 0.58 -13.04 14.55
CA ALA A 73 1.19 -13.87 15.63
C ALA A 73 0.14 -14.74 16.31
N ALA A 74 -0.92 -14.14 16.79
CA ALA A 74 -2.00 -14.93 17.47
C ALA A 74 -2.74 -15.80 16.45
N TYR A 75 -2.77 -15.39 15.22
CA TYR A 75 -3.46 -16.20 14.17
C TYR A 75 -2.52 -17.28 13.64
N ARG A 76 -1.23 -17.12 13.83
CA ARG A 76 -0.27 -18.16 13.32
C ARG A 76 -0.54 -19.51 14.01
N ALA A 77 -0.25 -19.62 15.27
CA ALA A 77 -0.49 -20.90 15.99
C ALA A 77 -1.67 -20.77 16.95
N LYS A 78 -1.87 -19.58 17.47
CA LYS A 78 -3.00 -19.34 18.43
C LYS A 78 -2.97 -20.35 19.59
N MET A 1 6.68 -14.87 4.29
CA MET A 1 6.13 -13.51 4.03
C MET A 1 4.77 -13.63 3.31
N LYS A 2 4.76 -14.23 2.14
CA LYS A 2 3.48 -14.37 1.38
C LYS A 2 2.44 -15.12 2.21
N LYS A 3 1.18 -14.85 1.99
CA LYS A 3 0.11 -15.55 2.76
C LYS A 3 -1.08 -15.85 1.84
N ASP A 4 -1.92 -16.78 2.24
CA ASP A 4 -3.11 -17.13 1.39
C ASP A 4 -4.01 -15.90 1.21
N PRO A 5 -5.00 -16.02 0.35
CA PRO A 5 -5.93 -14.89 0.12
C PRO A 5 -6.83 -14.67 1.33
N ASN A 6 -7.09 -15.71 2.08
CA ASN A 6 -7.96 -15.58 3.29
C ASN A 6 -7.16 -15.06 4.47
N ALA A 7 -5.86 -15.30 4.48
CA ALA A 7 -5.00 -14.82 5.61
C ALA A 7 -4.64 -13.34 5.40
N PRO A 8 -4.27 -12.69 6.48
CA PRO A 8 -3.87 -11.27 6.42
C PRO A 8 -2.42 -11.13 5.95
N LYS A 9 -2.22 -10.76 4.71
CA LYS A 9 -0.84 -10.60 4.18
C LYS A 9 -0.12 -9.43 4.87
N ARG A 10 1.09 -9.13 4.46
CA ARG A 10 1.85 -8.00 5.08
C ARG A 10 1.04 -6.69 4.98
N PRO A 11 1.19 -5.84 5.98
CA PRO A 11 0.45 -4.56 5.98
C PRO A 11 1.08 -3.55 5.00
N PRO A 12 0.37 -2.48 4.74
CA PRO A 12 0.88 -1.44 3.81
C PRO A 12 2.05 -0.69 4.47
N SER A 13 2.38 0.50 3.99
CA SER A 13 3.52 1.26 4.60
C SER A 13 3.61 2.68 4.03
N ALA A 14 2.51 3.41 4.00
CA ALA A 14 2.52 4.81 3.44
C ALA A 14 2.65 4.74 1.92
N PHE A 15 3.80 4.37 1.42
CA PHE A 15 3.98 4.29 -0.07
C PHE A 15 2.97 3.30 -0.66
N PHE A 16 2.52 2.35 0.13
CA PHE A 16 1.53 1.36 -0.39
C PHE A 16 0.17 2.00 -0.54
N LEU A 17 -0.19 2.91 0.34
CA LEU A 17 -1.52 3.60 0.20
C LEU A 17 -1.49 4.37 -1.12
N PHE A 18 -0.81 5.50 -1.14
CA PHE A 18 -0.68 6.35 -2.39
C PHE A 18 -0.63 5.48 -3.66
N CYS A 19 0.28 4.53 -3.72
CA CYS A 19 0.37 3.66 -4.94
C CYS A 19 -0.91 2.82 -5.09
N SER A 20 -1.38 2.25 -4.01
CA SER A 20 -2.61 1.41 -4.09
C SER A 20 -3.79 2.20 -4.65
N GLU A 21 -3.85 3.48 -4.39
CA GLU A 21 -4.98 4.31 -4.91
C GLU A 21 -4.66 4.89 -6.28
N HIS A 22 -3.40 5.07 -6.60
CA HIS A 22 -3.03 5.64 -7.93
C HIS A 22 -2.94 4.54 -8.99
N ARG A 23 -2.45 3.37 -8.61
CA ARG A 23 -2.32 2.24 -9.58
C ARG A 23 -3.53 2.09 -10.52
N PRO A 24 -4.74 2.07 -9.98
CA PRO A 24 -5.94 1.95 -10.85
C PRO A 24 -6.13 3.23 -11.67
N LYS A 25 -5.59 4.33 -11.23
CA LYS A 25 -5.73 5.61 -11.99
C LYS A 25 -4.74 5.61 -13.17
N ILE A 26 -3.56 5.08 -12.97
CA ILE A 26 -2.56 5.03 -14.09
C ILE A 26 -3.00 4.04 -15.16
N LYS A 27 -4.01 3.24 -14.89
CA LYS A 27 -4.49 2.25 -15.91
C LYS A 27 -5.41 2.94 -16.92
N SER A 28 -5.98 4.06 -16.56
CA SER A 28 -6.89 4.78 -17.50
C SER A 28 -6.07 5.48 -18.58
N GLU A 29 -5.04 6.20 -18.19
CA GLU A 29 -4.18 6.91 -19.18
C GLU A 29 -3.11 5.96 -19.75
N HIS A 30 -3.13 4.71 -19.37
CA HIS A 30 -2.12 3.74 -19.91
C HIS A 30 -2.75 2.34 -19.91
N PRO A 31 -3.49 2.04 -20.95
CA PRO A 31 -4.15 0.71 -21.05
C PRO A 31 -3.10 -0.38 -21.16
N GLY A 32 -2.53 -0.77 -20.06
CA GLY A 32 -1.47 -1.83 -20.07
C GLY A 32 -0.17 -1.24 -19.53
N LEU A 33 -0.18 -0.78 -18.30
CA LEU A 33 1.07 -0.24 -17.68
C LEU A 33 1.55 -1.26 -16.64
N SER A 34 2.82 -1.35 -16.37
CA SER A 34 3.30 -2.35 -15.37
C SER A 34 3.69 -1.63 -14.07
N ILE A 35 4.42 -2.29 -13.22
CA ILE A 35 4.84 -1.66 -11.93
C ILE A 35 6.19 -0.95 -12.10
N GLY A 36 6.62 -0.71 -13.32
CA GLY A 36 7.93 -0.04 -13.55
C GLY A 36 7.69 1.46 -13.78
N ASP A 37 7.06 1.79 -14.88
CA ASP A 37 6.79 3.24 -15.18
C ASP A 37 5.86 3.82 -14.11
N THR A 38 4.79 3.14 -13.80
CA THR A 38 3.83 3.66 -12.78
C THR A 38 4.55 3.81 -11.42
N ALA A 39 5.43 2.91 -11.10
CA ALA A 39 6.17 3.01 -9.79
C ALA A 39 7.15 4.18 -9.83
N LYS A 40 7.73 4.43 -10.97
CA LYS A 40 8.71 5.56 -11.09
C LYS A 40 7.95 6.90 -11.06
N LYS A 41 6.76 6.91 -11.60
CA LYS A 41 5.94 8.17 -11.60
C LYS A 41 5.20 8.35 -10.28
N LEU A 42 5.00 7.28 -9.54
CA LEU A 42 4.28 7.38 -8.23
C LEU A 42 5.24 7.81 -7.14
N GLY A 43 6.24 7.01 -6.85
CA GLY A 43 7.22 7.36 -5.78
C GLY A 43 7.76 8.77 -6.00
N GLU A 44 7.83 9.20 -7.23
CA GLU A 44 8.31 10.58 -7.53
C GLU A 44 7.24 11.58 -7.08
N MET A 45 5.99 11.21 -7.25
CA MET A 45 4.88 12.10 -6.82
C MET A 45 4.65 11.96 -5.32
N TRP A 46 4.68 10.75 -4.82
CA TRP A 46 4.47 10.51 -3.34
C TRP A 46 5.42 11.42 -2.53
N SER A 47 6.68 11.45 -2.90
CA SER A 47 7.65 12.33 -2.16
C SER A 47 7.30 13.81 -2.39
N GLU A 48 6.39 14.10 -3.29
CA GLU A 48 6.00 15.51 -3.54
C GLU A 48 4.61 15.80 -2.95
N GLN A 49 3.87 14.78 -2.56
CA GLN A 49 2.52 15.03 -1.97
C GLN A 49 2.66 15.86 -0.70
N SER A 50 1.73 16.73 -0.46
CA SER A 50 1.78 17.56 0.77
C SER A 50 0.99 16.85 1.87
N ALA A 51 0.41 17.56 2.80
CA ALA A 51 -0.38 16.90 3.87
C ALA A 51 -1.75 16.45 3.36
N LYS A 52 -2.10 16.80 2.14
CA LYS A 52 -3.43 16.37 1.59
C LYS A 52 -3.36 14.91 1.14
N ASP A 53 -2.31 14.53 0.46
CA ASP A 53 -2.16 13.13 0.00
C ASP A 53 -0.90 12.50 0.60
N LYS A 54 -0.81 12.50 1.91
CA LYS A 54 0.38 11.91 2.57
C LYS A 54 0.18 11.81 4.09
N GLN A 55 -0.56 12.71 4.67
CA GLN A 55 -0.78 12.66 6.16
C GLN A 55 -1.80 11.56 6.52
N PRO A 56 -2.95 11.56 5.88
CA PRO A 56 -3.97 10.53 6.19
C PRO A 56 -3.57 9.15 5.64
N TYR A 57 -2.55 9.08 4.84
CA TYR A 57 -2.11 7.76 4.27
C TYR A 57 -1.11 7.09 5.22
N GLU A 58 -0.28 7.87 5.88
CA GLU A 58 0.71 7.26 6.81
C GLU A 58 0.03 6.88 8.14
N GLN A 59 -1.09 7.51 8.45
CA GLN A 59 -1.81 7.16 9.71
C GLN A 59 -2.79 6.00 9.47
N LYS A 60 -2.96 5.58 8.24
CA LYS A 60 -3.87 4.44 7.95
C LYS A 60 -3.06 3.16 7.82
N ALA A 61 -1.83 3.29 7.37
CA ALA A 61 -0.95 2.09 7.23
C ALA A 61 -0.14 1.91 8.51
N ALA A 62 0.18 2.99 9.18
CA ALA A 62 0.97 2.89 10.45
C ALA A 62 0.16 2.20 11.54
N LYS A 63 -1.10 2.54 11.70
CA LYS A 63 -1.92 1.88 12.76
C LYS A 63 -2.40 0.49 12.30
N LEU A 64 -2.19 0.16 11.05
CA LEU A 64 -2.62 -1.18 10.54
C LEU A 64 -1.44 -2.14 10.57
N LYS A 65 -0.24 -1.63 10.44
CA LYS A 65 0.97 -2.50 10.47
C LYS A 65 1.21 -3.02 11.89
N GLU A 66 1.18 -2.14 12.86
CA GLU A 66 1.41 -2.56 14.28
C GLU A 66 0.39 -3.62 14.69
N LYS A 67 -0.78 -3.59 14.09
CA LYS A 67 -1.83 -4.59 14.43
C LYS A 67 -1.74 -5.80 13.50
N TYR A 68 -1.23 -5.61 12.31
CA TYR A 68 -1.11 -6.74 11.35
C TYR A 68 -0.11 -7.77 11.89
N GLU A 69 1.11 -7.36 12.12
CA GLU A 69 2.16 -8.29 12.66
C GLU A 69 1.61 -9.12 13.84
N LYS A 70 0.82 -8.49 14.67
CA LYS A 70 0.19 -9.23 15.81
C LYS A 70 -0.86 -10.17 15.22
N ASP A 71 -1.60 -9.66 14.27
CA ASP A 71 -2.65 -10.49 13.60
C ASP A 71 -1.98 -11.68 12.90
N ILE A 72 -1.02 -11.41 12.05
CA ILE A 72 -0.30 -12.51 11.33
C ILE A 72 0.32 -13.48 12.35
N ALA A 73 0.85 -12.96 13.44
CA ALA A 73 1.48 -13.85 14.47
C ALA A 73 0.43 -14.84 14.98
N ALA A 74 -0.77 -14.39 15.22
CA ALA A 74 -1.84 -15.32 15.70
C ALA A 74 -2.45 -16.04 14.51
N TYR A 75 -2.55 -15.38 13.38
CA TYR A 75 -3.13 -16.03 12.17
C TYR A 75 -2.19 -17.11 11.64
N ARG A 76 -0.90 -16.97 11.88
CA ARG A 76 0.07 -17.98 11.39
C ARG A 76 0.13 -19.19 12.33
N ALA A 77 -0.51 -19.12 13.48
CA ALA A 77 -0.49 -20.28 14.43
C ALA A 77 -1.91 -20.83 14.62
N LYS A 78 -2.31 -21.75 13.78
CA LYS A 78 -3.66 -22.34 13.89
C LYS A 78 -3.58 -23.87 13.94
N MET A 1 -3.21 -17.46 -6.22
CA MET A 1 -3.75 -16.53 -5.18
C MET A 1 -2.61 -15.96 -4.35
N LYS A 2 -2.33 -14.69 -4.51
CA LYS A 2 -1.23 -14.05 -3.72
C LYS A 2 -1.80 -13.20 -2.59
N LYS A 3 -1.40 -13.45 -1.37
CA LYS A 3 -1.91 -12.66 -0.21
C LYS A 3 -3.44 -12.66 -0.18
N ASP A 4 -4.03 -13.58 0.52
CA ASP A 4 -5.52 -13.65 0.61
C ASP A 4 -6.03 -12.67 1.68
N PRO A 5 -7.26 -12.24 1.55
CA PRO A 5 -7.83 -11.30 2.54
C PRO A 5 -8.10 -12.01 3.87
N ASN A 6 -8.27 -13.32 3.83
CA ASN A 6 -8.54 -14.08 5.09
C ASN A 6 -7.39 -13.89 6.09
N ALA A 7 -6.16 -13.88 5.61
CA ALA A 7 -5.02 -13.71 6.54
C ALA A 7 -4.43 -12.29 6.41
N PRO A 8 -3.97 -11.75 7.53
CA PRO A 8 -3.37 -10.41 7.51
C PRO A 8 -1.90 -10.47 7.11
N LYS A 9 -1.63 -10.62 5.84
CA LYS A 9 -0.21 -10.70 5.35
C LYS A 9 0.58 -9.45 5.75
N ARG A 10 1.74 -9.26 5.16
CA ARG A 10 2.60 -8.08 5.48
C ARG A 10 1.79 -6.78 5.67
N PRO A 11 2.29 -5.89 6.51
CA PRO A 11 1.58 -4.62 6.78
C PRO A 11 1.64 -3.69 5.57
N PRO A 12 0.65 -2.83 5.45
CA PRO A 12 0.61 -1.87 4.30
C PRO A 12 1.66 -0.77 4.47
N SER A 13 2.19 -0.29 3.38
CA SER A 13 3.21 0.80 3.43
C SER A 13 2.55 2.11 2.99
N ALA A 14 2.98 3.23 3.51
CA ALA A 14 2.36 4.53 3.10
C ALA A 14 2.40 4.68 1.57
N PHE A 15 3.50 4.30 0.96
CA PHE A 15 3.59 4.40 -0.52
C PHE A 15 2.63 3.40 -1.18
N PHE A 16 2.32 2.33 -0.49
CA PHE A 16 1.38 1.31 -1.05
C PHE A 16 -0.03 1.88 -1.13
N LEU A 17 -0.42 2.69 -0.16
CA LEU A 17 -1.77 3.30 -0.20
C LEU A 17 -1.82 4.23 -1.42
N PHE A 18 -1.17 5.37 -1.32
CA PHE A 18 -1.12 6.38 -2.46
C PHE A 18 -1.09 5.65 -3.83
N CYS A 19 -0.18 4.73 -4.02
CA CYS A 19 -0.11 3.99 -5.33
C CYS A 19 -1.42 3.22 -5.55
N SER A 20 -1.89 2.54 -4.55
CA SER A 20 -3.16 1.75 -4.70
C SER A 20 -4.30 2.65 -5.21
N GLU A 21 -4.28 3.91 -4.87
CA GLU A 21 -5.37 4.83 -5.35
C GLU A 21 -5.01 5.45 -6.70
N HIS A 22 -3.75 5.70 -6.96
CA HIS A 22 -3.36 6.30 -8.28
C HIS A 22 -2.95 5.20 -9.28
N ARG A 23 -3.34 3.98 -9.02
CA ARG A 23 -2.98 2.87 -9.96
C ARG A 23 -3.98 2.77 -11.14
N PRO A 24 -5.27 2.87 -10.87
CA PRO A 24 -6.26 2.78 -11.97
C PRO A 24 -6.30 4.10 -12.77
N LYS A 25 -5.62 5.13 -12.32
CA LYS A 25 -5.62 6.42 -13.06
C LYS A 25 -4.55 6.38 -14.16
N ILE A 26 -3.44 5.77 -13.88
CA ILE A 26 -2.34 5.67 -14.90
C ILE A 26 -2.74 4.70 -16.02
N LYS A 27 -3.74 3.87 -15.79
CA LYS A 27 -4.17 2.90 -16.85
C LYS A 27 -5.00 3.61 -17.93
N SER A 28 -5.53 4.77 -17.63
CA SER A 28 -6.35 5.50 -18.65
C SER A 28 -5.44 6.09 -19.73
N GLU A 29 -4.32 6.64 -19.35
CA GLU A 29 -3.38 7.24 -20.35
C GLU A 29 -2.27 6.25 -20.73
N HIS A 30 -2.27 5.06 -20.16
CA HIS A 30 -1.22 4.06 -20.51
C HIS A 30 -1.82 2.64 -20.51
N PRO A 31 -2.36 2.24 -21.64
CA PRO A 31 -2.96 0.88 -21.74
C PRO A 31 -1.87 -0.20 -21.66
N GLY A 32 -1.88 -0.98 -20.63
CA GLY A 32 -0.85 -2.06 -20.49
C GLY A 32 0.24 -1.63 -19.49
N LEU A 33 0.26 -0.37 -19.09
CA LEU A 33 1.31 0.10 -18.13
C LEU A 33 1.41 -0.82 -16.91
N SER A 34 2.49 -1.56 -16.82
CA SER A 34 2.68 -2.49 -15.66
C SER A 34 2.93 -1.68 -14.38
N ILE A 35 3.38 -2.34 -13.34
CA ILE A 35 3.64 -1.60 -12.06
C ILE A 35 5.10 -1.11 -12.01
N GLY A 36 5.78 -1.08 -13.13
CA GLY A 36 7.20 -0.60 -13.15
C GLY A 36 7.22 0.89 -13.46
N ASP A 37 6.79 1.26 -14.64
CA ASP A 37 6.78 2.71 -15.02
C ASP A 37 5.85 3.49 -14.09
N THR A 38 4.68 2.97 -13.83
CA THR A 38 3.71 3.67 -12.93
C THR A 38 4.34 3.82 -11.54
N ALA A 39 5.09 2.85 -11.11
CA ALA A 39 5.74 2.93 -9.77
C ALA A 39 6.80 4.03 -9.77
N LYS A 40 7.40 4.28 -10.91
CA LYS A 40 8.44 5.36 -10.99
C LYS A 40 7.76 6.72 -11.09
N LYS A 41 6.58 6.77 -11.66
CA LYS A 41 5.86 8.07 -11.79
C LYS A 41 5.05 8.36 -10.52
N LEU A 42 4.77 7.35 -9.73
CA LEU A 42 3.99 7.56 -8.48
C LEU A 42 4.94 7.89 -7.32
N GLY A 43 5.97 7.10 -7.14
CA GLY A 43 6.95 7.37 -6.04
C GLY A 43 7.50 8.79 -6.18
N GLU A 44 7.52 9.31 -7.38
CA GLU A 44 8.00 10.71 -7.58
C GLU A 44 6.93 11.66 -7.07
N MET A 45 5.68 11.33 -7.28
CA MET A 45 4.57 12.20 -6.79
C MET A 45 4.36 11.96 -5.30
N TRP A 46 4.40 10.73 -4.85
CA TRP A 46 4.22 10.41 -3.39
C TRP A 46 5.17 11.28 -2.56
N SER A 47 6.43 11.32 -2.91
CA SER A 47 7.41 12.15 -2.15
C SER A 47 7.10 13.65 -2.33
N GLU A 48 6.18 14.00 -3.20
CA GLU A 48 5.83 15.42 -3.40
C GLU A 48 4.49 15.75 -2.72
N GLN A 49 3.72 14.76 -2.37
CA GLN A 49 2.41 15.04 -1.70
C GLN A 49 2.67 15.73 -0.36
N SER A 50 1.83 16.66 0.01
CA SER A 50 2.01 17.36 1.31
C SER A 50 1.22 16.59 2.38
N ALA A 51 0.19 17.17 2.96
CA ALA A 51 -0.61 16.43 3.99
C ALA A 51 -1.96 15.97 3.41
N LYS A 52 -2.28 16.39 2.20
CA LYS A 52 -3.58 15.96 1.60
C LYS A 52 -3.51 14.50 1.16
N ASP A 53 -2.42 14.10 0.54
CA ASP A 53 -2.27 12.69 0.10
C ASP A 53 -0.99 12.09 0.69
N LYS A 54 -0.86 12.10 1.99
CA LYS A 54 0.35 11.53 2.64
C LYS A 54 0.16 11.42 4.15
N GLN A 55 -0.54 12.36 4.75
CA GLN A 55 -0.75 12.31 6.23
C GLN A 55 -1.70 11.16 6.60
N PRO A 56 -2.88 11.14 6.00
CA PRO A 56 -3.85 10.06 6.32
C PRO A 56 -3.42 8.72 5.69
N TYR A 57 -2.37 8.70 4.91
CA TYR A 57 -1.92 7.43 4.28
C TYR A 57 -0.94 6.69 5.20
N GLU A 58 -0.09 7.40 5.87
CA GLU A 58 0.90 6.74 6.79
C GLU A 58 0.25 6.45 8.15
N GLN A 59 -0.79 7.18 8.50
CA GLN A 59 -1.47 6.93 9.81
C GLN A 59 -2.50 5.79 9.65
N LYS A 60 -2.69 5.30 8.45
CA LYS A 60 -3.65 4.18 8.24
C LYS A 60 -2.89 2.86 8.19
N ALA A 61 -1.64 2.91 7.80
CA ALA A 61 -0.80 1.68 7.74
C ALA A 61 0.07 1.58 8.99
N ALA A 62 0.44 2.72 9.53
CA ALA A 62 1.29 2.71 10.77
C ALA A 62 0.51 2.13 11.94
N LYS A 63 -0.76 2.46 12.04
CA LYS A 63 -1.59 1.91 13.15
C LYS A 63 -2.09 0.49 12.81
N LEU A 64 -1.84 0.02 11.60
CA LEU A 64 -2.28 -1.34 11.20
C LEU A 64 -1.09 -2.31 11.26
N LYS A 65 0.11 -1.79 11.17
CA LYS A 65 1.32 -2.66 11.22
C LYS A 65 1.59 -3.10 12.67
N GLU A 66 1.57 -2.17 13.59
CA GLU A 66 1.82 -2.51 15.03
C GLU A 66 0.83 -3.58 15.51
N LYS A 67 -0.34 -3.62 14.93
CA LYS A 67 -1.36 -4.63 15.34
C LYS A 67 -1.27 -5.86 14.42
N TYR A 68 -0.73 -5.71 13.24
CA TYR A 68 -0.63 -6.85 12.29
C TYR A 68 0.34 -7.91 12.86
N GLU A 69 1.52 -7.49 13.22
CA GLU A 69 2.54 -8.45 13.78
C GLU A 69 1.94 -9.25 14.93
N LYS A 70 1.14 -8.62 15.75
CA LYS A 70 0.48 -9.33 16.88
C LYS A 70 -0.65 -10.17 16.31
N ASP A 71 -1.37 -9.61 15.38
CA ASP A 71 -2.49 -10.34 14.72
C ASP A 71 -1.95 -11.61 14.05
N ILE A 72 -0.97 -11.46 13.21
CA ILE A 72 -0.37 -12.64 12.51
C ILE A 72 0.29 -13.57 13.55
N ALA A 73 0.80 -13.02 14.62
CA ALA A 73 1.46 -13.87 15.66
C ALA A 73 0.42 -14.81 16.29
N ALA A 74 -0.74 -14.30 16.63
CA ALA A 74 -1.78 -15.17 17.25
C ALA A 74 -2.57 -15.92 16.16
N TYR A 75 -2.63 -15.36 14.97
CA TYR A 75 -3.36 -16.02 13.87
C TYR A 75 -2.48 -17.12 13.24
N ARG A 76 -1.19 -16.97 13.32
CA ARG A 76 -0.28 -17.99 12.73
C ARG A 76 -0.33 -19.27 13.57
N ALA A 77 0.26 -19.27 14.74
CA ALA A 77 0.26 -20.49 15.60
C ALA A 77 -0.50 -20.20 16.90
N LYS A 78 -1.65 -20.80 17.06
CA LYS A 78 -2.45 -20.58 18.30
C LYS A 78 -2.90 -21.92 18.91
N MET A 1 -6.70 -13.59 -4.95
CA MET A 1 -7.89 -12.71 -4.87
C MET A 1 -8.23 -12.39 -3.41
N LYS A 2 -8.36 -13.40 -2.59
CA LYS A 2 -8.67 -13.17 -1.15
C LYS A 2 -7.41 -13.28 -0.30
N LYS A 3 -7.18 -12.31 0.56
CA LYS A 3 -5.96 -12.34 1.42
C LYS A 3 -6.04 -13.50 2.41
N ASP A 4 -5.70 -14.69 1.99
CA ASP A 4 -5.75 -15.89 2.89
C ASP A 4 -7.15 -16.04 3.51
N PRO A 5 -7.36 -17.10 4.26
CA PRO A 5 -8.68 -17.33 4.88
C PRO A 5 -8.90 -16.35 6.03
N ASN A 6 -9.51 -15.22 5.75
CA ASN A 6 -9.77 -14.19 6.82
C ASN A 6 -8.48 -13.85 7.59
N ALA A 7 -7.35 -14.02 6.97
CA ALA A 7 -6.07 -13.71 7.66
C ALA A 7 -5.48 -12.39 7.14
N PRO A 8 -4.71 -11.71 7.98
CA PRO A 8 -4.10 -10.44 7.58
C PRO A 8 -2.81 -10.66 6.79
N LYS A 9 -2.80 -10.30 5.54
CA LYS A 9 -1.56 -10.47 4.71
C LYS A 9 -0.70 -9.22 4.80
N ARG A 10 0.39 -9.18 4.06
CA ARG A 10 1.33 -8.00 4.09
C ARG A 10 0.55 -6.66 4.13
N PRO A 11 0.75 -5.90 5.20
CA PRO A 11 0.04 -4.60 5.32
C PRO A 11 0.67 -3.54 4.41
N PRO A 12 0.02 -2.39 4.32
CA PRO A 12 0.53 -1.29 3.47
C PRO A 12 1.80 -0.67 4.08
N SER A 13 2.17 0.51 3.66
CA SER A 13 3.39 1.17 4.23
C SER A 13 3.51 2.61 3.74
N ALA A 14 2.46 3.39 3.85
CA ALA A 14 2.47 4.81 3.36
C ALA A 14 2.53 4.83 1.84
N PHE A 15 3.66 4.48 1.27
CA PHE A 15 3.76 4.47 -0.23
C PHE A 15 2.71 3.53 -0.82
N PHE A 16 2.28 2.54 -0.05
CA PHE A 16 1.25 1.60 -0.57
C PHE A 16 -0.10 2.28 -0.66
N LEU A 17 -0.39 3.19 0.25
CA LEU A 17 -1.69 3.92 0.18
C LEU A 17 -1.70 4.72 -1.13
N PHE A 18 -0.96 5.83 -1.15
CA PHE A 18 -0.87 6.69 -2.38
C PHE A 18 -0.92 5.85 -3.67
N CYS A 19 -0.04 4.87 -3.81
CA CYS A 19 -0.07 4.04 -5.05
C CYS A 19 -1.37 3.23 -5.14
N SER A 20 -1.81 2.68 -4.03
CA SER A 20 -3.07 1.86 -4.06
C SER A 20 -4.24 2.68 -4.60
N GLU A 21 -4.24 3.98 -4.38
CA GLU A 21 -5.38 4.80 -4.89
C GLU A 21 -5.08 5.35 -6.29
N HIS A 22 -3.84 5.52 -6.65
CA HIS A 22 -3.51 6.05 -8.03
C HIS A 22 -3.10 4.91 -8.96
N ARG A 23 -3.39 3.68 -8.60
CA ARG A 23 -3.01 2.52 -9.47
C ARG A 23 -4.01 2.34 -10.63
N PRO A 24 -5.31 2.39 -10.35
CA PRO A 24 -6.30 2.21 -11.43
C PRO A 24 -6.39 3.48 -12.31
N LYS A 25 -5.71 4.53 -11.95
CA LYS A 25 -5.75 5.78 -12.77
C LYS A 25 -4.65 5.76 -13.83
N ILE A 26 -3.48 5.28 -13.48
CA ILE A 26 -2.36 5.23 -14.46
C ILE A 26 -2.62 4.15 -15.52
N LYS A 27 -3.44 3.18 -15.20
CA LYS A 27 -3.76 2.11 -16.20
C LYS A 27 -4.80 2.60 -17.20
N SER A 28 -5.53 3.64 -16.87
CA SER A 28 -6.57 4.17 -17.82
C SER A 28 -5.89 4.93 -18.95
N GLU A 29 -4.97 5.81 -18.62
CA GLU A 29 -4.26 6.59 -19.67
C GLU A 29 -3.04 5.81 -20.20
N HIS A 30 -2.89 4.56 -19.80
CA HIS A 30 -1.75 3.74 -20.30
C HIS A 30 -2.15 2.26 -20.24
N PRO A 31 -2.86 1.81 -21.25
CA PRO A 31 -3.30 0.40 -21.29
C PRO A 31 -2.09 -0.52 -21.43
N GLY A 32 -1.76 -1.25 -20.40
CA GLY A 32 -0.58 -2.16 -20.46
C GLY A 32 0.49 -1.67 -19.47
N LEU A 33 0.43 -0.42 -19.07
CA LEU A 33 1.45 0.15 -18.12
C LEU A 33 1.72 -0.80 -16.94
N SER A 34 2.95 -1.24 -16.83
CA SER A 34 3.33 -2.18 -15.73
C SER A 34 3.70 -1.41 -14.46
N ILE A 35 4.12 -2.10 -13.44
CA ILE A 35 4.53 -1.43 -12.18
C ILE A 35 5.95 -0.85 -12.33
N GLY A 36 6.59 -1.06 -13.47
CA GLY A 36 7.96 -0.50 -13.68
C GLY A 36 7.84 0.85 -14.41
N ASP A 37 6.73 1.53 -14.22
CA ASP A 37 6.53 2.85 -14.86
C ASP A 37 5.57 3.68 -13.99
N THR A 38 4.39 3.15 -13.72
CA THR A 38 3.42 3.91 -12.86
C THR A 38 3.96 4.01 -11.43
N ALA A 39 4.65 3.00 -10.98
CA ALA A 39 5.23 3.03 -9.61
C ALA A 39 6.42 3.99 -9.57
N LYS A 40 7.12 4.09 -10.67
CA LYS A 40 8.27 5.04 -10.73
C LYS A 40 7.73 6.46 -10.73
N LYS A 41 6.70 6.70 -11.50
CA LYS A 41 6.09 8.06 -11.56
C LYS A 41 5.45 8.37 -10.21
N LEU A 42 4.62 7.49 -9.72
CA LEU A 42 3.93 7.72 -8.40
C LEU A 42 4.95 8.09 -7.31
N GLY A 43 5.95 7.26 -7.11
CA GLY A 43 6.98 7.56 -6.06
C GLY A 43 7.54 8.97 -6.26
N GLU A 44 7.56 9.43 -7.48
CA GLU A 44 8.07 10.81 -7.75
C GLU A 44 7.03 11.81 -7.23
N MET A 45 5.78 11.46 -7.32
CA MET A 45 4.71 12.37 -6.83
C MET A 45 4.53 12.18 -5.32
N TRP A 46 4.59 10.95 -4.85
CA TRP A 46 4.43 10.67 -3.38
C TRP A 46 5.43 11.54 -2.59
N SER A 47 6.67 11.55 -3.00
CA SER A 47 7.69 12.38 -2.29
C SER A 47 7.37 13.87 -2.44
N GLU A 48 6.42 14.22 -3.28
CA GLU A 48 6.06 15.65 -3.45
C GLU A 48 4.74 15.96 -2.71
N GLN A 49 4.03 14.95 -2.27
CA GLN A 49 2.75 15.21 -1.54
C GLN A 49 3.06 15.94 -0.23
N SER A 50 2.21 16.85 0.15
CA SER A 50 2.43 17.59 1.43
C SER A 50 1.63 16.87 2.54
N ALA A 51 0.61 17.50 3.12
CA ALA A 51 -0.18 16.80 4.18
C ALA A 51 -1.54 16.35 3.63
N LYS A 52 -1.98 16.95 2.55
CA LYS A 52 -3.30 16.56 1.96
C LYS A 52 -3.28 15.09 1.50
N ASP A 53 -2.26 14.71 0.78
CA ASP A 53 -2.18 13.29 0.28
C ASP A 53 -0.92 12.62 0.82
N LYS A 54 -0.79 12.54 2.12
CA LYS A 54 0.41 11.88 2.72
C LYS A 54 0.24 11.71 4.24
N GLN A 55 -0.48 12.59 4.88
CA GLN A 55 -0.68 12.46 6.36
C GLN A 55 -1.69 11.34 6.69
N PRO A 56 -2.85 11.37 6.07
CA PRO A 56 -3.87 10.33 6.34
C PRO A 56 -3.49 8.97 5.74
N TYR A 57 -2.47 8.94 4.89
CA TYR A 57 -2.07 7.64 4.27
C TYR A 57 -1.05 6.93 5.17
N GLU A 58 -0.18 7.67 5.82
CA GLU A 58 0.83 7.02 6.71
C GLU A 58 0.18 6.56 8.01
N GLN A 59 -0.94 7.15 8.37
CA GLN A 59 -1.64 6.74 9.63
C GLN A 59 -2.38 5.42 9.41
N LYS A 60 -3.42 5.45 8.60
CA LYS A 60 -4.21 4.20 8.33
C LYS A 60 -3.31 2.99 8.01
N ALA A 61 -2.13 3.24 7.52
CA ALA A 61 -1.19 2.12 7.21
C ALA A 61 -0.34 1.82 8.44
N ALA A 62 0.06 2.86 9.14
CA ALA A 62 0.90 2.66 10.37
C ALA A 62 0.16 1.79 11.39
N LYS A 63 -1.09 2.11 11.66
CA LYS A 63 -1.88 1.29 12.63
C LYS A 63 -2.27 -0.07 12.02
N LEU A 64 -2.05 -0.24 10.74
CA LEU A 64 -2.40 -1.54 10.09
C LEU A 64 -1.15 -2.43 10.05
N LYS A 65 0.00 -1.82 9.92
CA LYS A 65 1.27 -2.62 9.88
C LYS A 65 1.59 -3.16 11.27
N GLU A 66 1.64 -2.30 12.26
CA GLU A 66 1.96 -2.75 13.65
C GLU A 66 0.90 -3.73 14.14
N LYS A 67 -0.32 -3.59 13.68
CA LYS A 67 -1.41 -4.51 14.10
C LYS A 67 -1.29 -5.87 13.40
N TYR A 68 -0.66 -5.89 12.26
CA TYR A 68 -0.49 -7.19 11.50
C TYR A 68 0.51 -8.08 12.24
N GLU A 69 1.51 -7.50 12.83
CA GLU A 69 2.55 -8.29 13.57
C GLU A 69 1.92 -9.01 14.76
N LYS A 70 0.94 -8.42 15.39
CA LYS A 70 0.27 -9.09 16.56
C LYS A 70 -0.92 -9.92 16.06
N ASP A 71 -1.49 -9.52 14.94
CA ASP A 71 -2.62 -10.28 14.37
C ASP A 71 -2.10 -11.61 13.82
N ILE A 72 -1.11 -11.52 12.97
CA ILE A 72 -0.51 -12.75 12.36
C ILE A 72 0.01 -13.70 13.45
N ALA A 73 0.45 -13.18 14.57
CA ALA A 73 0.96 -14.06 15.66
C ALA A 73 -0.12 -15.00 16.17
N ALA A 74 -1.26 -14.46 16.52
CA ALA A 74 -2.38 -15.32 17.03
C ALA A 74 -3.04 -16.06 15.87
N TYR A 75 -3.14 -15.43 14.73
CA TYR A 75 -3.78 -16.10 13.56
C TYR A 75 -2.87 -17.20 13.01
N ARG A 76 -1.58 -17.11 13.25
CA ARG A 76 -0.65 -18.16 12.74
C ARG A 76 -0.56 -19.35 13.72
N ALA A 77 -1.16 -19.24 14.88
CA ALA A 77 -1.10 -20.37 15.86
C ALA A 77 -2.51 -20.88 16.15
N LYS A 78 -3.26 -20.15 16.94
CA LYS A 78 -4.66 -20.57 17.28
C LYS A 78 -4.68 -21.99 17.84
#